data_3KJS
#
_entry.id   3KJS
#
_cell.length_a   175.620
_cell.length_b   175.620
_cell.length_c   249.905
_cell.angle_alpha   90.00
_cell.angle_beta   90.00
_cell.angle_gamma   90.00
#
_symmetry.space_group_name_H-M   'P 43 21 2'
#
loop_
_entity.id
_entity.type
_entity.pdbx_description
1 polymer 'Dihydrofolate reductase-thymidylate synthase'
2 non-polymer 'ethyl 4-(5-{[(2,4-diaminoquinazolin-6-yl)methyl]amino}-2-methoxyphenoxy)butanoate'
3 non-polymer 'NADP NICOTINAMIDE-ADENINE-DINUCLEOTIDE PHOSPHATE'
4 non-polymer 'SULFATE ION'
5 non-polymer 1,2-ETHANEDIOL
6 water water
#
_entity_poly.entity_id   1
_entity_poly.type   'polypeptide(L)'
_entity_poly.pdbx_seq_one_letter_code
;MSLFKIRMPETVAEGTRLALRAFSLVVAVDERGGIGDGRSIPWNVPEDMKFFRDVTTKLRGKNVKPSPAKRNAVVMGRKT
WDSIPPKFRPLPGRLNVVLSSTLTTQHLLDGLPDEEKRNLHADSIVAVNGGLEQALQLLASPNYTPSIETVYCIGGGSVY
AEALRPPCVHLLQAIYRTTIRASESSCSVFFRVPESGTEAAAGIEWQRETISEELTSANGNETKYYFEKLIPRNREEEQY
LSLVDRIIREGNVKHDRTGVGTLSIFGAQMRFSLRNNRLPLLTTKRVFWRGVCEELLWFLRGETYAKKLSDKGVHIWDDN
GSRAFLDSRGLTEYEEMDLGPVYGFQWRHFGAAYTHHDANYDGQGVDQIKAIVETLKTNPDDRRMLFTAWNPSALPRMAL
PPCHLLAQFYVSNGELSCMLYQRSCDMGLGVPFNIASYALLTILIAKATGLRPGELVHTLGDAHVYSNHVEPCNEQLKRV
PRAFPYLVFRREREFLEDYEEGDMEVIDYAPYPPISMKMAV
;
_entity_poly.pdbx_strand_id   A,B,C,D
#
# COMPACT_ATOMS: atom_id res chain seq x y z
N SER A 2 47.78 -15.71 -13.36
CA SER A 2 47.81 -15.72 -14.85
C SER A 2 47.47 -14.37 -15.47
N LEU A 3 47.96 -14.16 -16.70
CA LEU A 3 48.02 -12.85 -17.34
C LEU A 3 46.68 -12.21 -17.73
N PHE A 4 45.64 -13.03 -17.84
CA PHE A 4 44.33 -12.55 -18.27
C PHE A 4 43.27 -12.62 -17.18
N LYS A 5 43.72 -12.90 -15.95
CA LYS A 5 42.83 -12.97 -14.81
C LYS A 5 42.64 -11.58 -14.20
N ILE A 6 41.69 -11.48 -13.26
CA ILE A 6 41.42 -10.21 -12.59
C ILE A 6 42.02 -10.21 -11.19
N ARG A 7 42.98 -9.32 -10.96
CA ARG A 7 43.66 -9.22 -9.67
C ARG A 7 42.73 -8.59 -8.63
N MET A 8 42.68 -9.21 -7.45
CA MET A 8 41.89 -8.70 -6.34
C MET A 8 42.64 -7.57 -5.63
N PRO A 9 41.91 -6.67 -4.92
CA PRO A 9 42.55 -5.61 -4.16
C PRO A 9 43.40 -6.16 -3.02
N GLU A 10 44.36 -5.37 -2.56
CA GLU A 10 45.22 -5.76 -1.44
C GLU A 10 44.51 -5.70 -0.09
N THR A 11 43.42 -4.93 -0.02
CA THR A 11 42.74 -4.66 1.25
C THR A 11 41.21 -4.76 1.13
N VAL A 12 40.56 -5.17 2.23
CA VAL A 12 39.10 -5.23 2.31
C VAL A 12 38.45 -3.84 2.23
N ALA A 13 37.19 -3.81 1.78
CA ALA A 13 36.41 -2.58 1.69
C ALA A 13 36.23 -1.93 3.07
N GLU A 14 36.21 -0.61 3.08
CA GLU A 14 35.96 0.12 4.30
C GLU A 14 34.59 -0.26 4.86
N GLY A 15 34.55 -0.59 6.13
CA GLY A 15 33.29 -0.86 6.82
C GLY A 15 32.97 -2.33 7.04
N THR A 16 33.57 -3.19 6.21
CA THR A 16 33.35 -4.64 6.27
C THR A 16 33.50 -5.21 7.69
N ARG A 17 32.44 -5.87 8.16
CA ARG A 17 32.40 -6.43 9.51
C ARG A 17 33.16 -7.75 9.60
N LEU A 18 33.45 -8.15 10.84
CA LEU A 18 33.93 -9.51 11.11
C LEU A 18 32.72 -10.44 11.19
N ALA A 19 32.94 -11.72 10.92
CA ALA A 19 31.85 -12.71 10.88
C ALA A 19 31.12 -12.86 12.22
N LEU A 20 29.81 -13.04 12.16
CA LEU A 20 28.96 -13.12 13.34
C LEU A 20 27.93 -14.23 13.20
N ARG A 21 27.83 -15.09 14.21
CA ARG A 21 26.78 -16.11 14.24
C ARG A 21 25.42 -15.48 14.46
N ALA A 22 24.40 -16.06 13.84
CA ALA A 22 23.02 -15.76 14.18
C ALA A 22 22.70 -16.47 15.49
N PHE A 23 21.77 -15.92 16.26
CA PHE A 23 21.43 -16.53 17.55
C PHE A 23 19.95 -16.42 17.84
N SER A 24 19.47 -17.24 18.77
CA SER A 24 18.13 -17.13 19.30
C SER A 24 18.20 -16.65 20.74
N LEU A 25 17.14 -15.97 21.19
CA LEU A 25 17.09 -15.48 22.56
C LEU A 25 16.04 -16.29 23.33
N VAL A 26 16.43 -16.77 24.51
CA VAL A 26 15.49 -17.46 25.40
C VAL A 26 15.41 -16.70 26.72
N VAL A 27 14.18 -16.44 27.17
CA VAL A 27 13.93 -15.57 28.32
C VAL A 27 12.63 -15.97 29.04
N ALA A 28 12.61 -15.77 30.35
CA ALA A 28 11.41 -15.90 31.16
C ALA A 28 11.12 -14.54 31.81
N VAL A 29 9.92 -14.03 31.60
CA VAL A 29 9.52 -12.74 32.15
C VAL A 29 8.24 -12.86 32.97
N ASP A 30 8.04 -11.93 33.91
CA ASP A 30 6.72 -11.76 34.51
C ASP A 30 5.92 -10.78 33.64
N GLU A 31 4.72 -10.43 34.07
CA GLU A 31 3.81 -9.63 33.26
C GLU A 31 4.23 -8.17 33.07
N ARG A 32 5.07 -7.65 33.96
CA ARG A 32 5.62 -6.30 33.82
C ARG A 32 6.99 -6.31 33.15
N GLY A 33 7.38 -7.48 32.62
CA GLY A 33 8.66 -7.66 31.95
C GLY A 33 9.87 -7.86 32.84
N GLY A 34 9.65 -8.19 34.12
CA GLY A 34 10.75 -8.42 35.06
C GLY A 34 11.38 -9.80 34.90
N ILE A 35 12.71 -9.86 35.01
CA ILE A 35 13.43 -11.13 34.81
C ILE A 35 14.24 -11.60 36.02
N GLY A 36 14.49 -10.69 36.96
CA GLY A 36 15.31 -11.00 38.12
C GLY A 36 15.58 -9.81 39.03
N ASP A 37 16.08 -10.11 40.22
CA ASP A 37 16.36 -9.08 41.23
C ASP A 37 17.76 -8.48 41.07
N GLY A 38 18.52 -9.03 40.11
CA GLY A 38 19.92 -8.63 39.89
C GLY A 38 20.91 -9.71 40.27
N ARG A 39 20.43 -10.75 40.97
CA ARG A 39 21.27 -11.87 41.38
C ARG A 39 20.60 -13.23 41.15
N SER A 40 19.27 -13.24 41.04
CA SER A 40 18.50 -14.49 40.87
C SER A 40 17.12 -14.27 40.25
N ILE A 41 16.45 -15.37 39.95
CA ILE A 41 15.08 -15.37 39.44
C ILE A 41 14.11 -15.66 40.61
N PRO A 42 13.22 -14.69 40.92
CA PRO A 42 12.39 -14.74 42.13
C PRO A 42 11.38 -15.89 42.19
N TRP A 43 10.70 -16.17 41.08
CA TRP A 43 9.70 -17.23 41.01
C TRP A 43 10.32 -18.63 40.89
N ASN A 44 9.48 -19.65 41.07
CA ASN A 44 9.88 -21.05 40.91
C ASN A 44 8.85 -21.77 40.05
N VAL A 45 9.18 -21.96 38.78
CA VAL A 45 8.29 -22.57 37.79
C VAL A 45 9.06 -23.67 37.06
N PRO A 46 8.96 -24.92 37.55
CA PRO A 46 9.74 -26.04 37.03
C PRO A 46 9.49 -26.31 35.55
N GLU A 47 8.30 -25.97 35.07
CA GLU A 47 7.94 -26.20 33.67
C GLU A 47 8.73 -25.30 32.72
N ASP A 48 9.07 -24.10 33.19
CA ASP A 48 9.92 -23.21 32.41
C ASP A 48 11.37 -23.73 32.40
N MET A 49 11.83 -24.21 33.54
CA MET A 49 13.15 -24.83 33.63
C MET A 49 13.28 -25.95 32.61
N LYS A 50 12.24 -26.78 32.51
CA LYS A 50 12.22 -27.89 31.57
C LYS A 50 12.24 -27.38 30.13
N PHE A 51 11.40 -26.38 29.85
CA PHE A 51 11.34 -25.79 28.52
C PHE A 51 12.67 -25.19 28.09
N PHE A 52 13.28 -24.43 29.01
CA PHE A 52 14.56 -23.79 28.77
C PHE A 52 15.66 -24.81 28.51
N ARG A 53 15.70 -25.87 29.32
CA ARG A 53 16.63 -26.96 29.11
C ARG A 53 16.41 -27.60 27.73
N ASP A 54 15.17 -27.96 27.42
CA ASP A 54 14.84 -28.65 26.18
C ASP A 54 15.18 -27.86 24.92
N VAL A 55 14.77 -26.59 24.88
CA VAL A 55 14.97 -25.78 23.68
C VAL A 55 16.47 -25.49 23.41
N THR A 56 17.24 -25.30 24.48
CA THR A 56 18.67 -24.97 24.35
C THR A 56 19.54 -26.21 24.08
N THR A 57 19.03 -27.39 24.42
CA THR A 57 19.76 -28.64 24.29
C THR A 57 19.54 -29.33 22.93
N LYS A 58 18.28 -29.42 22.51
CA LYS A 58 17.89 -30.20 21.34
C LYS A 58 18.39 -29.62 20.02
N LEU A 59 18.67 -30.53 19.09
CA LEU A 59 19.18 -30.19 17.77
C LEU A 59 18.08 -30.38 16.72
N ARG A 60 18.30 -29.82 15.55
CA ARG A 60 17.30 -29.85 14.51
C ARG A 60 17.00 -31.25 14.04
N GLY A 61 17.96 -32.14 14.17
CA GLY A 61 17.78 -33.52 13.80
C GLY A 61 16.91 -34.28 14.77
N LYS A 62 16.23 -35.30 14.26
CA LYS A 62 15.33 -36.12 15.07
C LYS A 62 16.09 -37.00 16.06
N ASN A 63 15.73 -36.90 17.33
CA ASN A 63 16.33 -37.71 18.38
C ASN A 63 17.85 -37.83 18.26
N VAL A 64 18.52 -36.71 18.01
CA VAL A 64 19.96 -36.70 17.93
C VAL A 64 20.57 -36.26 19.26
N LYS A 65 21.58 -36.98 19.71
CA LYS A 65 22.16 -36.72 21.00
C LYS A 65 23.30 -35.73 20.90
N PRO A 66 23.25 -34.71 21.71
CA PRO A 66 24.28 -33.67 21.66
C PRO A 66 25.66 -34.21 22.04
N SER A 67 26.65 -33.92 21.20
CA SER A 67 28.02 -34.36 21.43
C SER A 67 28.98 -33.21 21.11
N PRO A 68 30.27 -33.33 21.50
CA PRO A 68 31.28 -32.35 21.07
C PRO A 68 31.28 -32.09 19.55
N ALA A 69 30.88 -33.09 18.78
CA ALA A 69 30.81 -32.99 17.31
C ALA A 69 29.67 -32.09 16.83
N LYS A 70 28.52 -32.19 17.49
CA LYS A 70 27.34 -31.41 17.14
C LYS A 70 26.49 -31.11 18.37
N ARG A 71 26.48 -29.83 18.76
CA ARG A 71 25.73 -29.36 19.94
C ARG A 71 25.34 -27.90 19.78
N ASN A 72 24.56 -27.40 20.74
CA ASN A 72 24.23 -25.98 20.79
C ASN A 72 25.15 -25.25 21.76
N ALA A 73 25.18 -23.93 21.66
CA ALA A 73 25.90 -23.10 22.61
C ALA A 73 24.95 -22.16 23.32
N VAL A 74 25.16 -21.98 24.63
CA VAL A 74 24.43 -21.00 25.41
C VAL A 74 25.38 -19.87 25.78
N VAL A 75 24.96 -18.63 25.52
CA VAL A 75 25.76 -17.47 25.87
C VAL A 75 25.14 -16.77 27.07
N MET A 76 25.92 -16.57 28.12
CA MET A 76 25.41 -15.99 29.36
C MET A 76 26.32 -14.93 29.96
N GLY A 77 25.69 -13.97 30.65
CA GLY A 77 26.42 -13.00 31.46
C GLY A 77 26.99 -13.69 32.68
N ARG A 78 28.06 -13.13 33.24
CA ARG A 78 28.74 -13.74 34.38
C ARG A 78 27.80 -13.91 35.57
N LYS A 79 26.96 -12.92 35.81
CA LYS A 79 26.02 -12.93 36.94
C LYS A 79 25.02 -14.09 36.83
N THR A 80 24.60 -14.40 35.61
CA THR A 80 23.75 -15.54 35.32
C THR A 80 24.48 -16.85 35.60
N TRP A 81 25.78 -16.89 35.29
CA TRP A 81 26.63 -18.03 35.61
C TRP A 81 26.74 -18.21 37.14
N ASP A 82 26.79 -17.09 37.86
CA ASP A 82 26.86 -17.11 39.33
C ASP A 82 25.54 -17.56 39.96
N SER A 83 24.43 -17.26 39.28
CA SER A 83 23.09 -17.62 39.76
C SER A 83 22.81 -19.12 39.62
N ILE A 84 23.49 -19.78 38.69
CA ILE A 84 23.41 -21.23 38.58
C ILE A 84 24.20 -21.81 39.73
N PRO A 85 23.56 -22.64 40.57
CA PRO A 85 24.28 -23.26 41.70
C PRO A 85 25.39 -24.18 41.20
N PRO A 86 26.59 -24.10 41.81
CA PRO A 86 27.82 -24.76 41.34
C PRO A 86 27.67 -26.22 40.89
N LYS A 87 26.72 -26.94 41.48
CA LYS A 87 26.52 -28.36 41.18
C LYS A 87 25.83 -28.63 39.84
N PHE A 88 25.04 -27.66 39.36
CA PHE A 88 24.36 -27.82 38.07
C PHE A 88 25.12 -27.21 36.88
N ARG A 89 26.28 -26.59 37.17
CA ARG A 89 27.12 -26.02 36.11
C ARG A 89 28.40 -26.83 35.86
N PRO A 90 28.84 -26.91 34.59
CA PRO A 90 28.26 -26.26 33.41
C PRO A 90 26.97 -26.96 32.96
N LEU A 91 26.12 -26.22 32.27
CA LEU A 91 24.86 -26.76 31.76
C LEU A 91 25.12 -27.87 30.73
N PRO A 92 24.68 -29.11 31.05
CA PRO A 92 24.96 -30.31 30.26
C PRO A 92 24.48 -30.26 28.81
N GLY A 93 25.22 -30.91 27.93
CA GLY A 93 24.85 -31.04 26.51
C GLY A 93 25.02 -29.79 25.67
N ARG A 94 25.54 -28.73 26.29
CA ARG A 94 25.67 -27.43 25.62
C ARG A 94 27.02 -26.78 25.95
N LEU A 95 27.63 -26.13 24.97
CA LEU A 95 28.82 -25.32 25.23
C LEU A 95 28.41 -24.07 26.01
N ASN A 96 28.94 -23.94 27.22
CA ASN A 96 28.65 -22.80 28.06
C ASN A 96 29.60 -21.63 27.76
N VAL A 97 29.06 -20.55 27.18
CA VAL A 97 29.85 -19.36 26.91
C VAL A 97 29.54 -18.27 27.94
N VAL A 98 30.53 -17.95 28.76
CA VAL A 98 30.36 -16.96 29.82
C VAL A 98 31.03 -15.64 29.41
N LEU A 99 30.32 -14.54 29.58
CA LEU A 99 30.87 -13.21 29.32
C LEU A 99 31.40 -12.61 30.61
N SER A 100 32.70 -12.28 30.62
CA SER A 100 33.35 -11.73 31.81
C SER A 100 34.67 -11.04 31.50
N SER A 101 34.83 -9.83 32.02
CA SER A 101 36.10 -9.11 31.91
C SER A 101 37.08 -9.57 32.99
N THR A 102 36.55 -10.03 34.12
CA THR A 102 37.36 -10.51 35.22
C THR A 102 37.77 -11.97 35.02
N LEU A 103 36.77 -12.84 34.99
CA LEU A 103 36.99 -14.29 35.02
C LEU A 103 37.51 -14.86 33.70
N THR A 104 38.34 -15.89 33.79
CA THR A 104 38.90 -16.58 32.63
C THR A 104 38.39 -18.03 32.56
N THR A 105 38.66 -18.68 31.43
CA THR A 105 38.27 -20.07 31.20
C THR A 105 38.81 -20.99 32.31
N GLN A 106 40.06 -20.77 32.69
CA GLN A 106 40.74 -21.62 33.68
C GLN A 106 40.22 -21.44 35.10
N HIS A 107 39.61 -20.30 35.39
CA HIS A 107 38.92 -20.12 36.67
C HIS A 107 37.59 -20.89 36.63
N LEU A 108 37.69 -22.20 36.88
CA LEU A 108 36.56 -23.11 36.78
C LEU A 108 36.69 -24.30 37.75
N ASP A 123 36.09 -29.72 26.91
CA ASP A 123 35.96 -28.28 26.71
C ASP A 123 34.48 -27.87 26.56
N SER A 124 33.80 -27.71 27.69
CA SER A 124 32.40 -27.35 27.72
C SER A 124 32.16 -25.94 28.25
N ILE A 125 33.24 -25.26 28.63
CA ILE A 125 33.18 -23.89 29.12
C ILE A 125 34.21 -23.03 28.40
N VAL A 126 33.82 -21.79 28.07
CA VAL A 126 34.73 -20.82 27.50
C VAL A 126 34.35 -19.40 27.94
N ALA A 127 35.35 -18.65 28.42
CA ALA A 127 35.16 -17.25 28.81
C ALA A 127 35.39 -16.32 27.63
N VAL A 128 34.65 -15.20 27.61
CA VAL A 128 34.84 -14.17 26.59
C VAL A 128 34.98 -12.79 27.26
N ASN A 129 36.12 -12.14 27.00
CA ASN A 129 36.36 -10.78 27.49
C ASN A 129 35.70 -9.76 26.56
N GLY A 130 34.41 -9.56 26.78
CA GLY A 130 33.60 -8.70 25.91
C GLY A 130 32.15 -9.13 25.95
N GLY A 131 31.31 -8.43 25.20
CA GLY A 131 29.87 -8.68 25.19
C GLY A 131 29.41 -9.80 24.27
N LEU A 132 28.12 -9.80 23.99
CA LEU A 132 27.50 -10.80 23.13
C LEU A 132 28.06 -10.77 21.71
N GLU A 133 28.35 -9.56 21.21
CA GLU A 133 28.95 -9.39 19.89
C GLU A 133 30.24 -10.20 19.74
N GLN A 134 31.09 -10.13 20.76
CA GLN A 134 32.37 -10.85 20.77
C GLN A 134 32.15 -12.35 20.86
N ALA A 135 31.12 -12.76 21.59
CA ALA A 135 30.74 -14.17 21.70
C ALA A 135 30.24 -14.68 20.35
N LEU A 136 29.48 -13.86 19.65
CA LEU A 136 28.93 -14.21 18.34
C LEU A 136 30.03 -14.26 17.27
N GLN A 137 31.06 -13.43 17.44
CA GLN A 137 32.27 -13.48 16.61
C GLN A 137 33.05 -14.77 16.85
N LEU A 138 33.28 -15.10 18.12
CA LEU A 138 34.00 -16.31 18.51
C LEU A 138 33.36 -17.57 17.94
N LEU A 139 32.03 -17.66 18.05
CA LEU A 139 31.32 -18.86 17.60
C LEU A 139 31.22 -18.93 16.07
N ALA A 140 31.60 -17.84 15.40
CA ALA A 140 31.68 -17.81 13.94
C ALA A 140 33.06 -18.27 13.42
N SER A 141 33.99 -18.48 14.34
CA SER A 141 35.31 -19.05 14.01
C SER A 141 35.15 -20.45 13.41
N PRO A 142 36.06 -20.83 12.50
CA PRO A 142 36.08 -22.17 11.91
C PRO A 142 36.21 -23.30 12.94
N ASN A 143 36.68 -22.96 14.13
CA ASN A 143 36.78 -23.92 15.23
C ASN A 143 35.42 -24.30 15.83
N TYR A 144 34.44 -23.42 15.64
CA TYR A 144 33.13 -23.58 16.29
C TYR A 144 31.98 -23.84 15.32
N THR A 145 32.08 -23.37 14.09
CA THR A 145 30.99 -23.47 13.11
C THR A 145 30.57 -24.89 12.67
N PRO A 146 31.49 -25.86 12.65
CA PRO A 146 31.00 -27.21 12.32
C PRO A 146 30.29 -27.89 13.49
N SER A 147 30.72 -27.58 14.71
CA SER A 147 30.24 -28.27 15.90
C SER A 147 29.06 -27.58 16.60
N ILE A 148 28.90 -26.27 16.38
CA ILE A 148 27.85 -25.51 17.04
C ILE A 148 26.69 -25.15 16.09
N GLU A 149 25.58 -25.86 16.28
CA GLU A 149 24.43 -25.76 15.41
C GLU A 149 23.63 -24.46 15.64
N THR A 150 23.18 -24.25 16.86
CA THR A 150 22.43 -23.05 17.23
C THR A 150 23.01 -22.37 18.45
N VAL A 151 23.04 -21.03 18.42
CA VAL A 151 23.51 -20.23 19.52
C VAL A 151 22.31 -19.66 20.28
N TYR A 152 22.28 -19.85 21.59
CA TYR A 152 21.20 -19.30 22.40
C TYR A 152 21.69 -18.25 23.37
N CYS A 153 21.09 -17.08 23.31
CA CYS A 153 21.30 -16.06 24.31
C CYS A 153 20.36 -16.35 25.48
N ILE A 154 20.94 -16.81 26.58
CA ILE A 154 20.15 -17.27 27.72
C ILE A 154 20.15 -16.24 28.85
N GLY A 155 20.77 -15.10 28.67
CA GLY A 155 20.74 -14.06 29.69
C GLY A 155 22.06 -13.57 30.27
N GLY A 156 22.07 -12.59 31.15
CA GLY A 156 20.91 -11.93 31.68
C GLY A 156 20.63 -10.55 31.16
N GLY A 157 20.30 -9.63 32.00
CA GLY A 157 19.76 -8.37 31.54
C GLY A 157 20.59 -7.56 30.58
N SER A 158 21.87 -7.46 30.85
CA SER A 158 22.84 -6.68 30.08
C SER A 158 23.14 -7.36 28.75
N VAL A 159 22.95 -8.68 28.72
CA VAL A 159 23.13 -9.46 27.50
C VAL A 159 21.91 -9.31 26.60
N TYR A 160 20.72 -9.37 27.20
CA TYR A 160 19.46 -9.16 26.47
C TYR A 160 19.41 -7.75 25.89
N ALA A 161 19.81 -6.76 26.67
CA ALA A 161 19.86 -5.36 26.22
C ALA A 161 20.76 -5.22 25.00
N GLU A 162 21.92 -5.89 25.05
CA GLU A 162 22.85 -5.89 23.94
C GLU A 162 22.26 -6.65 22.75
N ALA A 163 21.52 -7.72 23.03
CA ALA A 163 20.90 -8.54 22.00
C ALA A 163 19.82 -7.78 21.21
N LEU A 164 19.19 -6.82 21.87
CA LEU A 164 18.11 -6.04 21.26
C LEU A 164 18.62 -4.80 20.57
N ARG A 165 19.94 -4.72 20.42
CA ARG A 165 20.62 -3.53 19.97
C ARG A 165 21.48 -3.88 18.76
N PRO A 166 21.56 -2.98 17.76
CA PRO A 166 22.50 -3.17 16.65
C PRO A 166 23.94 -3.19 17.17
N PRO A 167 24.79 -4.08 16.62
CA PRO A 167 24.54 -4.98 15.49
C PRO A 167 23.85 -6.31 15.81
N CYS A 168 23.85 -6.72 17.07
CA CYS A 168 23.36 -8.04 17.46
C CYS A 168 21.89 -8.31 17.09
N VAL A 169 21.05 -7.27 17.16
CA VAL A 169 19.61 -7.42 16.97
C VAL A 169 19.24 -7.93 15.56
N HIS A 170 20.07 -7.59 14.58
CA HIS A 170 19.84 -8.02 13.20
C HIS A 170 20.18 -9.50 12.98
N LEU A 171 20.91 -10.08 13.93
CA LEU A 171 21.29 -11.49 13.87
C LEU A 171 20.35 -12.40 14.64
N LEU A 172 19.38 -11.79 15.33
CA LEU A 172 18.44 -12.53 16.16
C LEU A 172 17.41 -13.30 15.31
N GLN A 173 17.49 -14.63 15.35
CA GLN A 173 16.60 -15.51 14.59
C GLN A 173 15.20 -15.56 15.17
N ALA A 174 15.12 -15.61 16.51
CA ALA A 174 13.89 -15.91 17.21
C ALA A 174 14.02 -15.57 18.67
N ILE A 175 12.89 -15.23 19.29
CA ILE A 175 12.80 -15.07 20.72
C ILE A 175 11.84 -16.11 21.26
N TYR A 176 12.32 -16.91 22.20
CA TYR A 176 11.46 -17.84 22.93
C TYR A 176 11.20 -17.20 24.28
N ARG A 177 10.00 -16.68 24.46
CA ARG A 177 9.66 -15.99 25.69
C ARG A 177 8.63 -16.77 26.50
N THR A 178 8.98 -17.04 27.75
CA THR A 178 8.04 -17.56 28.72
C THR A 178 7.47 -16.40 29.53
N THR A 179 6.15 -16.34 29.64
CA THR A 179 5.50 -15.37 30.51
C THR A 179 4.95 -16.05 31.75
N ILE A 180 5.45 -15.59 32.90
CA ILE A 180 5.00 -16.07 34.20
C ILE A 180 4.01 -15.05 34.73
N ARG A 181 2.79 -15.52 35.04
CA ARG A 181 1.72 -14.65 35.52
C ARG A 181 1.84 -14.41 37.02
N ALA A 182 2.83 -13.61 37.39
CA ALA A 182 3.14 -13.32 38.77
C ALA A 182 3.53 -11.84 38.90
N SER A 183 3.23 -11.26 40.06
CA SER A 183 3.66 -9.90 40.36
C SER A 183 4.80 -9.98 41.36
N GLU A 184 5.95 -9.47 40.98
CA GLU A 184 7.18 -9.64 41.75
C GLU A 184 7.93 -8.31 41.90
N SER A 185 7.52 -7.54 42.91
CA SER A 185 8.09 -6.21 43.16
C SER A 185 9.62 -6.21 43.42
N SER A 186 10.19 -7.39 43.56
CA SER A 186 11.64 -7.53 43.77
C SER A 186 12.45 -7.47 42.48
N CYS A 187 11.76 -7.56 41.33
CA CYS A 187 12.39 -7.47 40.01
C CYS A 187 12.91 -6.06 39.75
N SER A 188 14.23 -5.95 39.60
CA SER A 188 14.89 -4.68 39.30
C SER A 188 15.51 -4.69 37.90
N VAL A 189 15.49 -5.84 37.24
CA VAL A 189 15.99 -6.00 35.88
C VAL A 189 14.84 -6.38 34.97
N PHE A 190 14.77 -5.77 33.79
CA PHE A 190 13.62 -5.92 32.90
C PHE A 190 13.97 -6.30 31.46
N PHE A 191 12.95 -6.76 30.71
CA PHE A 191 13.08 -7.13 29.31
C PHE A 191 11.75 -7.00 28.57
N ARG A 192 11.76 -6.21 27.49
CA ARG A 192 10.57 -6.01 26.64
C ARG A 192 10.95 -6.21 25.18
N VAL A 193 10.14 -6.99 24.47
CA VAL A 193 10.27 -7.11 23.02
C VAL A 193 9.52 -5.94 22.40
N PRO A 194 10.24 -5.08 21.65
CA PRO A 194 9.59 -3.90 21.07
C PRO A 194 8.59 -4.30 20.00
N GLU A 195 7.41 -3.70 20.04
CA GLU A 195 6.34 -4.04 19.11
C GLU A 195 6.58 -3.49 17.71
N SER A 196 6.05 -4.19 16.72
CA SER A 196 6.20 -3.81 15.31
C SER A 196 5.77 -2.37 15.06
N GLY A 197 6.63 -1.63 14.37
CA GLY A 197 6.34 -0.24 14.02
C GLY A 197 6.85 0.79 15.00
N THR A 198 7.14 0.36 16.23
CA THR A 198 7.62 1.29 17.26
C THR A 198 9.05 1.70 17.00
N GLU A 199 9.43 2.82 17.61
CA GLU A 199 10.75 3.41 17.44
C GLU A 199 11.83 2.46 17.98
N ALA A 200 11.61 1.89 19.16
CA ALA A 200 12.54 0.94 19.78
C ALA A 200 12.74 -0.36 18.99
N ALA A 201 11.81 -0.66 18.08
CA ALA A 201 11.88 -1.90 17.28
C ALA A 201 12.99 -1.84 16.23
N ALA A 202 13.48 -0.63 15.95
CA ALA A 202 14.60 -0.39 15.04
C ALA A 202 14.42 -1.05 13.67
N GLY A 203 13.21 -0.97 13.13
CA GLY A 203 12.92 -1.46 11.79
C GLY A 203 12.61 -2.94 11.68
N ILE A 204 12.74 -3.65 12.79
CA ILE A 204 12.41 -5.07 12.83
C ILE A 204 10.95 -5.26 13.20
N GLU A 205 10.27 -6.15 12.47
CA GLU A 205 8.86 -6.43 12.70
C GLU A 205 8.68 -7.78 13.39
N TRP A 206 8.57 -7.72 14.71
CA TRP A 206 8.38 -8.92 15.52
C TRP A 206 6.98 -9.48 15.38
N GLN A 207 6.90 -10.78 15.17
CA GLN A 207 5.64 -11.48 14.94
C GLN A 207 5.55 -12.68 15.87
N ARG A 208 4.34 -12.95 16.35
CA ARG A 208 4.06 -14.15 17.09
C ARG A 208 3.94 -15.31 16.09
N GLU A 209 4.80 -16.30 16.22
CA GLU A 209 4.69 -17.50 15.38
C GLU A 209 3.80 -18.52 16.07
N THR A 210 4.08 -18.78 17.34
CA THR A 210 3.28 -19.70 18.14
C THR A 210 3.04 -19.14 19.54
N ILE A 211 1.89 -19.51 20.11
CA ILE A 211 1.59 -19.24 21.51
C ILE A 211 0.97 -20.49 22.11
N SER A 212 1.43 -20.90 23.28
CA SER A 212 0.85 -22.06 23.96
C SER A 212 -0.47 -21.65 24.60
N GLU A 213 -1.26 -22.63 25.01
CA GLU A 213 -2.41 -22.36 25.85
C GLU A 213 -1.89 -21.92 27.22
N GLU A 214 -2.71 -21.17 27.96
CA GLU A 214 -2.34 -20.78 29.30
C GLU A 214 -2.32 -22.01 30.20
N LEU A 215 -1.19 -22.24 30.85
CA LEU A 215 -0.99 -23.43 31.67
C LEU A 215 -0.79 -23.06 33.13
N THR A 216 -0.94 -24.05 34.01
CA THR A 216 -0.75 -23.84 35.45
C THR A 216 0.45 -24.65 35.92
N SER A 217 1.32 -24.00 36.70
CA SER A 217 2.49 -24.67 37.26
C SER A 217 2.11 -25.58 38.44
N ALA A 218 2.84 -26.68 38.57
CA ALA A 218 2.67 -27.60 39.68
C ALA A 218 3.70 -27.27 40.76
N ASN A 219 3.90 -25.97 40.98
CA ASN A 219 4.90 -25.51 41.94
C ASN A 219 4.31 -25.34 43.33
N GLY A 220 3.00 -25.52 43.43
CA GLY A 220 2.29 -25.40 44.70
C GLY A 220 1.65 -24.05 44.92
N ASN A 221 1.87 -23.12 43.99
CA ASN A 221 1.32 -21.77 44.05
C ASN A 221 0.31 -21.55 42.94
N GLU A 222 0.16 -22.56 42.08
CA GLU A 222 -0.76 -22.52 40.95
C GLU A 222 -0.52 -21.33 40.01
N THR A 223 0.76 -21.01 39.83
CA THR A 223 1.22 -19.93 38.96
C THR A 223 0.89 -20.23 37.51
N LYS A 224 0.20 -19.28 36.88
CA LYS A 224 -0.14 -19.41 35.48
C LYS A 224 1.01 -18.94 34.61
N TYR A 225 1.19 -19.59 33.48
CA TYR A 225 2.31 -19.32 32.58
C TYR A 225 1.95 -19.75 31.16
N TYR A 226 2.64 -19.20 30.18
CA TYR A 226 2.51 -19.62 28.80
C TYR A 226 3.80 -19.34 28.04
N PHE A 227 3.96 -19.99 26.89
CA PHE A 227 5.13 -19.81 26.05
C PHE A 227 4.73 -19.13 24.76
N GLU A 228 5.63 -18.32 24.23
CA GLU A 228 5.49 -17.87 22.85
C GLU A 228 6.82 -17.83 22.10
N LYS A 229 6.73 -18.06 20.80
CA LYS A 229 7.87 -17.91 19.92
C LYS A 229 7.63 -16.70 19.04
N LEU A 230 8.58 -15.76 19.09
CA LEU A 230 8.54 -14.57 18.26
C LEU A 230 9.64 -14.61 17.20
N ILE A 231 9.31 -14.19 15.99
CA ILE A 231 10.30 -14.16 14.91
C ILE A 231 10.32 -12.80 14.20
N PRO A 232 11.48 -12.45 13.63
CA PRO A 232 11.53 -11.24 12.83
C PRO A 232 10.94 -11.51 11.45
N ARG A 233 10.01 -10.67 11.02
CA ARG A 233 9.39 -10.82 9.73
C ARG A 233 10.42 -10.75 8.60
N ASN A 234 10.47 -11.77 7.74
CA ASN A 234 11.33 -11.73 6.56
C ASN A 234 10.54 -11.21 5.36
N ARG A 235 10.48 -9.88 5.25
CA ARG A 235 9.72 -9.20 4.20
C ARG A 235 10.14 -9.61 2.80
N GLU A 236 11.44 -9.81 2.62
CA GLU A 236 12.02 -10.13 1.31
C GLU A 236 11.56 -11.48 0.77
N GLU A 237 11.51 -12.50 1.64
CA GLU A 237 10.95 -13.79 1.23
C GLU A 237 9.42 -13.74 1.07
N GLU A 238 8.75 -12.96 1.91
CA GLU A 238 7.30 -12.75 1.77
C GLU A 238 6.96 -12.18 0.39
N GLN A 239 7.87 -11.35 -0.12
CA GLN A 239 7.75 -10.74 -1.44
C GLN A 239 7.78 -11.82 -2.55
N TYR A 240 8.67 -12.80 -2.39
CA TYR A 240 8.74 -13.96 -3.27
C TYR A 240 7.46 -14.79 -3.19
N LEU A 241 6.99 -15.07 -1.98
CA LEU A 241 5.78 -15.87 -1.78
C LEU A 241 4.51 -15.16 -2.28
N SER A 242 4.48 -13.84 -2.15
CA SER A 242 3.36 -13.06 -2.69
C SER A 242 3.29 -13.13 -4.21
N LEU A 243 4.46 -13.16 -4.84
CA LEU A 243 4.53 -13.29 -6.28
C LEU A 243 4.07 -14.68 -6.71
N VAL A 244 4.59 -15.72 -6.04
CA VAL A 244 4.15 -17.09 -6.33
C VAL A 244 2.64 -17.19 -6.20
N ASP A 245 2.10 -16.69 -5.09
CA ASP A 245 0.67 -16.68 -4.82
C ASP A 245 -0.13 -15.90 -5.86
N ARG A 246 0.42 -14.77 -6.31
CA ARG A 246 -0.23 -13.97 -7.35
C ARG A 246 -0.31 -14.75 -8.68
N ILE A 247 0.80 -15.39 -9.05
CA ILE A 247 0.87 -16.19 -10.27
C ILE A 247 -0.18 -17.31 -10.26
N ILE A 248 -0.31 -17.98 -9.12
CA ILE A 248 -1.30 -19.05 -8.96
C ILE A 248 -2.73 -18.51 -9.06
N ARG A 249 -2.98 -17.38 -8.40
CA ARG A 249 -4.32 -16.79 -8.35
C ARG A 249 -4.71 -16.09 -9.65
N GLU A 250 -3.73 -15.50 -10.35
CA GLU A 250 -4.01 -14.53 -11.41
C GLU A 250 -3.27 -14.79 -12.72
N GLY A 251 -2.33 -15.74 -12.70
CA GLY A 251 -1.56 -16.07 -13.89
C GLY A 251 -2.39 -16.73 -14.98
N ASN A 252 -2.02 -16.45 -16.23
CA ASN A 252 -2.62 -17.10 -17.38
C ASN A 252 -1.99 -18.47 -17.60
N VAL A 253 -2.77 -19.39 -18.16
CA VAL A 253 -2.28 -20.71 -18.52
C VAL A 253 -1.45 -20.61 -19.79
N LYS A 254 -0.23 -21.13 -19.72
CA LYS A 254 0.66 -21.22 -20.87
C LYS A 254 1.32 -22.59 -20.92
N HIS A 255 1.93 -22.93 -22.05
CA HIS A 255 2.62 -24.21 -22.18
C HIS A 255 4.06 -23.98 -22.62
N ASP A 256 4.97 -24.81 -22.11
CA ASP A 256 6.39 -24.67 -22.41
C ASP A 256 6.80 -25.47 -23.65
N ARG A 257 8.12 -25.61 -23.85
CA ARG A 257 8.66 -26.28 -25.03
C ARG A 257 8.39 -27.78 -25.07
N THR A 258 8.04 -28.37 -23.93
CA THR A 258 7.66 -29.80 -23.90
C THR A 258 6.16 -29.99 -23.67
N GLY A 259 5.40 -28.91 -23.84
CA GLY A 259 3.94 -28.95 -23.77
C GLY A 259 3.35 -29.05 -22.38
N VAL A 260 4.18 -28.76 -21.37
CA VAL A 260 3.72 -28.82 -19.97
C VAL A 260 3.08 -27.49 -19.57
N GLY A 261 1.91 -27.56 -18.95
CA GLY A 261 1.18 -26.38 -18.50
C GLY A 261 1.89 -25.59 -17.41
N THR A 262 1.85 -24.26 -17.54
CA THR A 262 2.31 -23.36 -16.49
C THR A 262 1.26 -22.29 -16.24
N LEU A 263 1.32 -21.67 -15.06
CA LEU A 263 0.58 -20.45 -14.79
C LEU A 263 1.61 -19.32 -14.86
N SER A 264 1.28 -18.25 -15.57
CA SER A 264 2.28 -17.25 -15.93
C SER A 264 1.79 -15.81 -15.79
N ILE A 265 2.71 -14.94 -15.37
CA ILE A 265 2.53 -13.50 -15.47
C ILE A 265 3.76 -12.89 -16.14
N PHE A 266 3.59 -11.74 -16.76
CA PHE A 266 4.68 -11.05 -17.42
C PHE A 266 5.09 -9.77 -16.70
N GLY A 267 6.34 -9.72 -16.25
CA GLY A 267 6.90 -8.50 -15.66
C GLY A 267 6.70 -8.36 -14.17
N ALA A 268 7.77 -8.60 -13.42
CA ALA A 268 7.79 -8.46 -11.97
C ALA A 268 9.20 -8.05 -11.52
N GLN A 269 9.31 -7.62 -10.26
CA GLN A 269 10.59 -7.17 -9.74
C GLN A 269 10.70 -7.41 -8.24
N MET A 270 11.80 -8.03 -7.81
CA MET A 270 12.07 -8.28 -6.39
C MET A 270 13.41 -7.65 -5.96
N ARG A 271 13.56 -7.42 -4.65
CA ARG A 271 14.76 -6.80 -4.08
C ARG A 271 15.29 -7.59 -2.87
N PHE A 272 16.61 -7.69 -2.76
CA PHE A 272 17.24 -8.41 -1.66
C PHE A 272 18.49 -7.69 -1.18
N SER A 273 18.57 -7.47 0.13
CA SER A 273 19.74 -6.82 0.72
C SER A 273 20.87 -7.83 0.82
N LEU A 274 22.06 -7.40 0.39
CA LEU A 274 23.25 -8.25 0.49
C LEU A 274 24.21 -7.67 1.52
N ARG A 275 23.73 -6.67 2.26
CA ARG A 275 24.54 -5.93 3.23
C ARG A 275 25.09 -6.80 4.35
N ASN A 276 26.37 -6.56 4.66
CA ASN A 276 27.15 -7.35 5.62
C ASN A 276 27.23 -8.83 5.22
N ASN A 277 27.33 -9.07 3.92
CA ASN A 277 27.36 -10.42 3.31
C ASN A 277 26.16 -11.30 3.65
N ARG A 278 25.00 -10.68 3.80
CA ARG A 278 23.76 -11.42 3.98
C ARG A 278 23.44 -12.17 2.68
N LEU A 279 23.01 -13.42 2.81
CA LEU A 279 22.77 -14.26 1.65
C LEU A 279 21.30 -14.68 1.53
N PRO A 280 20.58 -14.15 0.52
CA PRO A 280 19.16 -14.41 0.30
C PRO A 280 18.89 -15.82 -0.23
N LEU A 281 19.32 -16.82 0.53
CA LEU A 281 18.94 -18.21 0.28
C LEU A 281 17.57 -18.42 0.90
N LEU A 282 16.57 -18.71 0.08
CA LEU A 282 15.19 -18.86 0.57
C LEU A 282 15.07 -19.95 1.62
N THR A 283 14.24 -19.69 2.64
CA THR A 283 14.10 -20.60 3.78
C THR A 283 12.91 -21.55 3.68
N THR A 284 11.87 -21.16 2.94
CA THR A 284 10.67 -22.02 2.85
C THR A 284 10.85 -23.20 1.89
N LYS A 285 11.97 -23.22 1.19
CA LYS A 285 12.43 -24.40 0.44
C LYS A 285 13.94 -24.32 0.30
N ARG A 286 14.62 -25.38 0.72
CA ARG A 286 16.07 -25.45 0.67
C ARG A 286 16.61 -25.23 -0.75
N VAL A 287 17.57 -24.31 -0.87
CA VAL A 287 18.24 -24.02 -2.13
C VAL A 287 19.59 -24.74 -2.14
N PHE A 288 19.90 -25.41 -3.26
CA PHE A 288 21.16 -26.14 -3.46
C PHE A 288 22.36 -25.20 -3.61
N TRP A 289 22.80 -24.64 -2.47
CA TRP A 289 23.88 -23.65 -2.46
C TRP A 289 25.18 -24.13 -3.13
N ARG A 290 25.59 -25.36 -2.84
CA ARG A 290 26.85 -25.87 -3.38
C ARG A 290 26.86 -25.84 -4.90
N GLY A 291 25.75 -26.24 -5.51
CA GLY A 291 25.57 -26.16 -6.95
C GLY A 291 25.56 -24.74 -7.45
N VAL A 292 24.88 -23.86 -6.71
CA VAL A 292 24.82 -22.43 -7.03
C VAL A 292 26.23 -21.86 -7.09
N CYS A 293 27.01 -22.16 -6.05
CA CYS A 293 28.33 -21.60 -5.89
C CYS A 293 29.28 -22.11 -6.97
N GLU A 294 29.27 -23.43 -7.18
CA GLU A 294 30.13 -24.05 -8.16
C GLU A 294 29.82 -23.56 -9.58
N GLU A 295 28.53 -23.48 -9.90
CA GLU A 295 28.12 -22.97 -11.22
C GLU A 295 28.56 -21.53 -11.43
N LEU A 296 28.34 -20.66 -10.42
CA LEU A 296 28.66 -19.25 -10.59
C LEU A 296 30.15 -19.06 -10.86
N LEU A 297 31.00 -19.70 -10.05
CA LEU A 297 32.45 -19.59 -10.22
C LEU A 297 32.86 -20.08 -11.61
N TRP A 298 32.15 -21.10 -12.08
CA TRP A 298 32.29 -21.67 -13.41
C TRP A 298 31.91 -20.65 -14.51
N PHE A 299 30.84 -19.87 -14.27
CA PHE A 299 30.50 -18.74 -15.14
C PHE A 299 31.63 -17.72 -15.15
N LEU A 300 32.03 -17.29 -13.96
CA LEU A 300 33.04 -16.23 -13.80
C LEU A 300 34.34 -16.56 -14.50
N ARG A 301 34.71 -17.84 -14.48
CA ARG A 301 35.93 -18.30 -15.13
C ARG A 301 35.80 -18.39 -16.66
N GLY A 302 34.58 -18.19 -17.16
CA GLY A 302 34.30 -18.28 -18.60
C GLY A 302 34.25 -19.71 -19.12
N GLU A 303 33.90 -20.65 -18.26
CA GLU A 303 33.86 -22.06 -18.63
C GLU A 303 32.68 -22.41 -19.54
N THR A 304 32.82 -23.50 -20.29
CA THR A 304 31.74 -23.99 -21.17
C THR A 304 31.64 -25.52 -21.17
N TYR A 305 32.58 -26.18 -20.47
CA TYR A 305 32.59 -27.62 -20.33
C TYR A 305 31.84 -28.01 -19.06
N ALA A 306 30.64 -28.54 -19.24
CA ALA A 306 29.76 -28.89 -18.12
C ALA A 306 30.28 -30.07 -17.29
N LYS A 307 31.20 -30.84 -17.85
CA LYS A 307 31.81 -31.96 -17.13
C LYS A 307 32.57 -31.49 -15.90
N LYS A 308 33.11 -30.27 -15.96
CA LYS A 308 33.74 -29.64 -14.80
C LYS A 308 32.76 -29.56 -13.62
N LEU A 309 31.46 -29.44 -13.94
CA LEU A 309 30.42 -29.40 -12.92
C LEU A 309 29.92 -30.79 -12.52
N SER A 310 29.78 -31.71 -13.48
CA SER A 310 29.30 -33.05 -13.17
C SER A 310 30.27 -33.82 -12.27
N ASP A 311 31.54 -33.50 -12.39
CA ASP A 311 32.57 -34.06 -11.53
C ASP A 311 32.64 -33.67 -10.04
N LYS A 312 32.02 -32.57 -9.65
CA LYS A 312 31.88 -32.16 -8.28
C LYS A 312 30.49 -32.43 -7.84
N GLY A 313 29.85 -33.30 -8.56
CA GLY A 313 28.50 -33.76 -8.24
C GLY A 313 27.40 -32.73 -8.46
N VAL A 314 27.67 -31.77 -9.34
CA VAL A 314 26.67 -30.77 -9.73
C VAL A 314 26.16 -31.16 -11.12
N HIS A 315 24.96 -31.70 -11.17
CA HIS A 315 24.44 -32.32 -12.39
C HIS A 315 23.40 -31.50 -13.15
N ILE A 316 23.30 -30.21 -12.82
CA ILE A 316 22.29 -29.34 -13.41
C ILE A 316 22.38 -29.19 -14.94
N TRP A 317 23.57 -29.36 -15.50
CA TRP A 317 23.76 -29.22 -16.96
C TRP A 317 23.79 -30.57 -17.70
N ASP A 318 23.66 -31.68 -16.98
CA ASP A 318 23.72 -33.03 -17.56
C ASP A 318 22.77 -33.22 -18.74
N ASP A 319 21.51 -32.84 -18.56
CA ASP A 319 20.47 -33.00 -19.58
C ASP A 319 20.78 -32.23 -20.86
N ASN A 320 21.28 -31.01 -20.69
CA ASN A 320 21.55 -30.12 -21.84
C ASN A 320 22.93 -30.31 -22.46
N GLY A 321 23.74 -31.17 -21.85
CA GLY A 321 25.09 -31.45 -22.34
C GLY A 321 25.23 -32.82 -22.97
N SER A 322 24.15 -33.60 -22.95
CA SER A 322 24.16 -34.96 -23.49
C SER A 322 24.30 -34.99 -25.01
N ARG A 323 24.86 -36.09 -25.52
CA ARG A 323 24.99 -36.31 -26.96
C ARG A 323 23.66 -36.10 -27.68
N ALA A 324 22.58 -36.66 -27.14
CA ALA A 324 21.23 -36.52 -27.70
C ALA A 324 20.78 -35.06 -27.82
N PHE A 325 20.88 -34.31 -26.72
CA PHE A 325 20.41 -32.92 -26.72
C PHE A 325 21.22 -31.99 -27.60
N LEU A 326 22.55 -32.15 -27.57
CA LEU A 326 23.43 -31.36 -28.41
C LEU A 326 23.13 -31.60 -29.89
N ASP A 327 22.94 -32.88 -30.26
CA ASP A 327 22.56 -33.25 -31.63
C ASP A 327 21.24 -32.62 -32.07
N SER A 328 20.26 -32.60 -31.16
CA SER A 328 18.95 -32.01 -31.42
C SER A 328 19.05 -30.50 -31.58
N ARG A 329 20.15 -29.94 -31.08
CA ARG A 329 20.41 -28.52 -31.18
C ARG A 329 21.27 -28.22 -32.41
N GLY A 330 21.62 -29.29 -33.15
CA GLY A 330 22.46 -29.18 -34.35
C GLY A 330 23.96 -29.11 -34.05
N LEU A 331 24.31 -29.33 -32.78
CA LEU A 331 25.69 -29.18 -32.31
C LEU A 331 26.41 -30.53 -32.29
N THR A 332 26.55 -31.13 -33.48
CA THR A 332 27.09 -32.48 -33.63
C THR A 332 28.61 -32.55 -33.52
N GLU A 333 29.27 -31.40 -33.60
CA GLU A 333 30.73 -31.33 -33.53
C GLU A 333 31.26 -31.19 -32.10
N TYR A 334 30.38 -30.79 -31.16
CA TYR A 334 30.78 -30.67 -29.76
C TYR A 334 30.93 -32.02 -29.07
N GLU A 335 31.95 -32.14 -28.23
CA GLU A 335 32.07 -33.28 -27.31
C GLU A 335 30.90 -33.23 -26.34
N GLU A 336 30.52 -34.39 -25.81
CA GLU A 336 29.51 -34.45 -24.77
C GLU A 336 29.88 -33.49 -23.63
N MET A 337 28.90 -32.72 -23.18
CA MET A 337 29.05 -31.72 -22.09
C MET A 337 29.72 -30.39 -22.51
N ASP A 338 30.12 -30.30 -23.78
CA ASP A 338 30.56 -29.03 -24.35
C ASP A 338 29.30 -28.26 -24.73
N LEU A 339 29.03 -27.16 -24.03
CA LEU A 339 27.76 -26.45 -24.17
C LEU A 339 27.77 -25.36 -25.25
N GLY A 340 28.93 -25.10 -25.82
CA GLY A 340 29.11 -23.98 -26.72
C GLY A 340 29.38 -22.70 -25.95
N PRO A 341 29.35 -21.55 -26.64
CA PRO A 341 29.71 -20.26 -26.07
C PRO A 341 28.64 -19.68 -25.13
N VAL A 342 28.26 -20.44 -24.12
CA VAL A 342 27.20 -20.04 -23.20
C VAL A 342 27.66 -19.07 -22.12
N TYR A 343 26.70 -18.35 -21.54
CA TYR A 343 26.89 -17.61 -20.29
C TYR A 343 28.27 -16.99 -20.08
N GLY A 344 29.07 -17.63 -19.23
CA GLY A 344 30.38 -17.10 -18.84
C GLY A 344 31.32 -16.81 -19.99
N PHE A 345 31.21 -17.59 -21.07
CA PHE A 345 32.00 -17.33 -22.27
C PHE A 345 31.67 -15.94 -22.82
N GLN A 346 30.39 -15.62 -22.87
CA GLN A 346 29.96 -14.30 -23.35
C GLN A 346 30.38 -13.22 -22.35
N TRP A 347 30.29 -13.53 -21.06
CA TRP A 347 30.74 -12.62 -20.01
C TRP A 347 32.20 -12.20 -20.21
N ARG A 348 33.07 -13.17 -20.51
CA ARG A 348 34.51 -12.92 -20.62
C ARG A 348 35.03 -12.75 -22.05
N HIS A 349 34.30 -13.29 -23.03
CA HIS A 349 34.75 -13.29 -24.41
C HIS A 349 33.62 -12.97 -25.39
N PHE A 350 32.83 -11.95 -25.08
CA PHE A 350 31.68 -11.63 -25.92
C PHE A 350 32.11 -11.47 -27.38
N GLY A 351 31.45 -12.22 -28.27
CA GLY A 351 31.66 -12.07 -29.69
C GLY A 351 32.80 -12.89 -30.28
N ALA A 352 33.60 -13.51 -29.41
CA ALA A 352 34.70 -14.35 -29.89
C ALA A 352 34.16 -15.61 -30.57
N ALA A 353 34.79 -16.00 -31.67
CA ALA A 353 34.43 -17.22 -32.39
C ALA A 353 34.65 -18.43 -31.48
N TYR A 354 33.73 -19.37 -31.53
CA TYR A 354 33.84 -20.56 -30.70
C TYR A 354 34.14 -21.77 -31.59
N THR A 355 35.02 -22.63 -31.11
CA THR A 355 35.32 -23.89 -31.78
C THR A 355 35.01 -25.05 -30.83
N HIS A 356 35.81 -25.18 -29.78
CA HIS A 356 35.62 -26.21 -28.75
C HIS A 356 35.97 -25.65 -27.37
N HIS A 357 35.59 -26.37 -26.31
CA HIS A 357 35.79 -25.91 -24.95
C HIS A 357 37.27 -25.83 -24.54
N ASP A 358 38.07 -26.76 -25.04
CA ASP A 358 39.47 -26.89 -24.63
C ASP A 358 40.45 -25.96 -25.37
N ALA A 359 39.92 -25.07 -26.22
CA ALA A 359 40.75 -24.15 -27.00
C ALA A 359 41.10 -22.89 -26.20
N ASN A 360 42.15 -22.20 -26.61
CA ASN A 360 42.60 -20.98 -25.93
C ASN A 360 41.84 -19.75 -26.41
N TYR A 361 41.19 -19.06 -25.47
CA TYR A 361 40.40 -17.86 -25.78
C TYR A 361 40.94 -16.57 -25.17
N ASP A 362 42.08 -16.65 -24.49
CA ASP A 362 42.72 -15.46 -23.91
C ASP A 362 42.73 -14.29 -24.89
N GLY A 363 42.25 -13.14 -24.42
CA GLY A 363 42.30 -11.90 -25.20
C GLY A 363 41.38 -11.84 -26.39
N GLN A 364 40.43 -12.78 -26.48
CA GLN A 364 39.47 -12.80 -27.58
C GLN A 364 38.10 -12.34 -27.11
N GLY A 365 37.41 -11.60 -27.97
CA GLY A 365 36.12 -11.03 -27.63
C GLY A 365 36.22 -9.97 -26.54
N VAL A 366 35.07 -9.49 -26.07
CA VAL A 366 35.05 -8.43 -25.07
C VAL A 366 34.92 -9.02 -23.67
N ASP A 367 35.87 -8.68 -22.81
CA ASP A 367 35.82 -9.09 -21.41
C ASP A 367 35.00 -8.07 -20.62
N GLN A 368 33.71 -8.37 -20.49
CA GLN A 368 32.77 -7.47 -19.85
C GLN A 368 33.01 -7.37 -18.33
N ILE A 369 33.32 -8.51 -17.70
CA ILE A 369 33.60 -8.52 -16.27
C ILE A 369 34.84 -7.68 -15.94
N LYS A 370 35.90 -7.84 -16.71
CA LYS A 370 37.12 -7.06 -16.55
C LYS A 370 36.82 -5.56 -16.63
N ALA A 371 36.03 -5.17 -17.62
CA ALA A 371 35.72 -3.75 -17.86
C ALA A 371 34.93 -3.16 -16.70
N ILE A 372 33.94 -3.93 -16.23
CA ILE A 372 33.09 -3.50 -15.12
C ILE A 372 33.92 -3.28 -13.84
N VAL A 373 34.81 -4.22 -13.54
CA VAL A 373 35.66 -4.13 -12.37
C VAL A 373 36.54 -2.87 -12.39
N GLU A 374 37.08 -2.53 -13.56
CA GLU A 374 37.89 -1.32 -13.70
C GLU A 374 37.09 -0.02 -13.60
N THR A 375 35.90 0.00 -14.20
CA THR A 375 35.05 1.20 -14.18
C THR A 375 34.53 1.46 -12.75
N LEU A 376 34.18 0.39 -12.04
CA LEU A 376 33.69 0.51 -10.66
C LEU A 376 34.70 1.17 -9.72
N LYS A 377 35.98 0.97 -10.00
CA LYS A 377 37.04 1.49 -9.15
C LYS A 377 37.34 2.97 -9.40
N THR A 378 37.16 3.40 -10.65
CA THR A 378 37.52 4.75 -11.08
C THR A 378 36.31 5.70 -11.22
N ASN A 379 35.22 5.20 -11.80
CA ASN A 379 34.01 5.99 -12.04
C ASN A 379 32.74 5.28 -11.58
N PRO A 380 32.47 5.26 -10.26
CA PRO A 380 31.31 4.52 -9.76
C PRO A 380 29.95 5.07 -10.22
N ASP A 381 29.90 6.32 -10.69
CA ASP A 381 28.66 6.93 -11.19
C ASP A 381 28.29 6.50 -12.62
N ASP A 382 29.18 5.75 -13.27
CA ASP A 382 28.97 5.30 -14.66
C ASP A 382 27.66 4.52 -14.83
N ARG A 383 27.01 4.74 -15.98
CA ARG A 383 25.68 4.17 -16.24
C ARG A 383 25.73 3.09 -17.32
N ARG A 384 26.93 2.57 -17.60
CA ARG A 384 27.15 1.59 -18.66
C ARG A 384 27.79 0.31 -18.13
N MET A 385 27.78 0.12 -16.81
CA MET A 385 28.40 -1.05 -16.19
C MET A 385 27.46 -2.25 -16.24
N LEU A 386 27.29 -2.77 -17.45
CA LEU A 386 26.38 -3.86 -17.74
C LEU A 386 27.14 -4.98 -18.41
N PHE A 387 26.76 -6.22 -18.12
CA PHE A 387 27.22 -7.33 -18.93
C PHE A 387 26.06 -8.19 -19.41
N THR A 388 26.25 -8.80 -20.57
CA THR A 388 25.20 -9.56 -21.22
C THR A 388 25.71 -10.87 -21.79
N ALA A 389 24.82 -11.85 -21.86
CA ALA A 389 25.08 -13.12 -22.54
C ALA A 389 24.15 -13.28 -23.73
N TRP A 390 23.21 -12.35 -23.88
CA TRP A 390 22.30 -12.38 -25.01
C TRP A 390 22.99 -11.89 -26.28
N ASN A 391 23.65 -12.82 -26.96
CA ASN A 391 24.37 -12.56 -28.20
C ASN A 391 23.67 -13.27 -29.34
N PRO A 392 22.81 -12.55 -30.08
CA PRO A 392 22.04 -13.12 -31.19
C PRO A 392 22.88 -13.89 -32.20
N SER A 393 24.11 -13.46 -32.44
CA SER A 393 25.04 -14.14 -33.36
C SER A 393 25.41 -15.54 -32.87
N ALA A 394 25.51 -15.69 -31.56
CA ALA A 394 26.02 -16.93 -30.96
C ALA A 394 24.94 -17.83 -30.34
N LEU A 395 23.70 -17.35 -30.30
CA LEU A 395 22.59 -18.16 -29.76
C LEU A 395 22.49 -19.56 -30.41
N PRO A 396 22.53 -19.64 -31.76
CA PRO A 396 22.43 -20.97 -32.39
C PRO A 396 23.60 -21.90 -32.07
N ARG A 397 24.70 -21.33 -31.60
CA ARG A 397 25.88 -22.12 -31.26
C ARG A 397 25.87 -22.61 -29.81
N MET A 398 24.87 -22.15 -29.05
CA MET A 398 24.72 -22.49 -27.63
C MET A 398 23.79 -23.70 -27.43
N ALA A 399 24.02 -24.42 -26.33
CA ALA A 399 23.14 -25.52 -25.94
C ALA A 399 21.73 -24.99 -25.62
N LEU A 400 21.69 -23.91 -24.85
CA LEU A 400 20.46 -23.17 -24.57
C LEU A 400 20.76 -21.68 -24.66
N PRO A 401 19.77 -20.85 -25.04
CA PRO A 401 19.93 -19.42 -24.88
C PRO A 401 19.97 -19.06 -23.39
N PRO A 402 20.71 -18.00 -23.03
CA PRO A 402 20.79 -17.64 -21.61
C PRO A 402 19.45 -17.22 -21.03
N CYS A 403 19.19 -17.65 -19.80
CA CYS A 403 17.98 -17.31 -19.07
C CYS A 403 18.19 -16.00 -18.33
N HIS A 404 19.06 -16.01 -17.33
CA HIS A 404 19.58 -14.79 -16.75
C HIS A 404 20.58 -14.27 -17.77
N LEU A 405 20.21 -13.18 -18.43
CA LEU A 405 20.88 -12.77 -19.66
C LEU A 405 21.57 -11.42 -19.58
N LEU A 406 21.24 -10.64 -18.56
CA LEU A 406 21.75 -9.29 -18.43
C LEU A 406 21.89 -8.93 -16.97
N ALA A 407 22.92 -8.14 -16.64
CA ALA A 407 23.09 -7.60 -15.30
C ALA A 407 23.73 -6.21 -15.34
N GLN A 408 23.21 -5.30 -14.52
CA GLN A 408 23.72 -3.92 -14.43
C GLN A 408 24.17 -3.60 -13.01
N PHE A 409 25.29 -2.88 -12.89
CA PHE A 409 25.79 -2.50 -11.57
C PHE A 409 25.58 -1.02 -11.26
N TYR A 410 25.57 -0.74 -9.96
CA TYR A 410 25.24 0.57 -9.44
C TYR A 410 25.95 0.75 -8.11
N VAL A 411 26.40 1.97 -7.86
CA VAL A 411 27.12 2.27 -6.63
C VAL A 411 26.48 3.46 -5.92
N SER A 412 26.14 3.27 -4.65
CA SER A 412 25.76 4.37 -3.77
C SER A 412 26.26 4.06 -2.37
N ASN A 413 26.81 5.08 -1.70
CA ASN A 413 27.30 4.98 -0.32
C ASN A 413 28.35 3.88 -0.10
N GLY A 414 29.22 3.71 -1.11
CA GLY A 414 30.27 2.68 -1.07
C GLY A 414 29.71 1.28 -1.14
N GLU A 415 28.45 1.15 -1.57
CA GLU A 415 27.83 -0.16 -1.71
C GLU A 415 27.51 -0.47 -3.17
N LEU A 416 27.81 -1.70 -3.56
CA LEU A 416 27.58 -2.16 -4.91
C LEU A 416 26.26 -2.88 -5.02
N SER A 417 25.39 -2.34 -5.86
CA SER A 417 24.12 -2.97 -6.17
C SER A 417 24.15 -3.57 -7.57
N CYS A 418 23.28 -4.55 -7.79
CA CYS A 418 23.22 -5.25 -9.06
C CYS A 418 21.76 -5.52 -9.45
N MET A 419 21.45 -5.25 -10.72
CA MET A 419 20.16 -5.68 -11.26
C MET A 419 20.32 -6.79 -12.29
N LEU A 420 19.63 -7.89 -12.02
CA LEU A 420 19.56 -9.03 -12.93
C LEU A 420 18.30 -8.95 -13.79
N TYR A 421 18.46 -9.16 -15.08
CA TYR A 421 17.30 -9.36 -15.95
C TYR A 421 17.20 -10.83 -16.36
N GLN A 422 16.02 -11.41 -16.15
CA GLN A 422 15.79 -12.81 -16.46
C GLN A 422 14.54 -12.95 -17.33
N ARG A 423 14.68 -13.55 -18.51
CA ARG A 423 13.58 -13.63 -19.49
C ARG A 423 12.47 -14.61 -19.10
N SER A 424 12.86 -15.71 -18.45
CA SER A 424 11.98 -16.82 -18.18
C SER A 424 12.33 -17.35 -16.80
N CYS A 425 11.33 -17.42 -15.93
CA CYS A 425 11.58 -17.64 -14.52
C CYS A 425 10.66 -18.71 -13.94
N ASP A 426 11.22 -19.87 -13.65
CA ASP A 426 10.51 -20.89 -12.90
C ASP A 426 10.60 -20.52 -11.41
N MET A 427 9.46 -20.19 -10.82
CA MET A 427 9.42 -19.72 -9.43
C MET A 427 9.86 -20.77 -8.43
N GLY A 428 9.58 -22.04 -8.72
CA GLY A 428 9.86 -23.13 -7.80
C GLY A 428 11.34 -23.47 -7.65
N LEU A 429 12.08 -23.45 -8.75
CA LEU A 429 13.47 -23.91 -8.73
C LEU A 429 14.48 -22.91 -9.29
N GLY A 430 14.23 -22.43 -10.51
CA GLY A 430 15.13 -21.52 -11.18
C GLY A 430 15.36 -20.23 -10.42
N VAL A 431 14.26 -19.57 -10.06
CA VAL A 431 14.32 -18.25 -9.43
C VAL A 431 15.17 -18.21 -8.13
N PRO A 432 14.88 -19.08 -7.14
CA PRO A 432 15.65 -19.04 -5.89
C PRO A 432 17.14 -19.33 -6.11
N PHE A 433 17.42 -20.22 -7.05
CA PHE A 433 18.78 -20.56 -7.46
C PHE A 433 19.50 -19.33 -8.02
N ASN A 434 18.82 -18.59 -8.89
CA ASN A 434 19.39 -17.44 -9.57
C ASN A 434 19.56 -16.21 -8.69
N ILE A 435 18.63 -16.02 -7.75
CA ILE A 435 18.79 -15.00 -6.70
C ILE A 435 20.11 -15.28 -5.96
N ALA A 436 20.33 -16.54 -5.62
CA ALA A 436 21.56 -16.93 -4.94
C ALA A 436 22.82 -16.72 -5.80
N SER A 437 22.76 -17.10 -7.08
CA SER A 437 23.87 -16.87 -8.01
C SER A 437 24.32 -15.41 -8.03
N TYR A 438 23.37 -14.51 -8.26
CA TYR A 438 23.70 -13.10 -8.43
C TYR A 438 24.02 -12.39 -7.13
N ALA A 439 23.49 -12.91 -6.03
CA ALA A 439 23.92 -12.48 -4.70
C ALA A 439 25.42 -12.74 -4.55
N LEU A 440 25.82 -13.97 -4.86
CA LEU A 440 27.23 -14.36 -4.83
C LEU A 440 28.08 -13.49 -5.77
N LEU A 441 27.63 -13.32 -7.02
CA LEU A 441 28.32 -12.50 -8.00
C LEU A 441 28.58 -11.09 -7.50
N THR A 442 27.52 -10.45 -7.00
CA THR A 442 27.61 -9.10 -6.44
C THR A 442 28.58 -9.01 -5.27
N ILE A 443 28.55 -10.00 -4.40
CA ILE A 443 29.48 -10.09 -3.27
C ILE A 443 30.94 -10.19 -3.79
N LEU A 444 31.15 -11.05 -4.78
CA LEU A 444 32.49 -11.23 -5.34
C LEU A 444 33.00 -9.97 -6.05
N ILE A 445 32.13 -9.34 -6.85
CA ILE A 445 32.50 -8.11 -7.55
C ILE A 445 32.72 -6.95 -6.57
N ALA A 446 31.92 -6.89 -5.52
CA ALA A 446 32.18 -5.91 -4.44
C ALA A 446 33.59 -6.10 -3.89
N LYS A 447 33.95 -7.35 -3.60
CA LYS A 447 35.27 -7.68 -3.05
C LYS A 447 36.38 -7.32 -4.04
N ALA A 448 36.11 -7.54 -5.33
CA ALA A 448 37.05 -7.23 -6.40
C ALA A 448 37.29 -5.73 -6.62
N THR A 449 36.38 -4.89 -6.12
CA THR A 449 36.41 -3.47 -6.43
C THR A 449 36.58 -2.57 -5.20
N GLY A 450 36.77 -3.19 -4.04
CA GLY A 450 36.93 -2.45 -2.79
C GLY A 450 35.63 -1.81 -2.31
N LEU A 451 34.51 -2.39 -2.69
CA LEU A 451 33.20 -1.90 -2.27
C LEU A 451 32.51 -2.90 -1.33
N ARG A 452 31.50 -2.41 -0.61
CA ARG A 452 30.69 -3.28 0.23
C ARG A 452 29.48 -3.78 -0.55
N PRO A 453 29.02 -5.01 -0.28
CA PRO A 453 27.82 -5.48 -0.99
C PRO A 453 26.57 -4.69 -0.61
N GLY A 454 25.76 -4.36 -1.60
CA GLY A 454 24.57 -3.55 -1.42
C GLY A 454 23.30 -4.34 -1.68
N GLU A 455 22.66 -4.07 -2.80
CA GLU A 455 21.35 -4.67 -3.07
C GLU A 455 21.27 -5.45 -4.37
N LEU A 456 20.57 -6.59 -4.33
CA LEU A 456 20.22 -7.32 -5.53
C LEU A 456 18.79 -6.97 -5.95
N VAL A 457 18.64 -6.48 -7.18
CA VAL A 457 17.33 -6.28 -7.78
C VAL A 457 17.16 -7.35 -8.86
N HIS A 458 16.04 -8.05 -8.81
CA HIS A 458 15.75 -9.14 -9.72
C HIS A 458 14.55 -8.77 -10.59
N THR A 459 14.78 -8.61 -11.89
CA THR A 459 13.71 -8.33 -12.85
C THR A 459 13.34 -9.61 -13.61
N LEU A 460 12.05 -9.94 -13.61
CA LEU A 460 11.56 -11.16 -14.22
C LEU A 460 10.68 -10.86 -15.42
N GLY A 461 10.90 -11.58 -16.51
CA GLY A 461 10.02 -11.52 -17.68
C GLY A 461 8.85 -12.46 -17.50
N ASP A 462 8.90 -13.62 -18.15
CA ASP A 462 7.88 -14.64 -18.00
C ASP A 462 8.09 -15.39 -16.69
N ALA A 463 7.33 -15.02 -15.67
CA ALA A 463 7.44 -15.64 -14.35
C ALA A 463 6.30 -16.62 -14.13
N HIS A 464 6.66 -17.88 -13.91
CA HIS A 464 5.70 -18.97 -13.98
C HIS A 464 5.87 -20.06 -12.93
N VAL A 465 4.76 -20.74 -12.65
CA VAL A 465 4.74 -21.92 -11.80
C VAL A 465 4.15 -23.06 -12.64
N TYR A 466 4.70 -24.27 -12.47
CA TYR A 466 4.16 -25.44 -13.17
C TYR A 466 2.80 -25.79 -12.60
N SER A 467 1.84 -26.05 -13.48
CA SER A 467 0.47 -26.36 -13.09
C SER A 467 0.36 -27.62 -12.22
N ASN A 468 1.37 -28.49 -12.30
CA ASN A 468 1.44 -29.68 -11.45
C ASN A 468 2.11 -29.41 -10.10
N HIS A 469 2.78 -28.26 -9.98
CA HIS A 469 3.37 -27.84 -8.70
C HIS A 469 2.46 -26.93 -7.87
N VAL A 470 1.23 -26.71 -8.34
CA VAL A 470 0.30 -25.79 -7.68
C VAL A 470 0.04 -26.21 -6.22
N GLU A 471 -0.44 -27.43 -6.03
CA GLU A 471 -0.74 -27.97 -4.70
C GLU A 471 0.48 -27.92 -3.76
N PRO A 472 1.67 -28.40 -4.22
CA PRO A 472 2.91 -28.26 -3.45
C PRO A 472 3.29 -26.81 -3.11
N CYS A 473 3.20 -25.89 -4.07
CA CYS A 473 3.49 -24.48 -3.82
C CYS A 473 2.53 -23.89 -2.79
N ASN A 474 1.25 -24.24 -2.89
CA ASN A 474 0.24 -23.82 -1.92
C ASN A 474 0.58 -24.24 -0.49
N GLU A 475 1.15 -25.42 -0.34
CA GLU A 475 1.61 -25.93 0.93
C GLU A 475 2.83 -25.14 1.43
N GLN A 476 3.70 -24.74 0.49
CA GLN A 476 4.87 -23.93 0.82
C GLN A 476 4.49 -22.51 1.24
N LEU A 477 3.44 -21.98 0.64
CA LEU A 477 2.98 -20.61 0.92
C LEU A 477 2.45 -20.43 2.35
N LYS A 478 2.15 -21.53 3.02
CA LYS A 478 1.67 -21.49 4.40
C LYS A 478 2.80 -21.35 5.41
N ARG A 479 4.03 -21.64 4.99
CA ARG A 479 5.19 -21.58 5.86
C ARG A 479 5.64 -20.15 6.12
N VAL A 480 5.95 -19.87 7.38
CA VAL A 480 6.47 -18.57 7.76
C VAL A 480 7.97 -18.52 7.46
N PRO A 481 8.41 -17.55 6.65
CA PRO A 481 9.83 -17.45 6.31
C PRO A 481 10.71 -17.23 7.53
N ARG A 482 11.86 -17.91 7.55
CA ARG A 482 12.87 -17.71 8.56
C ARG A 482 13.91 -16.70 8.05
N ALA A 483 14.83 -16.30 8.93
CA ALA A 483 15.87 -15.33 8.57
C ALA A 483 16.84 -15.89 7.53
N PHE A 484 17.36 -15.00 6.69
CA PHE A 484 18.38 -15.36 5.71
C PHE A 484 19.73 -15.61 6.39
N PRO A 485 20.51 -16.57 5.87
CA PRO A 485 21.85 -16.85 6.38
C PRO A 485 22.86 -15.78 5.95
N TYR A 486 24.13 -15.99 6.30
CA TYR A 486 25.20 -15.08 5.90
C TYR A 486 26.32 -15.85 5.21
N LEU A 487 27.08 -15.14 4.38
CA LEU A 487 28.24 -15.73 3.71
C LEU A 487 29.53 -15.20 4.31
N VAL A 488 30.43 -16.13 4.65
CA VAL A 488 31.71 -15.80 5.25
C VAL A 488 32.82 -16.40 4.40
N PHE A 489 33.84 -15.60 4.10
CA PHE A 489 35.02 -16.09 3.40
C PHE A 489 36.08 -16.53 4.40
N ARG A 490 36.46 -17.80 4.32
CA ARG A 490 37.45 -18.40 5.22
C ARG A 490 38.87 -18.13 4.72
N ARG A 491 39.00 -17.92 3.41
CA ARG A 491 40.24 -17.46 2.80
C ARG A 491 40.00 -16.59 1.57
N GLU A 492 40.98 -15.78 1.24
CA GLU A 492 40.92 -14.92 0.07
C GLU A 492 41.83 -15.46 -1.04
N ARG A 493 41.70 -14.90 -2.24
CA ARG A 493 42.50 -15.27 -3.40
C ARG A 493 43.13 -14.04 -4.01
N GLU A 494 44.23 -14.24 -4.73
CA GLU A 494 44.92 -13.16 -5.42
C GLU A 494 44.15 -12.74 -6.69
N PHE A 495 43.46 -13.70 -7.30
CA PHE A 495 42.69 -13.43 -8.50
C PHE A 495 41.25 -13.89 -8.35
N LEU A 496 40.33 -13.10 -8.90
CA LEU A 496 38.90 -13.40 -8.87
C LEU A 496 38.59 -14.83 -9.33
N GLU A 497 39.27 -15.26 -10.39
CA GLU A 497 39.01 -16.55 -11.02
C GLU A 497 39.47 -17.74 -10.18
N ASP A 498 40.22 -17.47 -9.10
CA ASP A 498 40.78 -18.55 -8.29
C ASP A 498 39.95 -18.95 -7.06
N TYR A 499 38.80 -18.30 -6.87
CA TYR A 499 37.92 -18.65 -5.76
C TYR A 499 37.31 -20.03 -5.93
N GLU A 500 37.27 -20.78 -4.83
CA GLU A 500 36.72 -22.12 -4.82
C GLU A 500 35.55 -22.18 -3.84
N GLU A 501 34.61 -23.08 -4.10
CA GLU A 501 33.47 -23.29 -3.22
C GLU A 501 33.92 -23.46 -1.76
N GLY A 502 35.02 -24.19 -1.55
CA GLY A 502 35.59 -24.39 -0.23
C GLY A 502 36.12 -23.15 0.48
N ASP A 503 36.29 -22.06 -0.26
CA ASP A 503 36.78 -20.79 0.30
C ASP A 503 35.74 -20.07 1.13
N MET A 504 34.48 -20.42 0.94
CA MET A 504 33.38 -19.73 1.60
C MET A 504 32.46 -20.67 2.38
N GLU A 505 31.77 -20.11 3.35
CA GLU A 505 30.89 -20.88 4.23
C GLU A 505 29.58 -20.13 4.48
N VAL A 506 28.47 -20.81 4.23
CA VAL A 506 27.17 -20.28 4.56
C VAL A 506 26.88 -20.63 6.02
N ILE A 507 26.70 -19.62 6.84
CA ILE A 507 26.45 -19.84 8.25
C ILE A 507 24.98 -19.61 8.62
N ASP A 508 24.47 -20.50 9.48
CA ASP A 508 23.12 -20.42 10.04
C ASP A 508 22.00 -20.44 9.00
N TYR A 509 22.16 -21.28 7.98
CA TYR A 509 21.09 -21.53 7.03
C TYR A 509 20.18 -22.61 7.59
N ALA A 510 18.95 -22.22 7.92
CA ALA A 510 18.00 -23.13 8.55
C ALA A 510 16.69 -23.27 7.74
N PRO A 511 16.77 -23.86 6.54
CA PRO A 511 15.55 -23.93 5.73
C PRO A 511 14.60 -25.03 6.21
N TYR A 512 13.33 -24.93 5.85
CA TYR A 512 12.36 -25.98 6.13
C TYR A 512 12.75 -27.29 5.45
N PRO A 513 12.33 -28.43 6.02
CA PRO A 513 12.50 -29.71 5.33
C PRO A 513 11.61 -29.78 4.07
N PRO A 514 11.79 -30.82 3.23
CA PRO A 514 10.95 -30.97 2.03
C PRO A 514 9.45 -30.97 2.34
N ILE A 515 8.67 -30.48 1.37
CA ILE A 515 7.20 -30.43 1.47
C ILE A 515 6.60 -31.80 1.80
N LEU B 3 -48.33 5.82 17.31
CA LEU B 3 -48.61 7.12 17.99
C LEU B 3 -47.32 7.87 18.34
N PHE B 4 -46.37 7.16 18.96
CA PHE B 4 -45.03 7.66 19.16
C PHE B 4 -44.05 6.92 18.25
N LYS B 5 -44.60 6.23 17.27
CA LYS B 5 -43.82 5.50 16.29
C LYS B 5 -43.33 6.42 15.18
N ILE B 6 -42.47 5.90 14.31
CA ILE B 6 -41.93 6.65 13.18
C ILE B 6 -42.60 6.19 11.88
N ARG B 7 -43.30 7.11 11.24
CA ARG B 7 -44.01 6.82 10.01
C ARG B 7 -43.05 6.73 8.82
N MET B 8 -43.15 5.63 8.08
CA MET B 8 -42.37 5.43 6.88
C MET B 8 -42.94 6.30 5.75
N PRO B 9 -42.08 6.76 4.82
CA PRO B 9 -42.54 7.58 3.70
C PRO B 9 -43.48 6.82 2.77
N GLU B 10 -44.34 7.56 2.07
CA GLU B 10 -45.28 6.97 1.12
C GLU B 10 -44.58 6.25 -0.03
N THR B 11 -43.40 6.74 -0.41
CA THR B 11 -42.72 6.31 -1.63
C THR B 11 -41.32 5.72 -1.42
N VAL B 12 -40.97 4.77 -2.29
CA VAL B 12 -39.65 4.12 -2.30
C VAL B 12 -38.54 5.10 -2.66
N ALA B 13 -37.32 4.85 -2.19
CA ALA B 13 -36.19 5.75 -2.50
C ALA B 13 -35.82 5.85 -3.97
N GLU B 14 -35.41 7.03 -4.38
CA GLU B 14 -35.19 7.24 -5.78
C GLU B 14 -34.00 6.45 -6.33
N GLY B 15 -34.28 5.57 -7.28
CA GLY B 15 -33.24 4.80 -7.92
C GLY B 15 -33.09 3.42 -7.38
N THR B 16 -34.03 3.01 -6.54
CA THR B 16 -34.01 1.70 -5.94
C THR B 16 -34.21 0.62 -6.98
N ARG B 17 -33.29 -0.35 -6.95
CA ARG B 17 -33.30 -1.50 -7.84
C ARG B 17 -34.23 -2.61 -7.32
N LEU B 18 -34.92 -3.25 -8.26
CA LEU B 18 -35.73 -4.42 -7.98
C LEU B 18 -34.80 -5.59 -7.68
N ALA B 19 -35.25 -6.48 -6.80
CA ALA B 19 -34.43 -7.62 -6.33
C ALA B 19 -33.84 -8.48 -7.46
N LEU B 20 -32.52 -8.66 -7.40
CA LEU B 20 -31.77 -9.44 -8.39
C LEU B 20 -31.11 -10.64 -7.76
N ARG B 21 -31.34 -11.80 -8.36
CA ARG B 21 -30.74 -13.03 -7.92
C ARG B 21 -29.24 -13.09 -8.26
N ALA B 22 -28.47 -13.72 -7.39
CA ALA B 22 -27.05 -13.98 -7.67
C ALA B 22 -26.95 -15.23 -8.54
N PHE B 23 -25.88 -15.33 -9.33
CA PHE B 23 -25.74 -16.43 -10.27
C PHE B 23 -24.30 -16.84 -10.54
N SER B 24 -24.14 -18.04 -11.09
CA SER B 24 -22.85 -18.55 -11.52
C SER B 24 -22.86 -18.74 -13.03
N LEU B 25 -21.68 -18.61 -13.64
CA LEU B 25 -21.56 -18.76 -15.08
C LEU B 25 -20.76 -20.01 -15.41
N VAL B 26 -21.30 -20.81 -16.31
CA VAL B 26 -20.61 -22.00 -16.79
C VAL B 26 -20.47 -21.91 -18.31
N VAL B 27 -19.29 -22.23 -18.82
CA VAL B 27 -18.94 -21.98 -20.20
C VAL B 27 -17.80 -22.89 -20.68
N ALA B 28 -17.85 -23.27 -21.95
CA ALA B 28 -16.77 -23.98 -22.61
C ALA B 28 -16.19 -23.09 -23.71
N VAL B 29 -14.90 -22.82 -23.62
CA VAL B 29 -14.21 -21.99 -24.62
C VAL B 29 -13.06 -22.76 -25.23
N ASP B 30 -12.68 -22.39 -26.44
CA ASP B 30 -11.37 -22.79 -26.96
C ASP B 30 -10.32 -21.76 -26.52
N GLU B 31 -9.10 -21.91 -27.00
CA GLU B 31 -7.98 -21.09 -26.52
C GLU B 31 -8.00 -19.65 -27.03
N ARG B 32 -8.79 -19.41 -28.08
CA ARG B 32 -9.05 -18.05 -28.58
C ARG B 32 -10.32 -17.43 -27.95
N GLY B 33 -10.97 -18.20 -27.08
CA GLY B 33 -12.22 -17.75 -26.45
C GLY B 33 -13.48 -17.98 -27.28
N GLY B 34 -13.39 -18.85 -28.29
CA GLY B 34 -14.56 -19.20 -29.10
C GLY B 34 -15.50 -20.14 -28.38
N ILE B 35 -16.80 -19.93 -28.56
CA ILE B 35 -17.83 -20.77 -27.90
C ILE B 35 -18.77 -21.47 -28.90
N GLY B 36 -18.80 -20.98 -30.14
CA GLY B 36 -19.66 -21.54 -31.17
C GLY B 36 -19.71 -20.69 -32.43
N ASP B 37 -20.43 -21.19 -33.44
CA ASP B 37 -20.52 -20.53 -34.74
C ASP B 37 -21.86 -19.80 -34.95
N GLY B 38 -22.68 -19.74 -33.90
CA GLY B 38 -24.00 -19.12 -33.98
C GLY B 38 -25.14 -20.12 -33.93
N ARG B 39 -24.88 -21.35 -34.37
CA ARG B 39 -25.90 -22.40 -34.39
C ARG B 39 -25.55 -23.56 -33.45
N SER B 40 -24.28 -23.89 -33.34
CA SER B 40 -23.84 -25.02 -32.52
C SER B 40 -22.44 -24.80 -31.94
N ILE B 41 -22.02 -25.77 -31.12
CA ILE B 41 -20.65 -25.81 -30.60
C ILE B 41 -19.85 -26.71 -31.54
N PRO B 42 -18.71 -26.19 -32.06
CA PRO B 42 -18.00 -26.87 -33.13
C PRO B 42 -16.97 -27.93 -32.66
N TRP B 43 -17.18 -28.47 -31.46
CA TRP B 43 -16.35 -29.58 -30.98
C TRP B 43 -17.20 -30.65 -30.28
N ASN B 44 -16.59 -31.81 -30.04
CA ASN B 44 -17.26 -32.91 -29.36
C ASN B 44 -16.43 -33.39 -28.17
N VAL B 45 -16.74 -32.87 -26.99
CA VAL B 45 -16.05 -33.26 -25.76
C VAL B 45 -17.07 -33.70 -24.70
N PRO B 46 -17.27 -35.03 -24.56
CA PRO B 46 -18.27 -35.60 -23.64
C PRO B 46 -18.00 -35.28 -22.17
N GLU B 47 -16.72 -35.18 -21.80
CA GLU B 47 -16.34 -34.90 -20.41
C GLU B 47 -16.72 -33.49 -19.99
N ASP B 48 -16.82 -32.58 -20.97
CA ASP B 48 -17.36 -31.25 -20.71
C ASP B 48 -18.88 -31.30 -20.55
N MET B 49 -19.55 -32.13 -21.33
CA MET B 49 -21.00 -32.30 -21.24
C MET B 49 -21.40 -32.88 -19.89
N LYS B 50 -20.60 -33.82 -19.39
CA LYS B 50 -20.82 -34.39 -18.06
C LYS B 50 -20.61 -33.36 -16.97
N PHE B 51 -19.49 -32.64 -17.05
CA PHE B 51 -19.18 -31.57 -16.10
C PHE B 51 -20.28 -30.52 -16.07
N PHE B 52 -20.73 -30.11 -17.26
CA PHE B 52 -21.78 -29.12 -17.41
C PHE B 52 -23.09 -29.61 -16.80
N ARG B 53 -23.44 -30.86 -17.07
CA ARG B 53 -24.61 -31.48 -16.45
C ARG B 53 -24.47 -31.49 -14.92
N ASP B 54 -23.34 -32.00 -14.42
CA ASP B 54 -23.14 -32.16 -12.98
C ASP B 54 -23.20 -30.86 -12.19
N VAL B 55 -22.41 -29.87 -12.59
CA VAL B 55 -22.32 -28.61 -11.85
C VAL B 55 -23.65 -27.82 -11.85
N THR B 56 -24.38 -27.90 -12.95
CA THR B 56 -25.68 -27.23 -13.06
C THR B 56 -26.81 -28.01 -12.38
N THR B 57 -26.62 -29.31 -12.21
CA THR B 57 -27.65 -30.18 -11.61
C THR B 57 -27.50 -30.32 -10.08
N LYS B 58 -26.27 -30.52 -9.62
CA LYS B 58 -26.01 -30.85 -8.21
C LYS B 58 -26.26 -29.69 -7.25
N LEU B 59 -26.78 -30.04 -6.07
CA LEU B 59 -27.15 -29.08 -5.05
C LEU B 59 -26.13 -29.07 -3.91
N ARG B 60 -26.26 -28.11 -3.02
CA ARG B 60 -25.30 -27.92 -1.98
C ARG B 60 -25.23 -29.15 -1.16
N GLY B 61 -26.20 -30.01 -1.33
CA GLY B 61 -26.30 -31.16 -0.45
C GLY B 61 -25.43 -32.38 -0.68
N LYS B 62 -25.23 -33.14 0.38
CA LYS B 62 -24.62 -34.44 0.28
C LYS B 62 -25.61 -35.37 -0.40
N ASN B 63 -26.84 -35.37 0.08
CA ASN B 63 -27.95 -36.05 -0.59
C ASN B 63 -28.74 -35.08 -1.47
N VAL B 64 -28.37 -35.03 -2.73
CA VAL B 64 -28.83 -34.00 -3.63
C VAL B 64 -30.26 -34.24 -4.02
N LYS B 65 -30.44 -34.94 -5.11
CA LYS B 65 -31.75 -35.23 -5.63
C LYS B 65 -32.57 -33.99 -5.83
N PRO B 66 -32.42 -33.38 -6.98
CA PRO B 66 -33.22 -32.19 -7.31
C PRO B 66 -34.70 -32.50 -7.50
N SER B 67 -35.55 -31.70 -6.86
CA SER B 67 -37.01 -31.85 -6.93
C SER B 67 -37.66 -30.48 -7.15
N PRO B 68 -39.02 -30.45 -7.25
CA PRO B 68 -39.73 -29.17 -7.26
C PRO B 68 -39.51 -28.32 -5.98
N ALA B 69 -39.08 -28.96 -4.90
CA ALA B 69 -38.82 -28.27 -3.64
C ALA B 69 -37.43 -27.62 -3.61
N LYS B 70 -36.43 -28.35 -4.09
CA LYS B 70 -35.05 -27.86 -4.15
C LYS B 70 -34.39 -28.25 -5.46
N ARG B 71 -34.08 -27.25 -6.27
CA ARG B 71 -33.38 -27.46 -7.54
C ARG B 71 -32.66 -26.19 -7.99
N ASN B 72 -31.83 -26.33 -9.01
CA ASN B 72 -31.14 -25.20 -9.62
C ASN B 72 -31.86 -24.72 -10.87
N ALA B 73 -31.58 -23.48 -11.26
CA ALA B 73 -32.11 -22.94 -12.50
C ALA B 73 -30.98 -22.76 -13.51
N VAL B 74 -31.30 -22.98 -14.78
CA VAL B 74 -30.37 -22.68 -15.85
C VAL B 74 -30.99 -21.62 -16.75
N VAL B 75 -30.22 -20.57 -17.03
CA VAL B 75 -30.71 -19.46 -17.86
C VAL B 75 -29.96 -19.44 -19.19
N MET B 76 -30.72 -19.52 -20.28
CA MET B 76 -30.15 -19.60 -21.63
C MET B 76 -30.86 -18.68 -22.62
N GLY B 77 -30.12 -18.28 -23.66
CA GLY B 77 -30.71 -17.55 -24.78
C GLY B 77 -31.52 -18.47 -25.67
N ARG B 78 -32.42 -17.89 -26.46
CA ARG B 78 -33.28 -18.65 -27.37
C ARG B 78 -32.49 -19.53 -28.34
N LYS B 79 -31.36 -19.01 -28.83
CA LYS B 79 -30.52 -19.73 -29.80
C LYS B 79 -29.87 -20.97 -29.18
N THR B 80 -29.47 -20.86 -27.92
CA THR B 80 -28.92 -21.98 -27.16
C THR B 80 -29.99 -23.04 -26.95
N TRP B 81 -31.20 -22.60 -26.61
CA TRP B 81 -32.34 -23.50 -26.44
C TRP B 81 -32.60 -24.30 -27.71
N ASP B 82 -32.58 -23.61 -28.86
CA ASP B 82 -32.75 -24.22 -30.17
C ASP B 82 -31.65 -25.24 -30.48
N SER B 83 -30.41 -24.91 -30.06
CA SER B 83 -29.24 -25.73 -30.33
C SER B 83 -29.22 -27.04 -29.55
N ILE B 84 -30.02 -27.12 -28.49
CA ILE B 84 -30.21 -28.37 -27.78
C ILE B 84 -31.25 -29.18 -28.55
N PRO B 85 -30.93 -30.42 -28.94
CA PRO B 85 -31.88 -31.25 -29.67
C PRO B 85 -33.14 -31.51 -28.82
N PRO B 86 -34.33 -31.47 -29.45
CA PRO B 86 -35.63 -31.63 -28.79
C PRO B 86 -35.72 -32.84 -27.86
N LYS B 87 -35.03 -33.93 -28.22
CA LYS B 87 -35.01 -35.15 -27.42
C LYS B 87 -34.33 -34.98 -26.06
N PHE B 88 -33.55 -33.90 -25.92
CA PHE B 88 -32.83 -33.62 -24.67
C PHE B 88 -33.47 -32.50 -23.84
N ARG B 89 -34.45 -31.80 -24.43
CA ARG B 89 -35.16 -30.73 -23.73
C ARG B 89 -36.37 -31.27 -22.96
N PRO B 90 -36.70 -30.65 -21.81
CA PRO B 90 -35.88 -29.64 -21.14
C PRO B 90 -34.75 -30.32 -20.39
N LEU B 91 -33.74 -29.55 -19.98
CA LEU B 91 -32.64 -30.13 -19.22
C LEU B 91 -33.16 -30.64 -17.88
N PRO B 92 -33.07 -31.97 -17.66
CA PRO B 92 -33.65 -32.65 -16.49
C PRO B 92 -33.05 -32.16 -15.18
N GLY B 93 -33.87 -32.15 -14.13
CA GLY B 93 -33.43 -31.80 -12.78
C GLY B 93 -33.16 -30.31 -12.54
N ARG B 94 -33.41 -29.50 -13.57
CA ARG B 94 -33.14 -28.07 -13.49
C ARG B 94 -34.32 -27.27 -14.05
N LEU B 95 -34.59 -26.13 -13.44
CA LEU B 95 -35.54 -25.18 -14.01
C LEU B 95 -34.92 -24.55 -15.26
N ASN B 96 -35.55 -24.77 -16.41
CA ASN B 96 -35.07 -24.23 -17.67
C ASN B 96 -35.67 -22.85 -17.96
N VAL B 97 -34.80 -21.84 -17.98
CA VAL B 97 -35.23 -20.46 -18.22
C VAL B 97 -34.69 -19.99 -19.58
N VAL B 98 -35.62 -19.64 -20.48
CA VAL B 98 -35.26 -19.27 -21.84
C VAL B 98 -35.62 -17.81 -22.12
N LEU B 99 -34.63 -17.05 -22.59
CA LEU B 99 -34.82 -15.65 -22.94
C LEU B 99 -35.24 -15.53 -24.41
N SER B 100 -36.30 -14.77 -24.67
CA SER B 100 -36.84 -14.59 -26.02
C SER B 100 -37.72 -13.36 -26.14
N SER B 101 -37.70 -12.73 -27.32
CA SER B 101 -38.61 -11.62 -27.61
C SER B 101 -39.98 -12.11 -28.02
N THR B 102 -40.01 -13.23 -28.76
CA THR B 102 -41.24 -13.74 -29.36
C THR B 102 -41.83 -14.94 -28.63
N LEU B 103 -40.97 -15.90 -28.28
CA LEU B 103 -41.43 -17.20 -27.76
C LEU B 103 -42.01 -17.14 -26.35
N THR B 104 -43.22 -17.66 -26.22
CA THR B 104 -43.93 -17.70 -24.93
C THR B 104 -43.69 -19.02 -24.21
N THR B 105 -43.97 -19.04 -22.91
CA THR B 105 -43.83 -20.23 -22.09
C THR B 105 -44.59 -21.41 -22.71
N GLN B 106 -45.88 -21.19 -22.99
CA GLN B 106 -46.78 -22.23 -23.53
C GLN B 106 -46.33 -22.81 -24.87
N HIS B 107 -45.90 -21.94 -25.79
CA HIS B 107 -45.47 -22.37 -27.13
C HIS B 107 -44.23 -23.26 -27.10
N LEU B 108 -43.39 -23.08 -26.08
CA LEU B 108 -42.15 -23.86 -25.92
C LEU B 108 -42.40 -25.32 -25.53
N LEU B 109 -43.52 -25.55 -24.88
CA LEU B 109 -43.91 -26.85 -24.40
C LEU B 109 -44.16 -27.91 -25.49
N ASP B 110 -43.19 -28.09 -26.37
CA ASP B 110 -43.31 -29.08 -27.43
C ASP B 110 -42.02 -29.87 -27.67
N ASP B 123 -43.97 -26.79 -15.65
CA ASP B 123 -43.33 -26.72 -14.34
C ASP B 123 -41.80 -26.70 -14.43
N SER B 124 -41.26 -27.28 -15.52
CA SER B 124 -39.81 -27.40 -15.68
C SER B 124 -39.20 -26.36 -16.63
N ILE B 125 -40.04 -25.47 -17.16
CA ILE B 125 -39.61 -24.51 -18.17
C ILE B 125 -40.40 -23.20 -18.11
N VAL B 126 -39.68 -22.07 -18.15
CA VAL B 126 -40.29 -20.74 -18.17
C VAL B 126 -39.61 -19.86 -19.22
N ALA B 127 -40.42 -19.09 -19.95
CA ALA B 127 -39.90 -18.12 -20.91
C ALA B 127 -39.86 -16.73 -20.30
N VAL B 128 -38.77 -16.00 -20.56
CA VAL B 128 -38.63 -14.63 -20.08
C VAL B 128 -38.48 -13.68 -21.27
N ASN B 129 -39.40 -12.73 -21.38
CA ASN B 129 -39.31 -11.66 -22.37
C ASN B 129 -38.39 -10.55 -21.84
N GLY B 130 -37.09 -10.74 -22.07
CA GLY B 130 -36.08 -9.82 -21.57
C GLY B 130 -34.71 -10.49 -21.48
N GLY B 131 -33.73 -9.74 -21.03
CA GLY B 131 -32.37 -10.25 -20.87
C GLY B 131 -32.15 -11.00 -19.57
N LEU B 132 -30.89 -11.36 -19.32
CA LEU B 132 -30.50 -12.06 -18.10
C LEU B 132 -30.96 -11.29 -16.86
N GLU B 133 -30.85 -9.97 -16.90
CA GLU B 133 -31.29 -9.11 -15.82
C GLU B 133 -32.72 -9.44 -15.39
N GLN B 134 -33.62 -9.54 -16.37
CA GLN B 134 -35.02 -9.87 -16.13
C GLN B 134 -35.21 -11.29 -15.61
N ALA B 135 -34.36 -12.20 -16.04
CA ALA B 135 -34.40 -13.58 -15.55
C ALA B 135 -34.01 -13.62 -14.08
N LEU B 136 -32.99 -12.83 -13.72
CA LEU B 136 -32.49 -12.75 -12.36
C LEU B 136 -33.52 -12.13 -11.42
N GLN B 137 -34.29 -11.17 -11.93
CA GLN B 137 -35.44 -10.59 -11.22
C GLN B 137 -36.50 -11.65 -10.93
N LEU B 138 -36.96 -12.32 -11.99
CA LEU B 138 -37.97 -13.37 -11.86
C LEU B 138 -37.59 -14.41 -10.80
N LEU B 139 -36.33 -14.83 -10.82
CA LEU B 139 -35.86 -15.88 -9.93
C LEU B 139 -35.64 -15.43 -8.48
N ALA B 140 -35.75 -14.11 -8.26
CA ALA B 140 -35.66 -13.54 -6.91
C ALA B 140 -37.05 -13.23 -6.35
N SER B 141 -38.08 -13.47 -7.15
CA SER B 141 -39.46 -13.31 -6.72
C SER B 141 -39.84 -14.42 -5.73
N PRO B 142 -40.82 -14.16 -4.85
CA PRO B 142 -41.18 -15.10 -3.77
C PRO B 142 -41.61 -16.50 -4.23
N ASN B 143 -42.03 -16.62 -5.48
CA ASN B 143 -42.38 -17.91 -6.07
C ASN B 143 -41.19 -18.83 -6.36
N TYR B 144 -39.99 -18.25 -6.42
CA TYR B 144 -38.81 -18.98 -6.89
C TYR B 144 -37.68 -19.18 -5.87
N THR B 145 -37.52 -18.25 -4.92
CA THR B 145 -36.41 -18.33 -3.96
C THR B 145 -36.44 -19.51 -2.96
N PRO B 146 -37.63 -19.95 -2.51
CA PRO B 146 -37.65 -21.15 -1.68
C PRO B 146 -37.14 -22.40 -2.41
N SER B 147 -37.36 -22.45 -3.72
CA SER B 147 -37.12 -23.66 -4.51
C SER B 147 -35.83 -23.63 -5.35
N ILE B 148 -35.44 -22.46 -5.84
CA ILE B 148 -34.23 -22.34 -6.66
C ILE B 148 -33.03 -21.94 -5.80
N GLU B 149 -32.11 -22.90 -5.63
CA GLU B 149 -30.95 -22.72 -4.77
C GLU B 149 -29.86 -21.91 -5.46
N THR B 150 -29.41 -22.39 -6.61
CA THR B 150 -28.35 -21.75 -7.37
C THR B 150 -28.81 -21.49 -8.80
N VAL B 151 -28.49 -20.31 -9.32
CA VAL B 151 -28.83 -19.93 -10.69
C VAL B 151 -27.59 -20.02 -11.57
N TYR B 152 -27.72 -20.68 -12.72
CA TYR B 152 -26.60 -20.83 -13.65
C TYR B 152 -26.88 -20.19 -15.01
N CYS B 153 -26.00 -19.29 -15.41
CA CYS B 153 -26.03 -18.75 -16.77
C CYS B 153 -25.29 -19.74 -17.68
N ILE B 154 -26.03 -20.41 -18.55
CA ILE B 154 -25.46 -21.52 -19.33
C ILE B 154 -25.23 -21.17 -20.80
N GLY B 155 -25.47 -19.92 -21.15
CA GLY B 155 -24.89 -19.43 -22.37
C GLY B 155 -25.73 -18.85 -23.48
N GLY B 156 -25.06 -18.80 -24.63
CA GLY B 156 -25.33 -17.82 -25.65
C GLY B 156 -24.34 -16.69 -25.42
N GLY B 157 -23.64 -16.31 -26.48
CA GLY B 157 -22.70 -15.17 -26.41
C GLY B 157 -23.35 -13.92 -25.86
N SER B 158 -24.54 -13.62 -26.35
CA SER B 158 -25.30 -12.44 -25.93
C SER B 158 -25.63 -12.46 -24.44
N VAL B 159 -25.90 -13.65 -23.92
CA VAL B 159 -26.23 -13.82 -22.49
C VAL B 159 -24.97 -13.70 -21.64
N TYR B 160 -23.87 -14.31 -22.10
CA TYR B 160 -22.56 -14.16 -21.48
C TYR B 160 -22.10 -12.70 -21.44
N ALA B 161 -22.35 -11.99 -22.54
CA ALA B 161 -21.99 -10.58 -22.64
C ALA B 161 -22.77 -9.73 -21.66
N GLU B 162 -24.07 -10.01 -21.51
CA GLU B 162 -24.88 -9.33 -20.52
C GLU B 162 -24.43 -9.69 -19.11
N ALA B 163 -24.01 -10.94 -18.93
CA ALA B 163 -23.50 -11.43 -17.64
C ALA B 163 -22.24 -10.67 -17.19
N LEU B 164 -21.44 -10.22 -18.15
CA LEU B 164 -20.16 -9.58 -17.83
C LEU B 164 -20.19 -8.06 -17.83
N ARG B 165 -21.38 -7.50 -17.92
CA ARG B 165 -21.55 -6.06 -17.76
C ARG B 165 -22.61 -5.73 -16.69
N PRO B 166 -22.55 -4.51 -16.12
CA PRO B 166 -23.54 -4.09 -15.11
C PRO B 166 -24.96 -4.06 -15.66
N PRO B 167 -25.97 -4.31 -14.81
CA PRO B 167 -25.82 -4.63 -13.39
C PRO B 167 -25.54 -6.09 -13.06
N CYS B 168 -25.65 -6.98 -14.05
CA CYS B 168 -25.55 -8.42 -13.81
C CYS B 168 -24.21 -8.87 -13.23
N VAL B 169 -23.12 -8.30 -13.72
CA VAL B 169 -21.76 -8.75 -13.37
C VAL B 169 -21.44 -8.69 -11.87
N HIS B 170 -22.06 -7.76 -11.16
CA HIS B 170 -21.85 -7.63 -9.71
C HIS B 170 -22.54 -8.74 -8.93
N LEU B 171 -23.52 -9.37 -9.57
CA LEU B 171 -24.24 -10.51 -9.01
C LEU B 171 -23.56 -11.86 -9.30
N LEU B 172 -22.52 -11.82 -10.13
CA LEU B 172 -21.83 -13.04 -10.56
C LEU B 172 -20.90 -13.59 -9.48
N GLN B 173 -21.29 -14.71 -8.89
CA GLN B 173 -20.59 -15.28 -7.72
C GLN B 173 -19.44 -16.21 -8.09
N ALA B 174 -19.50 -16.82 -9.28
CA ALA B 174 -18.49 -17.77 -9.74
C ALA B 174 -18.55 -17.99 -11.26
N ILE B 175 -17.39 -18.26 -11.85
CA ILE B 175 -17.31 -18.69 -13.24
C ILE B 175 -16.67 -20.08 -13.29
N TYR B 176 -17.35 -21.02 -13.93
CA TYR B 176 -16.81 -22.34 -14.21
C TYR B 176 -16.51 -22.39 -15.69
N ARG B 177 -15.22 -22.34 -16.02
CA ARG B 177 -14.79 -22.31 -17.41
C ARG B 177 -14.05 -23.59 -17.78
N THR B 178 -14.52 -24.25 -18.83
CA THR B 178 -13.80 -25.32 -19.47
C THR B 178 -13.01 -24.73 -20.63
N THR B 179 -11.72 -25.02 -20.68
CA THR B 179 -10.92 -24.67 -21.84
C THR B 179 -10.76 -25.90 -22.70
N ILE B 180 -11.22 -25.81 -23.94
CA ILE B 180 -11.03 -26.86 -24.93
C ILE B 180 -9.83 -26.50 -25.79
N ARG B 181 -8.78 -27.31 -25.69
CA ARG B 181 -7.55 -27.09 -26.47
C ARG B 181 -7.74 -27.55 -27.91
N ALA B 182 -8.40 -26.69 -28.71
CA ALA B 182 -8.77 -27.05 -30.08
C ALA B 182 -8.30 -26.03 -31.11
N GLU B 184 -9.91 -24.24 -33.81
CA GLU B 184 -11.27 -24.18 -34.35
C GLU B 184 -11.58 -22.82 -34.97
N SER B 185 -11.50 -22.75 -36.29
CA SER B 185 -11.61 -21.49 -37.03
C SER B 185 -13.06 -21.05 -37.29
N SER B 186 -14.01 -21.97 -37.15
CA SER B 186 -15.41 -21.70 -37.45
C SER B 186 -16.12 -20.81 -36.44
N CYS B 187 -15.51 -20.66 -35.25
CA CYS B 187 -16.09 -19.86 -34.17
C CYS B 187 -16.30 -18.40 -34.55
N SER B 188 -17.56 -17.95 -34.45
CA SER B 188 -17.93 -16.55 -34.71
C SER B 188 -18.55 -15.89 -33.47
N VAL B 189 -18.71 -16.65 -32.39
CA VAL B 189 -19.19 -16.11 -31.12
C VAL B 189 -18.11 -16.35 -30.05
N PHE B 190 -17.83 -15.32 -29.25
CA PHE B 190 -16.69 -15.36 -28.36
C PHE B 190 -17.01 -14.98 -26.91
N PHE B 191 -16.23 -15.53 -25.98
CA PHE B 191 -16.33 -15.18 -24.56
C PHE B 191 -14.95 -15.16 -23.91
N ARG B 192 -14.65 -14.07 -23.21
CA ARG B 192 -13.41 -13.96 -22.44
C ARG B 192 -13.61 -13.28 -21.09
N VAL B 193 -13.05 -13.91 -20.06
CA VAL B 193 -13.08 -13.39 -18.70
C VAL B 193 -12.03 -12.27 -18.58
N PRO B 194 -12.48 -11.04 -18.24
CA PRO B 194 -11.56 -9.91 -18.14
C PRO B 194 -10.58 -10.07 -16.99
N GLU B 195 -9.29 -9.86 -17.27
CA GLU B 195 -8.23 -9.98 -16.27
C GLU B 195 -8.31 -8.88 -15.21
N SER B 196 -7.75 -9.17 -14.04
CA SER B 196 -7.80 -8.28 -12.89
C SER B 196 -7.01 -7.00 -13.14
N GLY B 197 -7.63 -5.87 -12.83
CA GLY B 197 -7.01 -4.56 -13.03
C GLY B 197 -7.32 -3.95 -14.38
N THR B 198 -7.70 -4.77 -15.35
CA THR B 198 -8.02 -4.29 -16.69
C THR B 198 -9.31 -3.49 -16.70
N GLU B 199 -9.45 -2.66 -17.74
CA GLU B 199 -10.58 -1.76 -17.89
C GLU B 199 -11.91 -2.53 -17.98
N ALA B 200 -11.92 -3.61 -18.76
CA ALA B 200 -13.12 -4.43 -18.95
C ALA B 200 -13.62 -5.19 -17.71
N ALA B 201 -12.75 -5.35 -16.71
CA ALA B 201 -13.12 -6.08 -15.49
C ALA B 201 -14.08 -5.29 -14.60
N ALA B 202 -14.20 -3.99 -14.87
CA ALA B 202 -15.15 -3.11 -14.19
C ALA B 202 -15.00 -3.10 -12.66
N GLY B 203 -13.75 -3.19 -12.20
CA GLY B 203 -13.46 -3.13 -10.77
C GLY B 203 -13.47 -4.47 -10.06
N ILE B 204 -13.97 -5.49 -10.73
CA ILE B 204 -14.01 -6.83 -10.16
C ILE B 204 -12.65 -7.50 -10.35
N GLU B 205 -12.15 -8.16 -9.30
CA GLU B 205 -10.86 -8.82 -9.35
C GLU B 205 -11.01 -10.33 -9.41
N TRP B 206 -11.06 -10.86 -10.62
CA TRP B 206 -11.27 -12.29 -10.84
C TRP B 206 -10.05 -13.10 -10.46
N GLN B 207 -10.29 -14.20 -9.73
CA GLN B 207 -9.22 -15.03 -9.20
C GLN B 207 -9.48 -16.50 -9.44
N ARG B 208 -8.41 -17.23 -9.75
CA ARG B 208 -8.45 -18.67 -9.85
C ARG B 208 -8.60 -19.24 -8.44
N GLU B 209 -9.67 -20.02 -8.22
CA GLU B 209 -9.84 -20.73 -6.97
C GLU B 209 -9.31 -22.15 -7.12
N THR B 210 -9.71 -22.82 -8.19
CA THR B 210 -9.20 -24.14 -8.50
C THR B 210 -8.87 -24.26 -9.98
N ILE B 211 -7.93 -25.15 -10.29
CA ILE B 211 -7.68 -25.57 -11.66
C ILE B 211 -7.42 -27.08 -11.66
N SER B 212 -8.02 -27.77 -12.61
CA SER B 212 -7.84 -29.21 -12.77
C SER B 212 -6.54 -29.49 -13.51
N GLU B 213 -6.11 -30.74 -13.50
CA GLU B 213 -5.01 -31.18 -14.35
C GLU B 213 -5.46 -31.19 -15.80
N GLU B 214 -4.51 -31.16 -16.73
CA GLU B 214 -4.83 -31.22 -18.15
C GLU B 214 -5.12 -32.66 -18.55
N LEU B 215 -6.35 -32.92 -19.01
CA LEU B 215 -6.78 -34.27 -19.39
C LEU B 215 -7.01 -34.37 -20.89
N THR B 216 -7.05 -35.59 -21.41
CA THR B 216 -7.33 -35.83 -22.81
C THR B 216 -8.71 -36.50 -22.98
N SER B 217 -9.46 -36.05 -23.98
CA SER B 217 -10.81 -36.55 -24.24
C SER B 217 -10.81 -37.89 -24.98
N ALA B 218 -11.84 -38.68 -24.72
CA ALA B 218 -12.05 -39.93 -25.43
C ALA B 218 -12.95 -39.72 -26.66
N ASN B 219 -12.65 -38.66 -27.42
CA ASN B 219 -13.52 -38.22 -28.52
C ASN B 219 -12.99 -38.50 -29.93
N GLY B 220 -11.79 -39.07 -30.02
CA GLY B 220 -11.21 -39.43 -31.32
C GLY B 220 -10.07 -38.53 -31.74
N ASN B 221 -10.15 -37.26 -31.33
CA ASN B 221 -9.09 -36.28 -31.55
C ASN B 221 -8.13 -36.19 -30.36
N GLU B 222 -8.43 -36.94 -29.31
CA GLU B 222 -7.72 -36.81 -28.02
C GLU B 222 -7.55 -35.35 -27.64
N THR B 223 -8.65 -34.61 -27.69
CA THR B 223 -8.65 -33.17 -27.41
C THR B 223 -8.34 -32.93 -25.95
N LYS B 224 -7.37 -32.05 -25.70
CA LYS B 224 -7.00 -31.69 -24.33
C LYS B 224 -8.00 -30.69 -23.77
N TYR B 225 -8.25 -30.79 -22.47
CA TYR B 225 -9.20 -29.89 -21.80
C TYR B 225 -8.89 -29.82 -20.31
N TYR B 226 -9.26 -28.70 -19.70
CA TYR B 226 -9.17 -28.56 -18.25
C TYR B 226 -10.29 -27.66 -17.71
N PHE B 227 -10.55 -27.79 -16.42
CA PHE B 227 -11.56 -26.98 -15.75
C PHE B 227 -10.92 -26.03 -14.75
N GLU B 228 -11.46 -24.83 -14.64
CA GLU B 228 -11.10 -23.96 -13.54
C GLU B 228 -12.32 -23.23 -12.98
N LYS B 229 -12.26 -22.93 -11.69
CA LYS B 229 -13.27 -22.11 -11.04
C LYS B 229 -12.70 -20.74 -10.72
N LEU B 230 -13.36 -19.71 -11.25
CA LEU B 230 -12.97 -18.34 -10.99
C LEU B 230 -14.01 -17.68 -10.10
N ILE B 231 -13.56 -16.81 -9.20
CA ILE B 231 -14.42 -16.14 -8.24
C ILE B 231 -14.00 -14.67 -8.10
N PRO B 232 -14.98 -13.78 -7.84
CA PRO B 232 -14.58 -12.40 -7.62
C PRO B 232 -14.01 -12.23 -6.22
N ARG B 233 -12.90 -11.50 -6.12
CA ARG B 233 -12.26 -11.24 -4.84
C ARG B 233 -13.18 -10.39 -3.94
N ASN B 234 -13.56 -10.93 -2.78
CA ASN B 234 -14.35 -10.17 -1.81
C ASN B 234 -13.42 -9.40 -0.86
N ARG B 235 -13.00 -8.22 -1.30
CA ARG B 235 -12.03 -7.39 -0.57
C ARG B 235 -12.47 -7.02 0.84
N GLU B 236 -13.77 -6.86 1.03
CA GLU B 236 -14.31 -6.46 2.33
C GLU B 236 -14.16 -7.51 3.42
N GLU B 237 -14.41 -8.78 3.08
CA GLU B 237 -14.18 -9.86 4.04
C GLU B 237 -12.68 -10.13 4.22
N GLU B 238 -11.88 -9.98 3.17
CA GLU B 238 -10.42 -10.09 3.31
C GLU B 238 -9.91 -9.10 4.36
N GLN B 239 -10.50 -7.91 4.35
CA GLN B 239 -10.17 -6.85 5.29
C GLN B 239 -10.44 -7.30 6.74
N TYR B 240 -11.52 -8.05 6.93
CA TYR B 240 -11.83 -8.64 8.23
C TYR B 240 -10.81 -9.73 8.57
N LEU B 241 -10.55 -10.62 7.62
CA LEU B 241 -9.56 -11.69 7.83
C LEU B 241 -8.14 -11.16 8.10
N SER B 242 -7.76 -10.07 7.44
CA SER B 242 -6.45 -9.45 7.66
C SER B 242 -6.31 -8.89 9.07
N LEU B 243 -7.39 -8.28 9.57
CA LEU B 243 -7.42 -7.76 10.92
C LEU B 243 -7.23 -8.88 11.95
N VAL B 244 -8.00 -9.96 11.79
CA VAL B 244 -7.90 -11.11 12.68
C VAL B 244 -6.45 -11.62 12.69
N ASP B 245 -5.90 -11.80 11.50
CA ASP B 245 -4.54 -12.29 11.33
C ASP B 245 -3.51 -11.40 12.03
N ARG B 246 -3.70 -10.08 11.93
CA ARG B 246 -2.81 -9.12 12.56
C ARG B 246 -2.90 -9.19 14.09
N ILE B 247 -4.11 -9.40 14.61
CA ILE B 247 -4.33 -9.57 16.03
C ILE B 247 -3.58 -10.82 16.53
N ILE B 248 -3.69 -11.90 15.77
CA ILE B 248 -3.00 -13.14 16.11
C ILE B 248 -1.48 -12.98 16.05
N ARG B 249 -0.98 -12.30 15.02
CA ARG B 249 0.47 -12.15 14.82
C ARG B 249 1.09 -11.06 15.69
N GLU B 250 0.31 -10.03 16.02
CA GLU B 250 0.86 -8.80 16.62
C GLU B 250 0.14 -8.33 17.88
N GLY B 251 -1.05 -8.87 18.13
CA GLY B 251 -1.82 -8.50 19.31
C GLY B 251 -1.12 -8.84 20.62
N ASN B 252 -1.43 -8.06 21.64
CA ASN B 252 -0.89 -8.30 22.97
C ASN B 252 -1.82 -9.19 23.78
N VAL B 253 -1.22 -10.01 24.64
CA VAL B 253 -1.97 -10.86 25.55
C VAL B 253 -2.66 -10.01 26.62
N LYS B 254 -3.98 -10.16 26.72
CA LYS B 254 -4.78 -9.51 27.73
C LYS B 254 -5.70 -10.55 28.36
N HIS B 255 -6.33 -10.19 29.47
CA HIS B 255 -7.29 -11.09 30.11
C HIS B 255 -8.61 -10.39 30.37
N ASP B 256 -9.72 -11.07 30.12
CA ASP B 256 -11.04 -10.45 30.31
C ASP B 256 -11.49 -10.48 31.77
N ARG B 257 -12.74 -10.04 32.01
CA ARG B 257 -13.27 -9.92 33.37
C ARG B 257 -13.31 -11.25 34.14
N THR B 258 -13.39 -12.36 33.42
CA THR B 258 -13.38 -13.70 34.02
C THR B 258 -11.99 -14.34 34.06
N GLY B 259 -11.00 -13.66 33.49
CA GLY B 259 -9.60 -14.13 33.53
C GLY B 259 -9.15 -14.95 32.33
N VAL B 260 -10.01 -15.04 31.32
CA VAL B 260 -9.71 -15.76 30.07
C VAL B 260 -8.78 -14.92 29.20
N GLY B 261 -7.76 -15.56 28.64
CA GLY B 261 -6.77 -14.89 27.79
C GLY B 261 -7.30 -14.48 26.42
N THR B 262 -6.91 -13.29 25.97
CA THR B 262 -7.17 -12.82 24.61
C THR B 262 -5.90 -12.26 23.97
N LEU B 263 -5.90 -12.18 22.66
CA LEU B 263 -4.91 -11.42 21.92
C LEU B 263 -5.65 -10.19 21.40
N SER B 264 -5.07 -9.01 21.57
CA SER B 264 -5.78 -7.79 21.20
C SER B 264 -4.92 -6.64 20.68
N ILE B 265 -5.53 -5.86 19.78
CA ILE B 265 -4.96 -4.61 19.30
C ILE B 265 -5.95 -3.50 19.64
N PHE B 266 -5.45 -2.27 19.70
CA PHE B 266 -6.29 -1.13 20.00
C PHE B 266 -6.44 -0.18 18.81
N GLY B 267 -7.69 0.01 18.37
CA GLY B 267 -8.01 0.94 17.31
C GLY B 267 -7.89 0.37 15.91
N ALA B 268 -9.02 0.02 15.32
CA ALA B 268 -9.09 -0.42 13.93
C ALA B 268 -10.33 0.17 13.24
N GLN B 269 -10.41 0.02 11.93
CA GLN B 269 -11.55 0.53 11.16
C GLN B 269 -11.75 -0.31 9.91
N MET B 270 -13.00 -0.68 9.65
CA MET B 270 -13.39 -1.43 8.45
C MET B 270 -14.56 -0.75 7.74
N ARG B 271 -14.71 -1.04 6.45
CA ARG B 271 -15.79 -0.47 5.64
C ARG B 271 -16.54 -1.56 4.88
N PHE B 272 -17.86 -1.42 4.80
CA PHE B 272 -18.69 -2.36 4.04
C PHE B 272 -19.76 -1.61 3.25
N SER B 273 -19.83 -1.88 1.95
CA SER B 273 -20.84 -1.27 1.09
C SER B 273 -22.19 -1.95 1.28
N LEU B 274 -23.23 -1.14 1.44
CA LEU B 274 -24.59 -1.64 1.65
C LEU B 274 -25.42 -1.35 0.43
N ARG B 275 -24.76 -0.94 -0.65
CA ARG B 275 -25.45 -0.46 -1.84
C ARG B 275 -26.26 -1.56 -2.52
N ASN B 276 -27.43 -1.17 -3.01
CA ASN B 276 -28.44 -2.09 -3.57
C ASN B 276 -28.91 -3.14 -2.56
N ASN B 277 -28.92 -2.76 -1.29
CA ASN B 277 -29.25 -3.65 -0.18
C ASN B 277 -28.31 -4.87 -0.10
N ARG B 278 -27.04 -4.67 -0.44
CA ARG B 278 -26.04 -5.69 -0.18
C ARG B 278 -25.87 -5.86 1.33
N LEU B 279 -25.84 -7.11 1.76
CA LEU B 279 -25.80 -7.42 3.18
C LEU B 279 -24.47 -8.11 3.52
N PRO B 280 -23.58 -7.42 4.26
CA PRO B 280 -22.29 -7.98 4.60
C PRO B 280 -22.35 -9.06 5.70
N LEU B 281 -23.02 -10.17 5.40
CA LEU B 281 -22.93 -11.38 6.23
C LEU B 281 -21.69 -12.16 5.86
N LEU B 282 -20.78 -12.33 6.82
CA LEU B 282 -19.51 -13.02 6.58
C LEU B 282 -19.71 -14.45 6.06
N THR B 283 -18.88 -14.85 5.10
CA THR B 283 -19.05 -16.13 4.44
C THR B 283 -18.10 -17.22 4.95
N THR B 284 -16.95 -16.82 5.49
CA THR B 284 -15.97 -17.81 5.98
C THR B 284 -16.42 -18.47 7.29
N LYS B 285 -17.41 -17.87 7.95
CA LYS B 285 -18.14 -18.48 9.05
C LYS B 285 -19.55 -17.93 9.09
N ARG B 286 -20.54 -18.83 9.12
CA ARG B 286 -21.94 -18.46 9.12
C ARG B 286 -22.30 -17.52 10.28
N VAL B 287 -23.02 -16.46 9.96
CA VAL B 287 -23.55 -15.54 10.96
C VAL B 287 -25.03 -15.85 11.19
N PHE B 288 -25.43 -15.83 12.46
CA PHE B 288 -26.82 -16.10 12.88
C PHE B 288 -27.73 -14.91 12.53
N TRP B 289 -28.07 -14.80 11.25
CA TRP B 289 -28.85 -13.68 10.74
C TRP B 289 -30.19 -13.51 11.48
N ARG B 290 -30.93 -14.60 11.63
CA ARG B 290 -32.24 -14.52 12.27
C ARG B 290 -32.15 -13.87 13.65
N GLY B 291 -31.14 -14.24 14.42
CA GLY B 291 -30.82 -13.57 15.69
C GLY B 291 -30.50 -12.10 15.54
N VAL B 292 -29.61 -11.78 14.59
CA VAL B 292 -29.24 -10.39 14.30
C VAL B 292 -30.48 -9.54 14.03
N CYS B 293 -31.34 -10.04 13.17
CA CYS B 293 -32.53 -9.33 12.73
C CYS B 293 -33.52 -9.10 13.86
N GLU B 294 -33.85 -10.17 14.60
CA GLU B 294 -34.79 -10.06 15.70
C GLU B 294 -34.28 -9.11 16.77
N GLU B 295 -32.99 -9.19 17.06
CA GLU B 295 -32.37 -8.32 18.07
C GLU B 295 -32.38 -6.85 17.67
N LEU B 296 -32.07 -6.57 16.39
CA LEU B 296 -32.02 -5.18 15.95
C LEU B 296 -33.39 -4.52 16.00
N LEU B 297 -34.41 -5.22 15.51
CA LEU B 297 -35.79 -4.72 15.53
C LEU B 297 -36.22 -4.45 16.96
N TRP B 298 -35.84 -5.39 17.84
CA TRP B 298 -36.04 -5.29 19.28
C TRP B 298 -35.35 -4.03 19.83
N PHE B 299 -34.11 -3.76 19.40
CA PHE B 299 -33.42 -2.50 19.73
C PHE B 299 -34.25 -1.30 19.27
N LEU B 300 -34.62 -1.30 17.98
CA LEU B 300 -35.32 -0.18 17.36
C LEU B 300 -36.63 0.15 18.06
N ARG B 301 -37.32 -0.87 18.56
CA ARG B 301 -38.57 -0.71 19.28
C ARG B 301 -38.35 -0.16 20.70
N GLY B 302 -37.09 -0.09 21.12
CA GLY B 302 -36.73 0.36 22.47
C GLY B 302 -37.06 -0.65 23.55
N GLU B 303 -37.05 -1.93 23.20
CA GLU B 303 -37.37 -3.01 24.12
C GLU B 303 -36.24 -3.22 25.13
N THR B 304 -36.58 -3.82 26.27
CA THR B 304 -35.60 -4.15 27.31
C THR B 304 -35.85 -5.54 27.87
N TYR B 305 -37.01 -6.13 27.53
CA TYR B 305 -37.39 -7.45 28.02
C TYR B 305 -36.88 -8.52 27.07
N ALA B 306 -35.80 -9.19 27.47
CA ALA B 306 -35.13 -10.14 26.61
C ALA B 306 -35.91 -11.43 26.37
N LYS B 307 -36.97 -11.63 27.15
CA LYS B 307 -37.86 -12.79 26.98
C LYS B 307 -38.57 -12.75 25.62
N LYS B 308 -38.71 -11.54 25.08
CA LYS B 308 -39.30 -11.35 23.76
C LYS B 308 -38.43 -11.98 22.68
N LEU B 309 -37.13 -12.04 22.93
CA LEU B 309 -36.18 -12.73 22.06
C LEU B 309 -36.19 -14.23 22.33
N SER B 310 -36.13 -14.62 23.61
CA SER B 310 -36.21 -16.02 24.02
C SER B 310 -37.38 -16.75 23.37
N ASP B 311 -38.55 -16.13 23.41
CA ASP B 311 -39.79 -16.71 22.89
C ASP B 311 -39.71 -16.99 21.39
N LYS B 312 -38.87 -16.21 20.70
CA LYS B 312 -38.64 -16.37 19.27
C LYS B 312 -37.41 -17.23 18.97
N GLY B 313 -36.93 -17.94 19.99
CA GLY B 313 -35.79 -18.85 19.83
C GLY B 313 -34.45 -18.17 19.66
N VAL B 314 -34.34 -16.91 20.09
CA VAL B 314 -33.08 -16.17 20.04
C VAL B 314 -32.57 -16.04 21.48
N HIS B 315 -31.53 -16.80 21.81
CA HIS B 315 -31.11 -16.98 23.20
C HIS B 315 -29.84 -16.22 23.59
N ILE B 316 -29.42 -15.27 22.75
CA ILE B 316 -28.20 -14.50 22.99
C ILE B 316 -28.15 -13.73 24.32
N TRP B 317 -29.32 -13.38 24.86
CA TRP B 317 -29.40 -12.61 26.10
C TRP B 317 -29.70 -13.42 27.38
N ASP B 318 -29.85 -14.73 27.23
CA ASP B 318 -30.25 -15.60 28.34
C ASP B 318 -29.28 -15.59 29.55
N ASP B 319 -27.98 -15.66 29.28
CA ASP B 319 -26.98 -15.65 30.33
C ASP B 319 -26.95 -14.32 31.09
N ASN B 320 -27.17 -13.23 30.37
CA ASN B 320 -27.10 -11.90 30.97
C ASN B 320 -28.42 -11.42 31.55
N GLY B 321 -29.47 -12.22 31.38
CA GLY B 321 -30.79 -11.91 31.91
C GLY B 321 -31.25 -12.82 33.03
N SER B 322 -30.44 -13.82 33.38
CA SER B 322 -30.79 -14.77 34.44
C SER B 322 -30.87 -14.10 35.80
N ARG B 323 -31.68 -14.67 36.68
CA ARG B 323 -31.77 -14.24 38.07
C ARG B 323 -30.38 -14.03 38.66
N ALA B 324 -29.52 -15.04 38.53
CA ALA B 324 -28.15 -15.00 39.06
C ALA B 324 -27.29 -13.86 38.53
N PHE B 325 -27.31 -13.64 37.22
CA PHE B 325 -26.51 -12.57 36.63
C PHE B 325 -27.03 -11.18 36.99
N LEU B 326 -28.34 -11.01 36.96
CA LEU B 326 -28.93 -9.72 37.34
C LEU B 326 -28.58 -9.36 38.77
N ASP B 327 -28.63 -10.35 39.66
CA ASP B 327 -28.25 -10.18 41.07
C ASP B 327 -26.77 -9.83 41.23
N SER B 328 -25.91 -10.43 40.41
CA SER B 328 -24.47 -10.15 40.45
C SER B 328 -24.18 -8.75 39.95
N ARG B 329 -25.21 -8.09 39.47
CA ARG B 329 -25.12 -6.74 38.94
C ARG B 329 -25.84 -5.78 39.89
N GLY B 330 -26.45 -6.32 40.93
CA GLY B 330 -27.19 -5.55 41.93
C GLY B 330 -28.64 -5.28 41.55
N LEU B 331 -29.09 -5.92 40.47
CA LEU B 331 -30.39 -5.63 39.88
C LEU B 331 -31.45 -6.62 40.34
N THR B 332 -31.67 -6.62 41.66
CA THR B 332 -32.47 -7.63 42.33
C THR B 332 -33.98 -7.44 42.21
N GLU B 333 -34.40 -6.23 41.83
CA GLU B 333 -35.83 -5.95 41.67
C GLU B 333 -36.31 -6.23 40.25
N TYR B 334 -35.38 -6.33 39.30
CA TYR B 334 -35.71 -6.70 37.93
C TYR B 334 -36.16 -8.15 37.89
N GLU B 335 -37.35 -8.40 37.36
CA GLU B 335 -37.79 -9.78 37.14
C GLU B 335 -36.90 -10.39 36.06
N GLU B 336 -36.82 -11.72 36.04
CA GLU B 336 -35.92 -12.41 35.11
C GLU B 336 -36.11 -11.97 33.66
N MET B 337 -34.99 -11.73 32.97
CA MET B 337 -34.93 -11.30 31.56
C MET B 337 -35.16 -9.80 31.33
N ASP B 338 -35.42 -9.06 32.41
CA ASP B 338 -35.47 -7.60 32.36
C ASP B 338 -34.04 -7.05 32.51
N LEU B 339 -33.52 -6.46 31.44
CA LEU B 339 -32.10 -6.09 31.37
C LEU B 339 -31.83 -4.67 31.82
N GLY B 340 -32.89 -3.94 32.15
CA GLY B 340 -32.76 -2.54 32.49
C GLY B 340 -32.70 -1.70 31.24
N PRO B 341 -32.37 -0.41 31.40
CA PRO B 341 -32.44 0.55 30.29
C PRO B 341 -31.26 0.40 29.32
N VAL B 342 -31.11 -0.79 28.73
CA VAL B 342 -30.02 -1.07 27.79
C VAL B 342 -30.31 -0.56 26.38
N TYR B 343 -29.25 -0.40 25.59
CA TYR B 343 -29.31 -0.19 24.13
C TYR B 343 -30.50 0.61 23.60
N GLY B 344 -31.51 -0.10 23.11
CA GLY B 344 -32.67 0.50 22.46
C GLY B 344 -33.45 1.45 23.33
N PHE B 345 -33.45 1.20 24.65
CA PHE B 345 -34.09 2.11 25.58
C PHE B 345 -33.42 3.48 25.52
N GLN B 346 -32.09 3.51 25.51
CA GLN B 346 -31.35 4.76 25.35
C GLN B 346 -31.53 5.36 23.95
N TRP B 347 -31.67 4.50 22.94
CA TRP B 347 -31.89 4.97 21.57
C TRP B 347 -33.20 5.73 21.45
N ARG B 348 -34.24 5.24 22.14
CA ARG B 348 -35.59 5.83 22.01
C ARG B 348 -35.99 6.72 23.19
N HIS B 349 -35.33 6.51 24.33
CA HIS B 349 -35.69 7.20 25.57
C HIS B 349 -34.47 7.61 26.38
N PHE B 350 -33.49 8.22 25.73
CA PHE B 350 -32.25 8.56 26.43
C PHE B 350 -32.55 9.37 27.67
N GLY B 351 -31.94 8.97 28.78
CA GLY B 351 -32.02 9.72 30.03
C GLY B 351 -33.28 9.52 30.85
N ALA B 352 -34.26 8.82 30.30
CA ALA B 352 -35.50 8.55 31.02
C ALA B 352 -35.27 7.60 32.19
N ALA B 353 -36.02 7.81 33.27
CA ALA B 353 -35.90 6.98 34.45
C ALA B 353 -36.53 5.62 34.20
N TYR B 354 -35.82 4.56 34.59
CA TYR B 354 -36.28 3.20 34.38
C TYR B 354 -36.83 2.61 35.67
N THR B 355 -37.92 1.86 35.54
CA THR B 355 -38.45 1.10 36.66
C THR B 355 -38.44 -0.38 36.27
N HIS B 356 -39.37 -0.75 35.39
CA HIS B 356 -39.46 -2.11 34.88
C HIS B 356 -39.81 -2.08 33.39
N HIS B 357 -39.54 -3.20 32.71
CA HIS B 357 -39.76 -3.33 31.27
C HIS B 357 -41.21 -3.10 30.86
N ASP B 358 -42.15 -3.48 31.72
CA ASP B 358 -43.57 -3.44 31.40
C ASP B 358 -44.27 -2.08 31.66
N ALA B 359 -43.48 -1.08 32.05
CA ALA B 359 -44.01 0.27 32.28
C ALA B 359 -44.10 1.07 30.98
N ASN B 360 -44.83 2.17 31.03
CA ASN B 360 -45.03 3.03 29.87
C ASN B 360 -43.94 4.07 29.76
N TYR B 361 -43.28 4.13 28.59
CA TYR B 361 -42.18 5.05 28.41
C TYR B 361 -42.41 6.07 27.27
N ASP B 362 -43.59 6.01 26.67
CA ASP B 362 -43.98 6.92 25.61
C ASP B 362 -43.68 8.36 25.99
N GLY B 363 -42.88 9.03 25.16
CA GLY B 363 -42.61 10.45 25.31
C GLY B 363 -41.65 10.82 26.43
N GLN B 364 -40.97 9.81 26.98
CA GLN B 364 -39.97 10.05 28.03
C GLN B 364 -38.56 9.98 27.45
N GLY B 365 -37.70 10.88 27.93
CA GLY B 365 -36.32 10.97 27.44
C GLY B 365 -36.23 11.42 26.01
N VAL B 366 -35.01 11.38 25.46
CA VAL B 366 -34.77 11.85 24.10
C VAL B 366 -34.88 10.70 23.11
N ASP B 367 -35.80 10.83 22.16
CA ASP B 367 -35.92 9.86 21.08
C ASP B 367 -34.91 10.20 19.99
N GLN B 368 -33.73 9.58 20.09
CA GLN B 368 -32.62 9.91 19.20
C GLN B 368 -32.85 9.41 17.79
N ILE B 369 -33.51 8.25 17.66
CA ILE B 369 -33.79 7.68 16.33
C ILE B 369 -34.75 8.59 15.55
N LYS B 370 -35.81 9.02 16.21
CA LYS B 370 -36.80 9.95 15.65
C LYS B 370 -36.13 11.23 15.11
N ALA B 371 -35.32 11.87 15.93
CA ALA B 371 -34.66 13.13 15.58
C ALA B 371 -33.72 12.94 14.40
N ILE B 372 -32.99 11.83 14.41
CA ILE B 372 -32.15 11.46 13.27
C ILE B 372 -32.98 11.32 11.99
N VAL B 373 -34.09 10.60 12.08
CA VAL B 373 -34.96 10.39 10.92
C VAL B 373 -35.47 11.72 10.36
N GLU B 374 -35.82 12.64 11.24
CA GLU B 374 -36.32 13.95 10.81
C GLU B 374 -35.20 14.85 10.27
N THR B 375 -34.02 14.79 10.87
CA THR B 375 -32.91 15.59 10.40
C THR B 375 -32.46 15.12 9.01
N LEU B 376 -32.43 13.80 8.82
CA LEU B 376 -32.00 13.22 7.56
C LEU B 376 -32.84 13.67 6.37
N LYS B 377 -34.12 13.93 6.62
CA LYS B 377 -35.05 14.29 5.56
C LYS B 377 -34.95 15.76 5.16
N THR B 378 -34.58 16.61 6.12
CA THR B 378 -34.58 18.06 5.91
C THR B 378 -33.18 18.66 5.75
N ASN B 379 -32.24 18.26 6.61
CA ASN B 379 -30.85 18.72 6.48
C ASN B 379 -29.81 17.59 6.46
N PRO B 380 -29.57 17.03 5.26
CA PRO B 380 -28.64 15.91 5.03
C PRO B 380 -27.18 16.21 5.37
N ASP B 381 -26.77 17.49 5.28
CA ASP B 381 -25.39 17.88 5.57
C ASP B 381 -25.06 17.99 7.06
N ASP B 382 -26.09 17.89 7.89
CA ASP B 382 -25.94 17.99 9.35
C ASP B 382 -24.83 17.07 9.90
N ARG B 383 -24.13 17.57 10.92
CA ARG B 383 -22.98 16.86 11.48
C ARG B 383 -23.25 16.37 12.91
N ARG B 384 -24.51 16.32 13.30
CA ARG B 384 -24.92 15.96 14.66
C ARG B 384 -25.89 14.77 14.70
N MET B 385 -26.04 14.07 13.57
CA MET B 385 -26.96 12.95 13.49
C MET B 385 -26.36 11.68 14.09
N LEU B 386 -26.26 11.67 15.43
CA LEU B 386 -25.65 10.58 16.18
C LEU B 386 -26.63 10.07 17.20
N PHE B 387 -26.59 8.78 17.48
CA PHE B 387 -27.24 8.27 18.68
C PHE B 387 -26.24 7.52 19.52
N THR B 388 -26.48 7.47 20.82
CA THR B 388 -25.59 6.79 21.76
C THR B 388 -26.39 5.98 22.77
N ALA B 389 -25.80 4.88 23.23
CA ALA B 389 -26.36 4.12 24.35
C ALA B 389 -25.48 4.28 25.59
N TRP B 390 -24.35 4.95 25.41
CA TRP B 390 -23.40 5.16 26.51
C TRP B 390 -23.86 6.31 27.39
N ASN B 391 -24.63 5.95 28.41
CA ASN B 391 -25.20 6.90 29.34
C ASN B 391 -24.66 6.61 30.73
N PRO B 392 -23.61 7.35 31.15
CA PRO B 392 -22.95 7.13 32.44
C PRO B 392 -23.92 7.07 33.63
N SER B 393 -24.96 7.89 33.61
CA SER B 393 -25.97 7.88 34.68
C SER B 393 -26.73 6.56 34.72
N ALA B 394 -26.94 5.96 33.55
CA ALA B 394 -27.78 4.77 33.45
C ALA B 394 -27.01 3.46 33.46
N LEU B 395 -25.70 3.50 33.17
CA LEU B 395 -24.89 2.29 33.15
C LEU B 395 -25.13 1.37 34.36
N PRO B 396 -25.08 1.92 35.60
CA PRO B 396 -25.25 1.02 36.74
C PRO B 396 -26.59 0.27 36.76
N ARG B 397 -27.57 0.80 36.03
CA ARG B 397 -28.92 0.22 35.98
C ARG B 397 -29.06 -0.87 34.91
N MET B 398 -28.03 -1.06 34.10
CA MET B 398 -28.06 -1.99 32.98
C MET B 398 -27.51 -3.36 33.35
N ALA B 399 -28.04 -4.42 32.73
CA ALA B 399 -27.46 -5.75 32.87
C ALA B 399 -26.00 -5.74 32.37
N LEU B 400 -25.76 -4.97 31.32
CA LEU B 400 -24.46 -4.87 30.70
C LEU B 400 -24.34 -3.48 30.08
N PRO B 401 -23.16 -2.84 30.23
CA PRO B 401 -22.94 -1.59 29.50
C PRO B 401 -22.88 -1.88 28.00
N PRO B 402 -23.32 -0.92 27.16
CA PRO B 402 -23.36 -1.17 25.73
C PRO B 402 -21.98 -1.43 25.14
N CYS B 403 -21.92 -2.35 24.18
CA CYS B 403 -20.69 -2.65 23.50
C CYS B 403 -20.57 -1.78 22.25
N HIS B 404 -21.52 -1.93 21.35
CA HIS B 404 -21.72 -0.98 20.27
C HIS B 404 -22.51 0.18 20.86
N LEU B 405 -21.82 1.30 21.06
CA LEU B 405 -22.33 2.33 21.95
C LEU B 405 -22.74 3.63 21.25
N LEU B 406 -22.33 3.78 20.00
CA LEU B 406 -22.52 5.04 19.30
C LEU B 406 -22.59 4.77 17.81
N ALA B 407 -23.43 5.54 17.12
CA ALA B 407 -23.48 5.53 15.67
C ALA B 407 -23.75 6.92 15.14
N GLN B 408 -23.13 7.24 14.01
CA GLN B 408 -23.29 8.52 13.36
C GLN B 408 -23.70 8.29 11.92
N PHE B 409 -24.57 9.17 11.41
CA PHE B 409 -25.03 9.07 10.03
C PHE B 409 -24.48 10.19 9.15
N TYR B 410 -24.47 9.91 7.85
CA TYR B 410 -23.84 10.76 6.86
C TYR B 410 -24.53 10.52 5.53
N VAL B 411 -24.76 11.60 4.78
CA VAL B 411 -25.42 11.50 3.49
C VAL B 411 -24.55 12.08 2.38
N SER B 412 -24.37 11.30 1.31
CA SER B 412 -23.73 11.79 0.10
C SER B 412 -24.35 11.10 -1.10
N ASN B 413 -24.66 11.91 -2.13
CA ASN B 413 -25.27 11.43 -3.37
C ASN B 413 -26.54 10.62 -3.14
N GLY B 414 -27.36 11.08 -2.21
CA GLY B 414 -28.59 10.39 -1.87
C GLY B 414 -28.38 9.04 -1.21
N GLU B 415 -27.18 8.80 -0.70
CA GLU B 415 -26.90 7.54 -0.01
C GLU B 415 -26.64 7.75 1.46
N LEU B 416 -27.21 6.87 2.28
CA LEU B 416 -27.03 6.94 3.73
C LEU B 416 -25.90 6.05 4.22
N SER B 417 -24.93 6.65 4.89
CA SER B 417 -23.82 5.93 5.49
C SER B 417 -23.84 6.01 7.02
N CYS B 418 -23.34 4.96 7.66
CA CYS B 418 -23.34 4.89 9.10
C CYS B 418 -21.97 4.51 9.64
N MET B 419 -21.57 5.19 10.71
CA MET B 419 -20.37 4.82 11.44
C MET B 419 -20.76 4.28 12.81
N LEU B 420 -20.30 3.06 13.10
CA LEU B 420 -20.50 2.45 14.39
C LEU B 420 -19.21 2.54 15.18
N TYR B 421 -19.32 2.97 16.45
CA TYR B 421 -18.20 2.85 17.38
C TYR B 421 -18.45 1.71 18.36
N GLN B 422 -17.50 0.78 18.43
CA GLN B 422 -17.61 -0.37 19.32
C GLN B 422 -16.38 -0.45 20.24
N ARG B 423 -16.62 -0.41 21.55
CA ARG B 423 -15.52 -0.36 22.53
C ARG B 423 -14.76 -1.66 22.66
N SER B 424 -15.48 -2.77 22.54
CA SER B 424 -14.91 -4.09 22.81
C SER B 424 -15.38 -5.03 21.72
N CYS B 425 -14.43 -5.62 21.00
CA CYS B 425 -14.74 -6.33 19.78
C CYS B 425 -14.14 -7.73 19.74
N ASP B 426 -14.98 -8.72 20.03
CA ASP B 426 -14.63 -10.12 19.84
C ASP B 426 -14.78 -10.45 18.36
N MET B 427 -13.66 -10.67 17.69
CA MET B 427 -13.63 -10.89 16.24
C MET B 427 -14.36 -12.16 15.79
N GLY B 428 -14.38 -13.17 16.65
CA GLY B 428 -15.02 -14.45 16.33
C GLY B 428 -16.54 -14.40 16.23
N LEU B 429 -17.19 -13.80 17.22
CA LEU B 429 -18.65 -13.84 17.29
C LEU B 429 -19.28 -12.45 17.22
N GLY B 430 -18.90 -11.57 18.15
CA GLY B 430 -19.50 -10.25 18.27
C GLY B 430 -19.36 -9.36 17.04
N VAL B 431 -18.18 -9.34 16.43
CA VAL B 431 -17.93 -8.46 15.29
C VAL B 431 -18.81 -8.78 14.07
N PRO B 432 -18.75 -10.02 13.54
CA PRO B 432 -19.61 -10.34 12.39
C PRO B 432 -21.07 -10.06 12.66
N PHE B 433 -21.52 -10.41 13.86
CA PHE B 433 -22.89 -10.17 14.29
C PHE B 433 -23.24 -8.68 14.21
N ASN B 434 -22.36 -7.85 14.76
CA ASN B 434 -22.59 -6.40 14.81
C ASN B 434 -22.51 -5.70 13.45
N ILE B 435 -21.61 -6.18 12.58
CA ILE B 435 -21.56 -5.72 11.20
C ILE B 435 -22.94 -5.84 10.58
N ALA B 436 -23.54 -7.01 10.76
CA ALA B 436 -24.85 -7.32 10.20
C ALA B 436 -25.97 -6.48 10.82
N SER B 437 -25.91 -6.28 12.15
CA SER B 437 -26.88 -5.44 12.86
C SER B 437 -26.92 -4.03 12.30
N TYR B 438 -25.75 -3.41 12.17
CA TYR B 438 -25.72 -2.01 11.75
C TYR B 438 -25.90 -1.83 10.24
N ALA B 439 -25.68 -2.92 9.49
CA ALA B 439 -26.04 -2.97 8.09
C ALA B 439 -27.57 -2.89 7.97
N LEU B 440 -28.27 -3.74 8.73
CA LEU B 440 -29.73 -3.74 8.78
C LEU B 440 -30.29 -2.40 9.26
N LEU B 441 -29.73 -1.86 10.34
CA LEU B 441 -30.15 -0.56 10.85
C LEU B 441 -30.07 0.50 9.76
N THR B 442 -28.91 0.59 9.08
CA THR B 442 -28.71 1.60 8.05
C THR B 442 -29.68 1.44 6.89
N ILE B 443 -29.90 0.19 6.47
CA ILE B 443 -30.88 -0.14 5.44
C ILE B 443 -32.28 0.34 5.84
N LEU B 444 -32.64 0.11 7.11
CA LEU B 444 -33.95 0.52 7.61
C LEU B 444 -34.10 2.05 7.73
N ILE B 445 -33.07 2.71 8.26
CA ILE B 445 -33.11 4.16 8.39
C ILE B 445 -33.11 4.83 7.01
N ALA B 446 -32.40 4.23 6.07
CA ALA B 446 -32.44 4.67 4.68
C ALA B 446 -33.86 4.61 4.12
N LYS B 447 -34.56 3.50 4.38
CA LYS B 447 -35.95 3.35 3.92
C LYS B 447 -36.87 4.34 4.62
N ALA B 448 -36.60 4.60 5.90
CA ALA B 448 -37.39 5.56 6.70
C ALA B 448 -37.20 7.02 6.26
N THR B 449 -36.16 7.30 5.49
CA THR B 449 -35.81 8.68 5.14
C THR B 449 -35.80 8.96 3.63
N GLY B 450 -36.18 7.96 2.83
CA GLY B 450 -36.19 8.11 1.37
C GLY B 450 -34.81 8.17 0.73
N LEU B 451 -33.83 7.57 1.39
CA LEU B 451 -32.46 7.51 0.88
C LEU B 451 -32.09 6.10 0.48
N ARG B 452 -31.09 5.99 -0.39
CA ARG B 452 -30.52 4.69 -0.74
C ARG B 452 -29.45 4.32 0.30
N PRO B 453 -29.30 3.03 0.64
CA PRO B 453 -28.25 2.70 1.59
C PRO B 453 -26.87 2.87 0.97
N GLY B 454 -25.92 3.37 1.76
CA GLY B 454 -24.56 3.59 1.30
C GLY B 454 -23.53 2.67 1.94
N GLU B 455 -22.73 3.24 2.83
CA GLU B 455 -21.56 2.56 3.38
C GLU B 455 -21.69 2.38 4.91
N LEU B 456 -21.32 1.20 5.39
CA LEU B 456 -21.13 0.99 6.83
C LEU B 456 -19.64 1.11 7.15
N VAL B 457 -19.31 1.99 8.09
CA VAL B 457 -17.95 2.08 8.61
C VAL B 457 -17.96 1.59 10.05
N HIS B 458 -17.04 0.70 10.37
CA HIS B 458 -17.01 0.07 11.68
C HIS B 458 -15.72 0.45 12.41
N THR B 459 -15.84 1.26 13.45
CA THR B 459 -14.69 1.60 14.29
C THR B 459 -14.61 0.68 15.51
N LEU B 460 -13.46 0.02 15.66
CA LEU B 460 -13.23 -0.93 16.74
C LEU B 460 -12.26 -0.36 17.78
N GLY B 461 -12.58 -0.54 19.05
CA GLY B 461 -11.70 -0.14 20.15
C GLY B 461 -10.72 -1.24 20.50
N ASP B 462 -11.03 -1.99 21.56
CA ASP B 462 -10.26 -3.17 21.97
C ASP B 462 -10.72 -4.32 21.10
N ALA B 463 -9.94 -4.64 20.06
CA ALA B 463 -10.31 -5.70 19.11
C ALA B 463 -9.53 -6.94 19.43
N HIS B 464 -10.23 -8.04 19.69
CA HIS B 464 -9.60 -9.21 20.28
C HIS B 464 -10.10 -10.56 19.77
N VAL B 465 -9.20 -11.54 19.87
CA VAL B 465 -9.49 -12.93 19.61
C VAL B 465 -9.16 -13.68 20.89
N TYR B 466 -10.01 -14.63 21.27
CA TYR B 466 -9.73 -15.46 22.43
C TYR B 466 -8.60 -16.45 22.15
N SER B 467 -7.71 -16.66 23.11
CA SER B 467 -6.55 -17.55 22.95
C SER B 467 -6.95 -19.00 22.65
N ASN B 468 -8.08 -19.42 23.21
CA ASN B 468 -8.65 -20.73 22.94
C ASN B 468 -9.39 -20.80 21.58
N HIS B 469 -9.25 -19.73 20.79
CA HIS B 469 -9.84 -19.66 19.46
C HIS B 469 -8.80 -19.45 18.36
N VAL B 470 -7.52 -19.34 18.75
CA VAL B 470 -6.43 -19.08 17.80
C VAL B 470 -6.32 -20.18 16.75
N GLU B 471 -6.34 -21.43 17.21
CA GLU B 471 -6.28 -22.61 16.34
C GLU B 471 -7.42 -22.64 15.33
N PRO B 472 -8.70 -22.55 15.80
CA PRO B 472 -9.83 -22.46 14.87
C PRO B 472 -9.78 -21.27 13.92
N CYS B 473 -9.43 -20.09 14.42
CA CYS B 473 -9.34 -18.88 13.59
C CYS B 473 -8.31 -19.03 12.47
N ASN B 474 -7.19 -19.67 12.77
CA ASN B 474 -6.15 -19.93 11.77
C ASN B 474 -6.62 -20.83 10.63
N GLU B 475 -7.48 -21.80 10.94
CA GLU B 475 -8.13 -22.62 9.92
C GLU B 475 -9.09 -21.79 9.08
N GLN B 476 -9.85 -20.93 9.74
CA GLN B 476 -10.78 -20.03 9.06
C GLN B 476 -10.07 -19.04 8.12
N LEU B 477 -8.86 -18.64 8.48
CA LEU B 477 -8.09 -17.70 7.66
C LEU B 477 -7.64 -18.28 6.32
N LYS B 478 -7.69 -19.61 6.18
CA LYS B 478 -7.32 -20.30 4.95
C LYS B 478 -8.46 -20.28 3.94
N ARG B 479 -9.67 -20.03 4.42
CA ARG B 479 -10.85 -20.04 3.56
C ARG B 479 -10.91 -18.81 2.67
N VAL B 480 -11.21 -19.02 1.40
CA VAL B 480 -11.37 -17.92 0.47
C VAL B 480 -12.79 -17.37 0.59
N PRO B 481 -12.93 -16.06 0.85
CA PRO B 481 -14.27 -15.48 0.98
C PRO B 481 -15.07 -15.54 -0.31
N ARG B 482 -16.37 -15.80 -0.15
CA ARG B 482 -17.33 -15.77 -1.24
C ARG B 482 -18.04 -14.41 -1.26
N ALA B 483 -18.89 -14.21 -2.26
CA ALA B 483 -19.66 -12.98 -2.40
C ALA B 483 -20.68 -12.81 -1.28
N PHE B 484 -20.89 -11.57 -0.86
CA PHE B 484 -21.91 -11.26 0.14
C PHE B 484 -23.31 -11.47 -0.42
N PRO B 485 -24.27 -11.82 0.44
CA PRO B 485 -25.67 -11.91 0.04
C PRO B 485 -26.36 -10.55 -0.07
N TYR B 486 -27.66 -10.57 -0.37
CA TYR B 486 -28.47 -9.35 -0.48
C TYR B 486 -29.72 -9.43 0.39
N LEU B 487 -30.25 -8.27 0.75
CA LEU B 487 -31.46 -8.20 1.55
C LEU B 487 -32.64 -7.67 0.74
N VAL B 488 -33.73 -8.43 0.76
CA VAL B 488 -34.93 -8.11 -0.01
C VAL B 488 -36.13 -8.01 0.93
N PHE B 489 -36.89 -6.93 0.80
CA PHE B 489 -38.10 -6.75 1.57
C PHE B 489 -39.30 -7.29 0.81
N ARG B 490 -39.91 -8.34 1.35
CA ARG B 490 -41.02 -9.03 0.71
C ARG B 490 -42.32 -8.29 0.98
N ARG B 491 -42.30 -7.45 2.02
CA ARG B 491 -43.40 -6.53 2.30
C ARG B 491 -42.92 -5.34 3.10
N GLU B 492 -43.70 -4.27 3.09
CA GLU B 492 -43.37 -3.04 3.79
C GLU B 492 -44.32 -2.78 4.97
N ARG B 493 -44.02 -1.75 5.76
CA ARG B 493 -44.83 -1.39 6.92
C ARG B 493 -45.11 0.11 6.96
N GLU B 494 -46.23 0.48 7.57
CA GLU B 494 -46.60 1.87 7.79
C GLU B 494 -45.62 2.57 8.74
N PHE B 495 -45.10 1.84 9.72
CA PHE B 495 -44.21 2.39 10.73
C PHE B 495 -42.92 1.57 10.87
N LEU B 496 -41.81 2.26 11.12
CA LEU B 496 -40.51 1.64 11.32
C LEU B 496 -40.51 0.50 12.35
N GLU B 497 -41.22 0.71 13.46
CA GLU B 497 -41.24 -0.24 14.57
C GLU B 497 -42.09 -1.49 14.29
N ASP B 498 -42.79 -1.51 13.16
CA ASP B 498 -43.68 -2.62 12.83
C ASP B 498 -43.05 -3.67 11.91
N TYR B 499 -41.80 -3.47 11.53
CA TYR B 499 -41.08 -4.47 10.74
C TYR B 499 -40.85 -5.74 11.55
N GLU B 500 -41.15 -6.88 10.94
CA GLU B 500 -40.89 -8.19 11.52
C GLU B 500 -39.77 -8.86 10.73
N GLU B 501 -39.12 -9.86 11.33
CA GLU B 501 -38.09 -10.64 10.66
C GLU B 501 -38.61 -11.32 9.39
N GLY B 502 -39.87 -11.76 9.44
CA GLY B 502 -40.51 -12.41 8.30
C GLY B 502 -40.77 -11.51 7.10
N ASP B 503 -40.66 -10.19 7.32
CA ASP B 503 -40.89 -9.20 6.27
C ASP B 503 -39.75 -9.12 5.28
N MET B 504 -38.61 -9.71 5.63
CA MET B 504 -37.41 -9.59 4.82
C MET B 504 -36.71 -10.94 4.62
N GLU B 505 -36.02 -11.05 3.49
CA GLU B 505 -35.39 -12.31 3.10
C GLU B 505 -33.95 -12.08 2.65
N VAL B 506 -33.05 -12.89 3.20
CA VAL B 506 -31.67 -12.90 2.75
C VAL B 506 -31.59 -13.85 1.57
N ILE B 507 -31.11 -13.34 0.44
CA ILE B 507 -30.95 -14.19 -0.73
C ILE B 507 -29.49 -14.50 -1.05
N ASP B 508 -29.26 -15.77 -1.40
CA ASP B 508 -27.97 -16.25 -1.89
C ASP B 508 -26.84 -16.10 -0.89
N TYR B 509 -27.13 -16.41 0.37
CA TYR B 509 -26.12 -16.48 1.40
C TYR B 509 -25.59 -17.90 1.42
N ALA B 510 -24.35 -18.06 0.96
CA ALA B 510 -23.72 -19.37 0.91
C ALA B 510 -22.44 -19.41 1.76
N PRO B 511 -22.59 -19.49 3.09
CA PRO B 511 -21.41 -19.52 3.94
C PRO B 511 -20.78 -20.90 4.00
N TYR B 512 -19.52 -20.97 4.42
CA TYR B 512 -18.81 -22.23 4.64
C TYR B 512 -19.45 -23.06 5.76
N PRO B 513 -19.23 -24.39 5.75
CA PRO B 513 -19.58 -25.21 6.91
C PRO B 513 -18.69 -24.88 8.12
N PRO B 514 -19.07 -25.30 9.33
CA PRO B 514 -18.16 -25.13 10.48
C PRO B 514 -16.94 -26.05 10.40
N SER C 2 -8.74 19.30 47.81
CA SER C 2 -10.04 18.79 48.34
C SER C 2 -10.32 17.34 47.88
N LEU C 3 -11.38 16.75 48.43
CA LEU C 3 -11.72 15.36 48.15
C LEU C 3 -12.39 15.13 46.80
N PHE C 4 -12.65 16.21 46.05
CA PHE C 4 -13.24 16.09 44.71
C PHE C 4 -12.20 16.12 43.60
N LYS C 5 -10.97 16.54 43.92
CA LYS C 5 -9.86 16.53 42.98
C LYS C 5 -9.23 15.13 42.83
N ILE C 6 -8.34 14.98 41.85
CA ILE C 6 -7.69 13.70 41.62
C ILE C 6 -6.23 13.80 42.06
N ARG C 7 -5.85 12.95 43.00
CA ARG C 7 -4.52 12.98 43.60
C ARG C 7 -3.48 12.30 42.71
N MET C 8 -2.39 13.00 42.43
CA MET C 8 -1.27 12.40 41.68
C MET C 8 -0.49 11.44 42.58
N PRO C 9 -0.08 10.29 42.01
CA PRO C 9 0.72 9.31 42.77
C PRO C 9 2.16 9.77 42.97
N GLU C 10 2.92 9.01 43.77
CA GLU C 10 4.34 9.30 43.98
C GLU C 10 5.18 9.14 42.72
N THR C 11 4.70 8.29 41.79
CA THR C 11 5.40 8.00 40.53
C THR C 11 5.11 9.02 39.42
N VAL C 12 4.51 10.15 39.77
CA VAL C 12 4.06 11.16 38.81
C VAL C 12 5.16 11.67 37.85
N ALA C 13 6.39 11.79 38.34
CA ALA C 13 7.52 12.24 37.51
C ALA C 13 8.29 11.10 36.84
N GLU C 14 8.28 9.92 37.44
CA GLU C 14 9.07 8.76 36.98
C GLU C 14 8.85 8.45 35.49
N GLY C 15 7.59 8.24 35.10
CA GLY C 15 7.24 8.21 33.68
C GLY C 15 7.20 9.65 33.19
N THR C 16 7.43 9.86 31.90
CA THR C 16 7.47 11.21 31.30
C THR C 16 8.72 12.04 31.62
N ARG C 17 9.58 11.55 32.51
CA ARG C 17 10.90 12.17 32.69
C ARG C 17 11.70 11.98 31.41
N LEU C 18 12.24 13.07 30.87
CA LEU C 18 13.00 13.00 29.63
C LEU C 18 14.29 12.23 29.85
N ALA C 19 14.42 11.10 29.16
CA ALA C 19 15.61 10.25 29.27
C ALA C 19 16.78 10.86 28.50
N LEU C 20 16.54 11.24 27.25
CA LEU C 20 17.55 11.83 26.38
C LEU C 20 16.97 13.01 25.63
N ARG C 21 17.78 14.05 25.45
CA ARG C 21 17.36 15.23 24.72
C ARG C 21 17.56 15.01 23.22
N ALA C 22 16.61 15.48 22.41
CA ALA C 22 16.71 15.40 20.95
C ALA C 22 17.82 16.31 20.44
N PHE C 23 18.30 16.01 19.23
CA PHE C 23 19.44 16.72 18.68
C PHE C 23 19.46 16.68 17.16
N SER C 24 20.25 17.58 16.58
CA SER C 24 20.51 17.59 15.16
C SER C 24 21.97 17.29 14.90
N LEU C 25 22.27 16.89 13.68
CA LEU C 25 23.62 16.53 13.30
C LEU C 25 24.07 17.45 12.17
N VAL C 26 25.28 17.98 12.29
CA VAL C 26 25.90 18.75 11.22
C VAL C 26 27.25 18.12 10.86
N VAL C 27 27.49 17.99 9.55
CA VAL C 27 28.66 17.27 9.06
C VAL C 27 29.08 17.79 7.68
N ALA C 28 30.37 17.71 7.41
CA ALA C 28 30.93 17.93 6.09
C ALA C 28 31.58 16.63 5.61
N VAL C 29 31.13 16.13 4.46
CA VAL C 29 31.72 14.95 3.84
C VAL C 29 32.26 15.25 2.45
N ASP C 30 33.19 14.42 1.98
CA ASP C 30 33.54 14.39 0.57
C ASP C 30 32.61 13.41 -0.15
N GLU C 31 32.89 13.12 -1.42
CA GLU C 31 31.96 12.30 -2.22
C GLU C 31 32.08 10.80 -1.98
N ARG C 32 33.14 10.40 -1.28
CA ARG C 32 33.30 9.00 -0.85
C ARG C 32 32.89 8.84 0.61
N GLY C 33 32.09 9.78 1.12
CA GLY C 33 31.64 9.78 2.51
C GLY C 33 32.70 10.08 3.56
N GLY C 34 33.88 10.51 3.12
CA GLY C 34 34.99 10.79 4.05
C GLY C 34 34.83 12.08 4.83
N ILE C 35 35.20 12.08 6.10
CA ILE C 35 35.06 13.28 6.95
C ILE C 35 36.37 13.87 7.45
N GLY C 36 37.42 13.06 7.50
CA GLY C 36 38.70 13.49 8.03
C GLY C 36 39.74 12.37 8.02
N ASP C 37 40.98 12.72 8.37
CA ASP C 37 42.08 11.75 8.37
C ASP C 37 42.36 11.16 9.76
N GLY C 38 41.49 11.47 10.72
CA GLY C 38 41.67 11.03 12.10
C GLY C 38 42.28 12.12 12.97
N ARG C 39 42.85 13.14 12.32
CA ARG C 39 43.46 14.28 13.03
C ARG C 39 42.79 15.60 12.66
N SER C 40 42.61 15.84 11.35
CA SER C 40 42.00 17.08 10.85
C SER C 40 41.05 16.85 9.67
N ILE C 41 40.34 17.91 9.28
CA ILE C 41 39.54 17.93 8.06
C ILE C 41 40.48 18.33 6.91
N PRO C 42 40.61 17.48 5.87
CA PRO C 42 41.67 17.65 4.86
C PRO C 42 41.49 18.89 3.99
N TRP C 43 40.26 19.16 3.56
CA TRP C 43 39.94 20.29 2.67
C TRP C 43 39.86 21.63 3.40
N ASN C 44 39.74 22.70 2.62
CA ASN C 44 39.63 24.05 3.14
C ASN C 44 38.54 24.79 2.37
N VAL C 45 37.38 24.97 3.00
CA VAL C 45 36.19 25.54 2.37
C VAL C 45 35.52 26.50 3.34
N PRO C 46 35.81 27.81 3.21
CA PRO C 46 35.30 28.83 4.13
C PRO C 46 33.77 28.84 4.23
N GLU C 47 33.11 28.64 3.10
CA GLU C 47 31.65 28.69 3.03
C GLU C 47 30.98 27.62 3.90
N ASP C 48 31.67 26.50 4.10
CA ASP C 48 31.19 25.49 5.05
C ASP C 48 31.42 25.90 6.50
N MET C 49 32.56 26.54 6.77
CA MET C 49 32.85 27.08 8.10
C MET C 49 31.78 28.08 8.53
N LYS C 50 31.39 28.94 7.59
CA LYS C 50 30.37 29.94 7.84
C LYS C 50 29.01 29.30 8.06
N PHE C 51 28.65 28.33 7.21
CA PHE C 51 27.39 27.63 7.41
C PHE C 51 27.35 26.88 8.74
N PHE C 52 28.45 26.19 9.04
CA PHE C 52 28.56 25.46 10.29
C PHE C 52 28.37 26.41 11.48
N ARG C 53 29.07 27.54 11.44
CA ARG C 53 28.93 28.56 12.48
C ARG C 53 27.48 29.04 12.59
N ASP C 54 26.89 29.42 11.45
CA ASP C 54 25.54 29.99 11.43
C ASP C 54 24.48 29.01 11.93
N VAL C 55 24.50 27.78 11.41
CA VAL C 55 23.47 26.81 11.77
C VAL C 55 23.58 26.36 13.23
N THR C 56 24.80 26.37 13.77
CA THR C 56 24.99 25.96 15.16
C THR C 56 24.76 27.11 16.14
N THR C 57 25.06 28.33 15.73
CA THR C 57 24.91 29.50 16.60
C THR C 57 23.47 30.02 16.64
N LYS C 58 22.85 30.14 15.48
CA LYS C 58 21.58 30.86 15.34
C LYS C 58 20.40 30.15 16.00
N LEU C 59 19.50 30.96 16.56
CA LEU C 59 18.28 30.50 17.17
C LEU C 59 17.13 30.78 16.22
N ARG C 60 16.00 30.11 16.45
CA ARG C 60 14.78 30.36 15.69
C ARG C 60 14.25 31.74 16.04
N GLY C 61 13.46 32.33 15.14
CA GLY C 61 12.95 33.69 15.34
C GLY C 61 13.86 34.76 14.76
N LYS C 62 13.53 36.03 15.02
CA LYS C 62 14.20 37.17 14.39
C LYS C 62 15.54 37.54 15.02
N ASN C 63 15.48 38.24 16.16
CA ASN C 63 16.65 38.44 17.00
C ASN C 63 17.09 37.09 17.55
N VAL C 64 18.27 36.65 17.13
CA VAL C 64 18.86 35.46 17.71
C VAL C 64 19.41 35.90 19.07
N LYS C 65 20.54 36.59 19.08
CA LYS C 65 21.25 36.98 20.32
C LYS C 65 21.27 35.85 21.35
N PRO C 66 22.19 34.88 21.17
CA PRO C 66 22.34 33.79 22.15
C PRO C 66 22.78 34.31 23.50
N SER C 67 22.30 33.66 24.56
CA SER C 67 22.63 34.02 25.94
C SER C 67 22.53 32.76 26.81
N PRO C 68 23.08 32.82 28.05
CA PRO C 68 22.89 31.74 29.04
C PRO C 68 21.43 31.28 29.23
N ALA C 69 20.48 32.19 29.05
CA ALA C 69 19.06 31.87 29.15
C ALA C 69 18.56 31.07 27.95
N LYS C 70 19.05 31.42 26.76
CA LYS C 70 18.62 30.79 25.50
C LYS C 70 19.75 30.70 24.50
N ARG C 71 20.18 29.48 24.20
CA ARG C 71 21.30 29.23 23.30
C ARG C 71 21.30 27.78 22.81
N ASN C 72 22.06 27.51 21.74
CA ASN C 72 22.27 26.15 21.27
C ASN C 72 23.45 25.51 21.97
N ALA C 73 23.55 24.18 21.85
CA ALA C 73 24.70 23.44 22.34
C ALA C 73 25.34 22.65 21.21
N VAL C 74 26.67 22.58 21.22
CA VAL C 74 27.41 21.69 20.33
C VAL C 74 28.07 20.57 21.14
N VAL C 75 27.90 19.34 20.67
CA VAL C 75 28.46 18.16 21.31
C VAL C 75 29.55 17.59 20.41
N MET C 76 30.75 17.45 20.95
CA MET C 76 31.88 16.96 20.18
C MET C 76 32.73 15.96 20.96
N GLY C 77 33.40 15.06 20.24
CA GLY C 77 34.41 14.19 20.83
C GLY C 77 35.68 14.98 21.12
N ARG C 78 36.49 14.46 22.04
CA ARG C 78 37.71 15.14 22.46
C ARG C 78 38.66 15.48 21.30
N LYS C 79 38.74 14.58 20.32
CA LYS C 79 39.66 14.74 19.19
C LYS C 79 39.26 15.91 18.29
N THR C 80 37.95 16.14 18.15
CA THR C 80 37.43 17.30 17.44
C THR C 80 37.73 18.58 18.20
N TRP C 81 37.58 18.53 19.53
CA TRP C 81 37.94 19.65 20.40
C TRP C 81 39.42 20.03 20.22
N ASP C 82 40.29 19.02 20.26
CA ASP C 82 41.72 19.19 20.04
C ASP C 82 42.04 19.76 18.66
N SER C 83 41.23 19.41 17.67
CA SER C 83 41.46 19.84 16.29
C SER C 83 41.06 21.31 16.07
N ILE C 84 40.33 21.88 17.02
CA ILE C 84 40.04 23.31 16.99
C ILE C 84 41.20 24.04 17.67
N PRO C 85 41.83 24.98 16.94
CA PRO C 85 42.91 25.77 17.51
C PRO C 85 42.47 26.44 18.81
N PRO C 86 43.34 26.41 19.85
CA PRO C 86 43.05 26.94 21.18
C PRO C 86 42.51 28.37 21.16
N LYS C 87 42.98 29.15 20.18
CA LYS C 87 42.53 30.52 19.99
C LYS C 87 41.03 30.58 19.70
N PHE C 88 40.52 29.56 19.00
CA PHE C 88 39.13 29.52 18.56
C PHE C 88 38.16 28.77 19.48
N ARG C 89 38.66 28.19 20.57
CA ARG C 89 37.79 27.52 21.55
C ARG C 89 37.70 28.26 22.89
N PRO C 90 36.53 28.20 23.55
CA PRO C 90 35.32 27.49 23.12
C PRO C 90 34.65 28.20 21.95
N LEU C 91 33.89 27.44 21.16
CA LEU C 91 33.15 28.02 20.04
C LEU C 91 32.13 29.01 20.58
N PRO C 92 32.23 30.29 20.15
CA PRO C 92 31.43 31.38 20.70
C PRO C 92 29.93 31.22 20.49
N GLY C 93 29.14 31.67 21.46
CA GLY C 93 27.69 31.73 21.33
C GLY C 93 26.95 30.44 21.61
N ARG C 94 27.67 29.37 21.89
CA ARG C 94 27.03 28.09 22.21
C ARG C 94 27.72 27.28 23.29
N LEU C 95 26.93 26.41 23.95
CA LEU C 95 27.45 25.52 24.97
C LEU C 95 28.33 24.45 24.32
N ASN C 96 29.58 24.40 24.77
CA ASN C 96 30.53 23.42 24.26
C ASN C 96 30.54 22.20 25.15
N VAL C 97 30.09 21.07 24.60
CA VAL C 97 30.05 19.82 25.32
C VAL C 97 31.10 18.89 24.72
N VAL C 98 32.11 18.53 25.52
CA VAL C 98 33.20 17.68 25.04
C VAL C 98 33.13 16.31 25.68
N LEU C 99 33.14 15.27 24.86
CA LEU C 99 33.13 13.89 25.33
C LEU C 99 34.56 13.42 25.54
N SER C 100 34.86 12.96 26.75
CA SER C 100 36.18 12.46 27.10
C SER C 100 36.15 11.63 28.37
N SER C 101 36.98 10.60 28.40
CA SER C 101 37.13 9.76 29.60
C SER C 101 38.22 10.29 30.53
N THR C 102 39.05 11.21 30.03
CA THR C 102 40.16 11.74 30.82
C THR C 102 40.04 13.23 31.12
N LEU C 103 39.51 14.00 30.17
CA LEU C 103 39.41 15.45 30.32
C LEU C 103 38.22 15.85 31.18
N THR C 104 38.51 16.61 32.23
CA THR C 104 37.47 17.13 33.11
C THR C 104 37.07 18.54 32.68
N THR C 105 35.91 18.99 33.15
CA THR C 105 35.39 20.32 32.82
C THR C 105 36.32 21.44 33.28
N GLN C 106 37.10 21.17 34.33
CA GLN C 106 38.08 22.12 34.85
C GLN C 106 39.39 22.07 34.06
N HIS C 107 39.84 20.87 33.70
CA HIS C 107 41.07 20.68 32.93
C HIS C 107 41.00 21.29 31.52
N LEU C 108 39.78 21.35 30.95
CA LEU C 108 39.53 22.04 29.70
C LEU C 108 39.40 23.54 29.93
N LEU C 109 38.86 23.91 31.09
CA LEU C 109 38.64 25.30 31.48
C LEU C 109 39.96 26.01 31.83
N ASP C 110 41.04 25.24 31.91
CA ASP C 110 42.38 25.79 32.12
C ASP C 110 43.17 25.72 30.81
N GLY C 111 43.75 26.81 30.35
CA GLY C 111 44.56 26.69 29.16
C GLY C 111 43.89 27.19 27.90
N LEU C 112 43.81 28.51 27.82
CA LEU C 112 43.04 29.19 26.81
C LEU C 112 43.87 30.14 25.95
N PRO C 113 44.44 31.17 26.57
CA PRO C 113 44.33 31.37 28.01
C PRO C 113 43.65 32.67 28.40
N ASP C 114 42.57 32.57 29.16
CA ASP C 114 41.95 33.74 29.77
C ASP C 114 40.68 34.22 29.08
N HIS C 121 33.26 32.73 29.48
CA HIS C 121 32.12 33.47 29.98
C HIS C 121 31.31 32.59 30.89
N ALA C 122 30.06 32.95 31.09
CA ALA C 122 29.21 32.28 32.07
C ALA C 122 29.07 30.77 31.91
N ASP C 123 30.19 30.05 31.93
CA ASP C 123 30.12 28.62 31.86
C ASP C 123 29.63 28.14 30.51
N SER C 124 30.49 28.20 29.52
CA SER C 124 30.06 27.82 28.23
C SER C 124 30.80 26.62 27.78
N ILE C 125 31.35 25.89 28.73
CA ILE C 125 31.91 24.58 28.45
C ILE C 125 31.72 23.56 29.57
N VAL C 126 31.37 22.33 29.19
CA VAL C 126 31.21 21.23 30.12
C VAL C 126 31.76 19.93 29.50
N ALA C 127 32.44 19.14 30.33
CA ALA C 127 32.94 17.83 29.89
C ALA C 127 31.98 16.71 30.31
N VAL C 128 31.92 15.66 29.49
CA VAL C 128 31.09 14.51 29.79
C VAL C 128 31.91 13.22 29.69
N ASN C 129 31.95 12.47 30.79
CA ASN C 129 32.60 11.17 30.83
C ASN C 129 31.71 10.09 30.23
N GLY C 130 31.72 9.98 28.91
CA GLY C 130 30.87 9.05 28.19
C GLY C 130 30.67 9.51 26.76
N GLY C 131 29.74 8.85 26.07
CA GLY C 131 29.45 9.17 24.68
C GLY C 131 28.28 10.11 24.50
N LEU C 132 27.78 10.17 23.27
CA LEU C 132 26.66 11.04 22.93
C LEU C 132 25.44 10.77 23.81
N GLU C 133 25.17 9.50 24.10
CA GLU C 133 24.04 9.12 24.95
C GLU C 133 24.13 9.82 26.30
N GLN C 134 25.32 9.82 26.90
CA GLN C 134 25.54 10.48 28.18
C GLN C 134 25.37 12.00 28.10
N ALA C 135 25.79 12.58 26.97
CA ALA C 135 25.64 14.01 26.72
C ALA C 135 24.18 14.41 26.59
N LEU C 136 23.41 13.61 25.85
CA LEU C 136 21.99 13.85 25.64
C LEU C 136 21.20 13.65 26.94
N GLN C 137 21.70 12.75 27.77
CA GLN C 137 21.14 12.47 29.08
C GLN C 137 21.33 13.70 29.98
N LEU C 138 22.54 14.25 29.99
CA LEU C 138 22.84 15.48 30.72
C LEU C 138 22.04 16.68 30.19
N LEU C 139 21.93 16.79 28.88
CA LEU C 139 21.26 17.94 28.26
C LEU C 139 19.75 17.91 28.49
N ALA C 140 19.24 16.74 28.87
CA ALA C 140 17.82 16.56 29.20
C ALA C 140 17.48 17.03 30.62
N SER C 141 18.52 17.33 31.42
CA SER C 141 18.34 17.90 32.75
C SER C 141 17.60 19.23 32.71
N PRO C 142 16.85 19.56 33.79
CA PRO C 142 16.18 20.87 33.85
C PRO C 142 17.18 22.05 33.77
N ASN C 143 18.45 21.78 34.02
CA ASN C 143 19.49 22.80 33.88
C ASN C 143 19.78 23.18 32.42
N TYR C 144 19.57 22.25 31.49
CA TYR C 144 19.88 22.48 30.09
C TYR C 144 18.64 22.42 29.19
N THR C 145 17.56 21.84 29.71
CA THR C 145 16.28 21.78 29.03
C THR C 145 15.27 22.57 29.87
N PRO C 146 14.66 23.63 29.28
CA PRO C 146 14.69 23.98 27.87
C PRO C 146 15.60 25.15 27.49
N SER C 147 16.56 25.50 28.35
CA SER C 147 17.46 26.63 28.08
C SER C 147 18.35 26.42 26.85
N ILE C 148 18.61 25.16 26.52
CA ILE C 148 19.25 24.83 25.24
C ILE C 148 18.17 24.60 24.20
N GLU C 149 18.10 25.50 23.22
CA GLU C 149 17.06 25.42 22.19
C GLU C 149 17.31 24.26 21.25
N THR C 150 18.53 24.16 20.71
CA THR C 150 18.90 23.04 19.84
C THR C 150 20.26 22.45 20.19
N VAL C 151 20.32 21.12 20.26
CA VAL C 151 21.56 20.40 20.50
C VAL C 151 22.11 19.95 19.14
N TYR C 152 23.37 20.29 18.87
CA TYR C 152 24.01 19.90 17.61
C TYR C 152 25.17 18.95 17.85
N CYS C 153 25.08 17.75 17.28
CA CYS C 153 26.22 16.84 17.20
C CYS C 153 27.12 17.33 16.09
N ILE C 154 28.39 17.57 16.40
CA ILE C 154 29.31 18.18 15.43
C ILE C 154 30.54 17.34 15.12
N GLY C 155 30.56 16.13 15.59
CA GLY C 155 31.65 15.24 15.30
C GLY C 155 32.46 14.88 16.51
N GLY C 156 33.42 13.97 16.32
CA GLY C 156 33.74 13.46 15.01
C GLY C 156 33.14 12.11 14.67
N GLY C 157 33.96 11.26 14.06
CA GLY C 157 33.51 9.98 13.59
C GLY C 157 32.84 9.07 14.58
N SER C 158 33.45 8.82 15.70
CA SER C 158 32.87 7.96 16.73
C SER C 158 31.57 8.54 17.31
N VAL C 159 31.49 9.86 17.39
CA VAL C 159 30.28 10.53 17.90
C VAL C 159 29.16 10.43 16.88
N TYR C 160 29.52 10.56 15.60
CA TYR C 160 28.56 10.36 14.50
C TYR C 160 28.01 8.93 14.49
N ALA C 161 28.91 7.95 14.65
CA ALA C 161 28.56 6.53 14.68
C ALA C 161 27.58 6.23 15.80
N GLU C 162 27.79 6.87 16.95
CA GLU C 162 26.91 6.74 18.09
C GLU C 162 25.56 7.43 17.83
N ALA C 163 25.58 8.51 17.03
CA ALA C 163 24.36 9.23 16.68
C ALA C 163 23.47 8.42 15.74
N LEU C 164 24.07 7.59 14.89
CA LEU C 164 23.32 6.78 13.93
C LEU C 164 22.87 5.44 14.52
N ARG C 165 23.14 5.26 15.81
CA ARG C 165 22.85 4.02 16.52
C ARG C 165 21.75 4.29 17.55
N PRO C 166 20.92 3.27 17.85
CA PRO C 166 20.02 3.40 18.99
C PRO C 166 20.83 3.42 20.29
N PRO C 167 20.34 4.12 21.33
CA PRO C 167 19.06 4.85 21.39
C PRO C 167 19.11 6.29 20.84
N CYS C 168 20.29 6.78 20.48
CA CYS C 168 20.44 8.15 20.02
C CYS C 168 19.74 8.46 18.69
N VAL C 169 19.75 7.50 17.77
CA VAL C 169 19.29 7.77 16.39
C VAL C 169 17.81 8.16 16.29
N HIS C 170 16.98 7.60 17.18
CA HIS C 170 15.54 7.91 17.19
C HIS C 170 15.24 9.32 17.70
N LEU C 171 16.28 10.01 18.18
CA LEU C 171 16.16 11.38 18.65
C LEU C 171 16.81 12.38 17.71
N LEU C 172 17.27 11.89 16.56
CA LEU C 172 17.95 12.73 15.58
C LEU C 172 16.92 13.42 14.71
N GLN C 173 16.81 14.73 14.85
CA GLN C 173 15.74 15.51 14.25
C GLN C 173 16.02 15.91 12.80
N ALA C 174 17.30 16.17 12.51
CA ALA C 174 17.71 16.66 11.21
C ALA C 174 19.20 16.39 11.00
N ILE C 175 19.58 16.22 9.75
CA ILE C 175 20.99 16.10 9.37
C ILE C 175 21.32 17.20 8.37
N TYR C 176 22.26 18.06 8.75
CA TYR C 176 22.78 19.09 7.86
C TYR C 176 24.10 18.60 7.29
N ARG C 177 24.05 18.17 6.03
CA ARG C 177 25.24 17.62 5.38
C ARG C 177 25.74 18.52 4.27
N THR C 178 27.01 18.95 4.41
CA THR C 178 27.71 19.60 3.34
C THR C 178 28.53 18.55 2.60
N THR C 179 28.40 18.54 1.27
CA THR C 179 29.24 17.70 0.44
C THR C 179 30.29 18.55 -0.27
N ILE C 180 31.55 18.20 -0.05
CA ILE C 180 32.69 18.85 -0.71
C ILE C 180 33.09 17.97 -1.89
N ARG C 181 33.05 18.53 -3.10
CA ARG C 181 33.31 17.75 -4.30
C ARG C 181 34.79 17.53 -4.50
N ALA C 182 35.30 16.57 -3.74
CA ALA C 182 36.69 16.14 -3.77
C ALA C 182 36.69 14.66 -3.41
N SER C 183 37.85 14.03 -3.61
CA SER C 183 38.02 12.62 -3.26
C SER C 183 39.39 12.47 -2.60
N GLU C 184 39.38 12.50 -1.28
CA GLU C 184 40.61 12.49 -0.49
C GLU C 184 40.98 11.06 -0.10
N SER C 185 42.01 10.52 -0.73
CA SER C 185 42.57 9.23 -0.32
C SER C 185 43.14 9.34 1.11
N SER C 186 43.33 10.59 1.53
CA SER C 186 43.72 10.94 2.90
C SER C 186 42.67 10.54 3.95
N CYS C 187 41.40 10.51 3.57
CA CYS C 187 40.30 10.21 4.50
C CYS C 187 40.32 8.76 5.03
N SER C 188 40.20 8.63 6.35
CA SER C 188 40.19 7.32 7.01
C SER C 188 39.03 7.19 8.01
N VAL C 189 38.31 8.29 8.22
CA VAL C 189 37.06 8.26 9.00
C VAL C 189 35.90 8.69 8.10
N PHE C 190 34.76 8.04 8.26
CA PHE C 190 33.67 8.13 7.29
C PHE C 190 32.30 8.34 7.91
N PHE C 191 31.44 9.07 7.20
CA PHE C 191 30.05 9.25 7.61
C PHE C 191 29.10 9.00 6.45
N ARG C 192 28.13 8.13 6.67
CA ARG C 192 27.15 7.76 5.66
C ARG C 192 25.74 7.69 6.23
N VAL C 193 24.82 8.39 5.57
CA VAL C 193 23.40 8.36 5.95
C VAL C 193 22.73 7.13 5.34
N PRO C 194 22.28 6.20 6.20
CA PRO C 194 21.72 4.92 5.75
C PRO C 194 20.46 5.09 4.91
N GLU C 195 20.37 4.34 3.82
CA GLU C 195 19.21 4.41 2.92
C GLU C 195 17.97 3.77 3.54
N SER C 196 16.81 4.17 3.01
CA SER C 196 15.52 3.64 3.39
C SER C 196 15.45 2.11 3.35
N GLY C 197 14.94 1.53 4.43
CA GLY C 197 14.67 0.10 4.51
C GLY C 197 15.84 -0.78 4.92
N THR C 198 17.05 -0.22 4.90
CA THR C 198 18.25 -0.99 5.23
C THR C 198 18.35 -1.19 6.74
N GLU C 199 19.05 -2.25 7.14
CA GLU C 199 19.27 -2.57 8.55
C GLU C 199 19.89 -1.42 9.34
N ALA C 200 20.89 -0.77 8.76
CA ALA C 200 21.61 0.33 9.38
C ALA C 200 20.72 1.56 9.64
N ALA C 201 19.60 1.63 8.93
CA ALA C 201 18.68 2.76 9.06
C ALA C 201 17.83 2.72 10.33
N ALA C 202 17.75 1.55 10.96
CA ALA C 202 17.01 1.35 12.22
C ALA C 202 15.54 1.81 12.16
N GLY C 203 14.89 1.57 11.02
CA GLY C 203 13.48 1.91 10.83
C GLY C 203 13.23 3.34 10.41
N ILE C 204 14.30 4.13 10.31
CA ILE C 204 14.18 5.52 9.93
C ILE C 204 14.30 5.65 8.42
N GLU C 205 13.48 6.54 7.85
CA GLU C 205 13.50 6.79 6.41
C GLU C 205 13.93 8.24 6.15
N TRP C 206 15.22 8.40 5.87
CA TRP C 206 15.77 9.74 5.66
C TRP C 206 15.33 10.36 4.35
N GLN C 207 14.96 11.63 4.43
CA GLN C 207 14.45 12.37 3.29
C GLN C 207 15.12 13.74 3.17
N ARG C 208 15.38 14.12 1.93
CA ARG C 208 15.84 15.45 1.59
C ARG C 208 14.72 16.46 1.79
N GLU C 209 14.90 17.43 2.71
CA GLU C 209 14.00 18.59 2.77
C GLU C 209 14.46 19.61 1.74
N THR C 210 15.73 19.98 1.81
CA THR C 210 16.32 20.94 0.87
C THR C 210 17.64 20.41 0.31
N ILE C 211 17.99 20.93 -0.86
CA ILE C 211 19.32 20.77 -1.43
C ILE C 211 19.65 22.08 -2.14
N SER C 212 20.84 22.60 -1.88
CA SER C 212 21.29 23.82 -2.54
C SER C 212 21.71 23.51 -3.97
N GLU C 213 21.83 24.54 -4.80
CA GLU C 213 22.46 24.37 -6.09
C GLU C 213 23.95 24.14 -5.87
N GLU C 214 24.63 23.61 -6.87
CA GLU C 214 26.06 23.37 -6.77
C GLU C 214 26.81 24.69 -6.76
N LEU C 215 27.61 24.90 -5.73
CA LEU C 215 28.33 26.16 -5.54
C LEU C 215 29.84 25.96 -5.65
N THR C 216 30.54 27.05 -5.92
CA THR C 216 32.00 27.02 -6.02
C THR C 216 32.61 27.78 -4.86
N SER C 217 33.58 27.15 -4.20
CA SER C 217 34.26 27.76 -3.06
C SER C 217 35.28 28.82 -3.49
N ALA C 218 35.32 29.93 -2.78
CA ALA C 218 36.36 30.93 -2.94
C ALA C 218 37.53 30.55 -2.04
N ASN C 219 38.25 29.49 -2.41
CA ASN C 219 39.36 28.97 -1.62
C ASN C 219 40.64 28.82 -2.44
N GLY C 220 40.58 29.30 -3.68
CA GLY C 220 41.72 29.25 -4.58
C GLY C 220 41.80 27.99 -5.42
N ASN C 221 41.00 26.98 -5.06
CA ASN C 221 41.01 25.69 -5.75
C ASN C 221 39.73 25.39 -6.52
N GLU C 222 38.84 26.39 -6.58
CA GLU C 222 37.51 26.25 -7.22
C GLU C 222 36.77 24.97 -6.82
N THR C 223 36.90 24.59 -5.54
CA THR C 223 36.26 23.39 -5.05
C THR C 223 34.75 23.56 -5.11
N LYS C 224 34.08 22.52 -5.62
CA LYS C 224 32.63 22.53 -5.68
C LYS C 224 32.03 21.90 -4.43
N TYR C 225 30.87 22.40 -4.03
CA TYR C 225 30.23 21.96 -2.80
C TYR C 225 28.74 22.25 -2.87
N TYR C 226 27.97 21.57 -2.05
CA TYR C 226 26.55 21.85 -1.89
C TYR C 226 26.06 21.47 -0.50
N PHE C 227 24.93 22.01 -0.10
CA PHE C 227 24.32 21.67 1.19
C PHE C 227 23.05 20.86 1.00
N GLU C 228 22.79 19.95 1.92
CA GLU C 228 21.44 19.41 2.05
C GLU C 228 21.00 19.26 3.49
N LYS C 229 19.70 19.43 3.69
CA LYS C 229 19.09 19.16 4.97
C LYS C 229 18.23 17.90 4.82
N LEU C 230 18.55 16.91 5.64
CA LEU C 230 17.83 15.66 5.63
C LEU C 230 17.00 15.54 6.91
N ILE C 231 15.82 14.95 6.79
CA ILE C 231 14.90 14.82 7.91
C ILE C 231 14.29 13.43 7.95
N PRO C 232 14.02 12.90 9.16
CA PRO C 232 13.47 11.55 9.24
C PRO C 232 11.99 11.59 8.88
N ARG C 233 11.57 10.73 7.96
CA ARG C 233 10.19 10.73 7.50
C ARG C 233 9.20 10.64 8.66
N ASN C 234 8.30 11.62 8.71
CA ASN C 234 7.21 11.62 9.67
C ASN C 234 5.97 11.04 9.02
N ARG C 235 5.87 9.71 9.05
CA ARG C 235 4.70 9.00 8.51
C ARG C 235 3.39 9.45 9.17
N GLU C 236 3.47 9.77 10.46
CA GLU C 236 2.28 10.14 11.24
C GLU C 236 1.63 11.43 10.72
N GLU C 237 2.41 12.48 10.52
CA GLU C 237 1.90 13.70 9.93
C GLU C 237 1.48 13.48 8.47
N GLU C 238 2.14 12.54 7.79
CA GLU C 238 1.78 12.22 6.41
C GLU C 238 0.40 11.57 6.28
N GLN C 239 -0.04 10.85 7.33
CA GLN C 239 -1.42 10.36 7.41
C GLN C 239 -2.36 11.53 7.24
N TYR C 240 -2.08 12.59 7.98
CA TYR C 240 -2.90 13.77 8.03
C TYR C 240 -2.97 14.44 6.67
N LEU C 241 -1.79 14.67 6.06
CA LEU C 241 -1.70 15.33 4.77
C LEU C 241 -2.38 14.52 3.68
N SER C 242 -2.21 13.18 3.72
CA SER C 242 -2.87 12.29 2.74
C SER C 242 -4.38 12.42 2.83
N LEU C 243 -4.88 12.48 4.06
CA LEU C 243 -6.31 12.66 4.32
C LEU C 243 -6.84 13.97 3.75
N VAL C 244 -6.12 15.06 3.99
CA VAL C 244 -6.45 16.38 3.46
C VAL C 244 -6.51 16.34 1.93
N ASP C 245 -5.47 15.74 1.34
CA ASP C 245 -5.37 15.61 -0.11
C ASP C 245 -6.51 14.78 -0.70
N ARG C 246 -6.89 13.69 -0.02
CA ARG C 246 -8.01 12.87 -0.47
C ARG C 246 -9.33 13.63 -0.41
N ILE C 247 -9.48 14.49 0.61
CA ILE C 247 -10.67 15.31 0.77
C ILE C 247 -10.80 16.29 -0.40
N ILE C 248 -9.69 16.93 -0.77
CA ILE C 248 -9.69 17.88 -1.88
C ILE C 248 -9.96 17.20 -3.23
N ARG C 249 -9.38 16.02 -3.44
CA ARG C 249 -9.55 15.28 -4.69
C ARG C 249 -10.94 14.61 -4.82
N GLU C 250 -11.45 14.09 -3.71
CA GLU C 250 -12.59 13.16 -3.76
C GLU C 250 -13.73 13.49 -2.80
N GLY C 251 -13.53 14.44 -1.90
CA GLY C 251 -14.55 14.85 -0.95
C GLY C 251 -15.80 15.43 -1.61
N ASN C 252 -16.95 15.19 -0.98
CA ASN C 252 -18.22 15.71 -1.45
C ASN C 252 -18.42 17.15 -0.98
N VAL C 253 -19.04 17.96 -1.83
CA VAL C 253 -19.41 19.32 -1.46
C VAL C 253 -20.57 19.31 -0.47
N LYS C 254 -20.38 20.00 0.65
CA LYS C 254 -21.42 20.16 1.66
C LYS C 254 -21.40 21.61 2.15
N HIS C 255 -22.48 22.02 2.79
CA HIS C 255 -22.54 23.35 3.38
C HIS C 255 -22.92 23.23 4.84
N ASP C 256 -22.20 23.94 5.70
CA ASP C 256 -22.45 23.89 7.13
C ASP C 256 -23.64 24.77 7.58
N ARG C 257 -23.87 24.80 8.89
CA ARG C 257 -24.98 25.55 9.50
C ARG C 257 -25.09 26.98 8.97
N THR C 258 -23.95 27.65 8.87
CA THR C 258 -23.90 29.06 8.43
C THR C 258 -23.97 29.23 6.90
N GLY C 259 -23.96 28.12 6.17
CA GLY C 259 -24.03 28.16 4.70
C GLY C 259 -22.67 28.17 4.02
N VAL C 260 -21.61 27.96 4.78
CA VAL C 260 -20.24 27.98 4.24
C VAL C 260 -19.91 26.66 3.55
N GLY C 261 -19.29 26.75 2.38
CA GLY C 261 -18.95 25.60 1.56
C GLY C 261 -17.88 24.70 2.16
N THR C 262 -18.01 23.40 1.90
CA THR C 262 -17.12 22.40 2.47
C THR C 262 -16.85 21.24 1.50
N LEU C 263 -15.66 20.65 1.62
CA LEU C 263 -15.33 19.39 0.96
C LEU C 263 -15.17 18.34 2.03
N SER C 264 -15.86 17.21 1.89
CA SER C 264 -15.99 16.27 3.00
C SER C 264 -15.89 14.79 2.63
N ILE C 265 -15.25 14.03 3.52
CA ILE C 265 -15.30 12.57 3.50
C ILE C 265 -15.84 12.05 4.85
N PHE C 266 -16.22 10.79 4.89
CA PHE C 266 -16.76 10.21 6.10
C PHE C 266 -16.04 8.94 6.55
N GLY C 267 -15.52 8.97 7.76
CA GLY C 267 -14.91 7.80 8.38
C GLY C 267 -13.44 7.66 8.03
N ALA C 268 -12.60 8.16 8.92
CA ALA C 268 -11.15 8.03 8.78
C ALA C 268 -10.55 7.72 10.15
N GLN C 269 -9.29 7.30 10.16
CA GLN C 269 -8.61 6.98 11.41
C GLN C 269 -7.11 7.24 11.29
N MET C 270 -6.55 7.93 12.29
CA MET C 270 -5.11 8.19 12.37
C MET C 270 -4.52 7.71 13.69
N ARG C 271 -3.20 7.52 13.73
CA ARG C 271 -2.50 7.01 14.90
C ARG C 271 -1.27 7.85 15.21
N PHE C 272 -1.04 8.15 16.49
CA PHE C 272 0.12 8.98 16.89
C PHE C 272 0.82 8.42 18.13
N SER C 273 2.13 8.19 18.00
CA SER C 273 2.94 7.71 19.11
C SER C 273 3.22 8.83 20.13
N LEU C 274 3.00 8.51 21.40
CA LEU C 274 3.25 9.46 22.49
C LEU C 274 4.43 8.99 23.34
N ARG C 275 5.08 7.92 22.88
CA ARG C 275 6.19 7.30 23.59
C ARG C 275 7.37 8.24 23.81
N ASN C 276 7.99 8.10 24.97
CA ASN C 276 9.21 8.84 25.31
C ASN C 276 9.14 10.34 25.02
N ASN C 277 8.11 10.99 25.53
CA ASN C 277 7.96 12.45 25.48
C ASN C 277 7.55 13.04 24.13
N ARG C 278 7.40 12.18 23.12
CA ARG C 278 6.91 12.61 21.81
C ARG C 278 5.55 13.31 21.91
N LEU C 279 5.44 14.44 21.21
CA LEU C 279 4.19 15.20 21.16
C LEU C 279 3.83 15.50 19.71
N PRO C 280 2.69 14.97 19.22
CA PRO C 280 2.34 15.15 17.81
C PRO C 280 1.77 16.53 17.51
N LEU C 281 2.61 17.56 17.66
CA LEU C 281 2.30 18.90 17.19
C LEU C 281 2.71 18.98 15.73
N LEU C 282 1.73 19.20 14.85
CA LEU C 282 1.98 19.24 13.41
C LEU C 282 3.02 20.29 13.01
N THR C 283 3.86 19.92 12.05
CA THR C 283 4.99 20.77 11.65
C THR C 283 4.74 21.55 10.36
N THR C 284 3.88 21.03 9.48
CA THR C 284 3.58 21.69 8.19
C THR C 284 2.76 22.96 8.40
N LYS C 285 2.14 23.07 9.58
CA LYS C 285 1.56 24.33 10.04
C LYS C 285 1.61 24.41 11.57
N ARG C 286 2.06 25.55 12.07
CA ARG C 286 2.20 25.78 13.50
C ARG C 286 0.87 25.67 14.24
N VAL C 287 0.84 24.83 15.28
CA VAL C 287 -0.31 24.71 16.16
C VAL C 287 -0.14 25.63 17.38
N PHE C 288 -1.22 26.29 17.77
CA PHE C 288 -1.26 27.20 18.91
C PHE C 288 -1.25 26.40 20.22
N TRP C 289 -0.07 25.91 20.59
CA TRP C 289 0.08 25.03 21.75
C TRP C 289 -0.46 25.63 23.06
N ARG C 290 -0.15 26.90 23.30
CA ARG C 290 -0.56 27.53 24.55
C ARG C 290 -2.08 27.49 24.70
N GLY C 291 -2.78 27.75 23.60
CA GLY C 291 -4.23 27.59 23.54
C GLY C 291 -4.67 26.17 23.79
N VAL C 292 -4.03 25.22 23.10
CA VAL C 292 -4.33 23.80 23.31
C VAL C 292 -4.23 23.45 24.79
N CYS C 293 -3.11 23.85 25.39
CA CYS C 293 -2.80 23.50 26.77
C CYS C 293 -3.77 24.14 27.75
N GLU C 294 -4.02 25.43 27.60
CA GLU C 294 -4.92 26.13 28.51
C GLU C 294 -6.32 25.52 28.46
N GLU C 295 -6.79 25.22 27.24
CA GLU C 295 -8.13 24.69 27.05
C GLU C 295 -8.29 23.29 27.63
N LEU C 296 -7.28 22.43 27.46
CA LEU C 296 -7.37 21.08 28.01
C LEU C 296 -7.43 21.09 29.53
N LEU C 297 -6.57 21.87 30.17
CA LEU C 297 -6.57 22.00 31.62
C LEU C 297 -7.92 22.51 32.10
N TRP C 298 -8.44 23.49 31.37
CA TRP C 298 -9.78 24.05 31.56
C TRP C 298 -10.86 22.96 31.43
N PHE C 299 -10.76 22.09 30.42
CA PHE C 299 -11.66 20.93 30.30
C PHE C 299 -11.56 20.05 31.54
N LEU C 300 -10.33 19.66 31.88
CA LEU C 300 -10.08 18.76 33.02
C LEU C 300 -10.60 19.28 34.34
N ARG C 301 -10.61 20.61 34.52
CA ARG C 301 -11.16 21.22 35.73
C ARG C 301 -12.70 21.22 35.76
N GLY C 302 -13.32 20.81 34.65
CA GLY C 302 -14.80 20.80 34.54
C GLY C 302 -15.35 22.20 34.40
N GLU C 303 -14.59 23.05 33.73
CA GLU C 303 -14.87 24.47 33.63
C GLU C 303 -15.89 24.73 32.53
N THR C 304 -16.67 25.81 32.66
CA THR C 304 -17.65 26.19 31.63
C THR C 304 -17.63 27.69 31.33
N TYR C 305 -16.83 28.43 32.09
CA TYR C 305 -16.72 29.87 31.93
C TYR C 305 -15.52 30.19 31.04
N ALA C 306 -15.80 30.66 29.82
CA ALA C 306 -14.76 30.85 28.82
C ALA C 306 -13.92 32.11 29.06
N LYS C 307 -14.41 33.01 29.91
CA LYS C 307 -13.65 34.17 30.33
C LYS C 307 -12.34 33.77 31.04
N LYS C 308 -12.33 32.58 31.66
CA LYS C 308 -11.12 32.05 32.28
C LYS C 308 -10.03 31.80 31.24
N LEU C 309 -10.44 31.49 30.00
CA LEU C 309 -9.51 31.32 28.90
C LEU C 309 -9.11 32.66 28.27
N SER C 310 -10.09 33.53 28.05
CA SER C 310 -9.82 34.83 27.43
C SER C 310 -8.94 35.73 28.30
N ASP C 311 -9.05 35.56 29.62
CA ASP C 311 -8.18 36.27 30.57
C ASP C 311 -6.71 35.86 30.43
N LYS C 312 -6.49 34.64 29.94
CA LYS C 312 -5.13 34.13 29.74
C LYS C 312 -4.68 34.27 28.28
N GLY C 313 -5.37 35.14 27.53
CA GLY C 313 -5.05 35.40 26.14
C GLY C 313 -5.44 34.30 25.17
N VAL C 314 -6.35 33.43 25.59
CA VAL C 314 -6.86 32.34 24.74
C VAL C 314 -8.29 32.66 24.33
N HIS C 315 -8.45 33.12 23.09
CA HIS C 315 -9.71 33.72 22.62
C HIS C 315 -10.53 32.79 21.73
N ILE C 316 -10.20 31.51 21.72
CA ILE C 316 -10.83 30.53 20.83
C ILE C 316 -12.34 30.33 21.07
N TRP C 317 -12.81 30.66 22.27
CA TRP C 317 -14.23 30.48 22.63
C TRP C 317 -15.02 31.79 22.62
N ASP C 318 -14.35 32.90 22.35
CA ASP C 318 -14.96 34.23 22.39
C ASP C 318 -16.16 34.40 21.47
N ASP C 319 -16.04 33.91 20.24
CA ASP C 319 -17.13 34.01 19.26
C ASP C 319 -18.34 33.17 19.67
N ASN C 320 -18.10 32.03 20.30
CA ASN C 320 -19.17 31.16 20.78
C ASN C 320 -19.73 31.52 22.15
N GLY C 321 -19.14 32.52 22.79
CA GLY C 321 -19.53 32.91 24.14
C GLY C 321 -20.14 34.29 24.26
N SER C 322 -20.20 35.02 23.15
CA SER C 322 -20.74 36.40 23.14
C SER C 322 -22.25 36.43 23.40
N ARG C 323 -22.72 37.57 23.89
CA ARG C 323 -24.15 37.78 24.12
C ARG C 323 -24.96 37.38 22.89
N ALA C 324 -24.53 37.86 21.73
CA ALA C 324 -25.21 37.59 20.45
C ALA C 324 -25.28 36.10 20.14
N PHE C 325 -24.16 35.39 20.26
CA PHE C 325 -24.13 33.97 19.92
C PHE C 325 -24.97 33.13 20.88
N LEU C 326 -24.85 33.39 22.18
CA LEU C 326 -25.65 32.69 23.18
C LEU C 326 -27.14 32.91 22.92
N ASP C 327 -27.51 34.16 22.64
CA ASP C 327 -28.88 34.51 22.25
C ASP C 327 -29.33 33.75 20.98
N SER C 328 -28.40 33.51 20.07
CA SER C 328 -28.73 32.82 18.82
C SER C 328 -28.89 31.31 19.02
N ARG C 329 -28.53 30.80 20.20
CA ARG C 329 -28.79 29.42 20.54
C ARG C 329 -29.90 29.29 21.60
N GLY C 330 -30.60 30.39 21.84
CA GLY C 330 -31.72 30.41 22.78
C GLY C 330 -31.33 30.44 24.25
N LEU C 331 -30.03 30.63 24.51
CA LEU C 331 -29.49 30.65 25.86
C LEU C 331 -29.40 32.09 26.36
N THR C 332 -30.56 32.73 26.48
CA THR C 332 -30.68 34.14 26.82
C THR C 332 -30.42 34.41 28.31
N GLU C 333 -30.48 33.34 29.10
CA GLU C 333 -30.34 33.40 30.55
C GLU C 333 -28.86 33.34 30.99
N TYR C 334 -27.99 32.90 30.09
CA TYR C 334 -26.56 32.80 30.40
C TYR C 334 -25.86 34.16 30.36
N GLU C 335 -24.99 34.39 31.34
CA GLU C 335 -24.06 35.51 31.35
C GLU C 335 -23.08 35.32 30.19
N GLU C 336 -22.52 36.41 29.66
CA GLU C 336 -21.51 36.30 28.60
C GLU C 336 -20.39 35.34 29.01
N MET C 337 -19.94 34.54 28.06
CA MET C 337 -18.84 33.58 28.26
C MET C 337 -19.23 32.34 29.09
N ASP C 338 -20.48 32.29 29.53
CA ASP C 338 -21.05 31.07 30.13
C ASP C 338 -21.57 30.18 29.01
N LEU C 339 -20.86 29.09 28.76
CA LEU C 339 -21.10 28.24 27.60
C LEU C 339 -22.14 27.15 27.86
N GLY C 340 -22.55 27.02 29.12
CA GLY C 340 -23.43 25.92 29.51
C GLY C 340 -22.62 24.70 29.82
N PRO C 341 -23.29 23.56 30.08
CA PRO C 341 -22.65 22.33 30.53
C PRO C 341 -21.85 21.63 29.43
N VAL C 342 -20.91 22.37 28.84
CA VAL C 342 -20.08 21.85 27.73
C VAL C 342 -18.95 20.93 28.18
N TYR C 343 -18.44 20.15 27.23
CA TYR C 343 -17.21 19.37 27.38
C TYR C 343 -16.87 18.89 28.79
N GLY C 344 -15.88 19.55 29.41
CA GLY C 344 -15.36 19.17 30.71
C GLY C 344 -16.38 19.07 31.82
N PHE C 345 -17.46 19.85 31.71
CA PHE C 345 -18.55 19.70 32.68
C PHE C 345 -19.12 18.28 32.61
N GLN C 346 -19.33 17.77 31.40
CA GLN C 346 -19.81 16.41 31.20
C GLN C 346 -18.76 15.36 31.62
N TRP C 347 -17.47 15.67 31.39
CA TRP C 347 -16.38 14.79 31.81
C TRP C 347 -16.38 14.59 33.33
N ARG C 348 -16.66 15.66 34.06
CA ARG C 348 -16.52 15.70 35.52
C ARG C 348 -17.84 15.67 36.27
N HIS C 349 -18.94 16.01 35.59
CA HIS C 349 -20.26 16.09 36.21
C HIS C 349 -21.35 15.62 35.27
N PHE C 350 -21.12 14.51 34.58
CA PHE C 350 -22.09 14.04 33.60
C PHE C 350 -23.49 13.95 34.17
N GLY C 351 -24.45 14.55 33.46
CA GLY C 351 -25.85 14.41 33.81
C GLY C 351 -26.32 15.30 34.94
N ALA C 352 -25.41 16.12 35.48
CA ALA C 352 -25.76 17.07 36.53
C ALA C 352 -26.55 18.24 35.95
N ALA C 353 -27.53 18.72 36.70
CA ALA C 353 -28.33 19.87 36.30
C ALA C 353 -27.46 21.13 36.30
N TYR C 354 -27.56 21.91 35.24
CA TYR C 354 -26.79 23.12 35.10
C TYR C 354 -27.65 24.33 35.33
N THR C 355 -27.16 25.28 36.11
CA THR C 355 -27.80 26.58 36.24
C THR C 355 -26.92 27.67 35.62
N HIS C 356 -25.82 27.98 36.32
CA HIS C 356 -24.84 28.93 35.83
C HIS C 356 -23.44 28.43 36.19
N HIS C 357 -22.41 29.04 35.60
CA HIS C 357 -21.01 28.65 35.86
C HIS C 357 -20.58 28.90 37.32
N ASP C 358 -21.22 29.88 37.97
CA ASP C 358 -20.88 30.26 39.35
C ASP C 358 -21.17 29.16 40.35
N ALA C 359 -22.20 28.37 40.08
CA ALA C 359 -22.75 27.41 41.04
C ALA C 359 -21.74 26.34 41.50
N ASN C 360 -22.07 25.72 42.64
CA ASN C 360 -21.27 24.66 43.22
C ASN C 360 -21.71 23.29 42.67
N TYR C 361 -20.82 22.65 41.92
CA TYR C 361 -21.13 21.37 41.30
C TYR C 361 -20.34 20.20 41.90
N ASP C 362 -19.60 20.48 42.98
CA ASP C 362 -18.85 19.47 43.72
C ASP C 362 -19.70 18.23 43.99
N GLY C 363 -19.26 17.09 43.47
CA GLY C 363 -19.92 15.80 43.70
C GLY C 363 -21.23 15.58 42.96
N GLN C 364 -21.57 16.48 42.03
CA GLN C 364 -22.79 16.35 41.23
C GLN C 364 -22.49 15.63 39.93
N GLY C 365 -23.39 14.73 39.55
CA GLY C 365 -23.26 13.96 38.32
C GLY C 365 -22.16 12.94 38.40
N VAL C 366 -21.83 12.34 37.25
CA VAL C 366 -20.81 11.29 37.24
C VAL C 366 -19.44 11.88 36.90
N ASP C 367 -18.48 11.66 37.79
CA ASP C 367 -17.11 12.05 37.52
C ASP C 367 -16.46 10.92 36.74
N GLN C 368 -16.43 11.08 35.43
CA GLN C 368 -15.94 10.04 34.54
C GLN C 368 -14.43 9.94 34.56
N ILE C 369 -13.76 11.09 34.66
CA ILE C 369 -12.30 11.13 34.68
C ILE C 369 -11.73 10.43 35.92
N LYS C 370 -12.35 10.69 37.07
CA LYS C 370 -11.92 10.08 38.32
C LYS C 370 -12.10 8.57 38.29
N ALA C 371 -13.23 8.10 37.74
CA ALA C 371 -13.52 6.67 37.67
C ALA C 371 -12.50 5.93 36.80
N ILE C 372 -12.19 6.51 35.64
CA ILE C 372 -11.19 5.94 34.72
C ILE C 372 -9.81 5.86 35.39
N VAL C 373 -9.41 6.96 36.04
CA VAL C 373 -8.13 7.04 36.74
C VAL C 373 -8.00 5.91 37.77
N GLU C 374 -9.07 5.64 38.51
CA GLU C 374 -9.05 4.59 39.50
C GLU C 374 -9.05 3.19 38.89
N THR C 375 -9.77 3.01 37.78
CA THR C 375 -9.79 1.72 37.10
C THR C 375 -8.44 1.40 36.45
N LEU C 376 -7.78 2.42 35.91
CA LEU C 376 -6.48 2.26 35.28
C LEU C 376 -5.42 1.75 36.23
N LYS C 377 -5.49 2.20 37.48
CA LYS C 377 -4.54 1.81 38.52
C LYS C 377 -4.79 0.39 39.03
N THR C 378 -6.05 -0.05 39.04
CA THR C 378 -6.41 -1.35 39.61
C THR C 378 -6.70 -2.47 38.60
N ASN C 379 -7.45 -2.14 37.54
CA ASN C 379 -7.90 -3.12 36.57
C ASN C 379 -7.59 -2.66 35.13
N PRO C 380 -6.29 -2.70 34.74
CA PRO C 380 -5.86 -2.10 33.46
C PRO C 380 -6.42 -2.79 32.21
N ASP C 381 -6.82 -4.05 32.32
CA ASP C 381 -7.39 -4.78 31.18
C ASP C 381 -8.88 -4.45 30.94
N ASP C 382 -9.47 -3.64 31.81
CA ASP C 382 -10.86 -3.23 31.70
C ASP C 382 -11.20 -2.65 30.32
N ARG C 383 -12.36 -3.03 29.80
CA ARG C 383 -12.77 -2.63 28.47
C ARG C 383 -13.89 -1.58 28.48
N ARG C 384 -14.06 -0.92 29.63
CA ARG C 384 -15.17 0.02 29.82
C ARG C 384 -14.67 1.40 30.28
N MET C 385 -13.39 1.67 30.06
CA MET C 385 -12.77 2.91 30.50
C MET C 385 -12.91 3.98 29.44
N LEU C 386 -14.08 4.59 29.39
CA LEU C 386 -14.28 5.68 28.45
C LEU C 386 -15.15 6.75 29.07
N PHE C 387 -14.96 7.98 28.59
CA PHE C 387 -15.80 9.09 28.99
C PHE C 387 -16.42 9.72 27.78
N THR C 388 -17.57 10.35 27.97
CA THR C 388 -18.30 10.99 26.90
C THR C 388 -18.76 12.39 27.31
N ALA C 389 -18.89 13.27 26.32
CA ALA C 389 -19.53 14.55 26.53
C ALA C 389 -20.84 14.61 25.75
N TRP C 390 -21.14 13.54 25.02
CA TRP C 390 -22.36 13.49 24.21
C TRP C 390 -23.55 13.09 25.09
N ASN C 391 -24.23 14.11 25.61
CA ASN C 391 -25.37 13.95 26.50
C ASN C 391 -26.59 14.58 25.85
N PRO C 392 -27.38 13.78 25.13
CA PRO C 392 -28.58 14.28 24.43
C PRO C 392 -29.52 15.13 25.30
N SER C 393 -29.64 14.81 26.59
CA SER C 393 -30.45 15.62 27.51
C SER C 393 -29.90 17.04 27.62
N ALA C 394 -28.57 17.16 27.67
CA ALA C 394 -27.92 18.44 27.92
C ALA C 394 -27.51 19.25 26.67
N LEU C 395 -27.47 18.60 25.50
CA LEU C 395 -27.04 19.29 24.27
C LEU C 395 -27.72 20.65 24.01
N PRO C 396 -29.06 20.72 24.15
CA PRO C 396 -29.73 22.01 23.91
C PRO C 396 -29.28 23.12 24.88
N ARG C 397 -28.66 22.74 25.98
CA ARG C 397 -28.22 23.68 26.99
C ARG C 397 -26.81 24.21 26.71
N MET C 398 -26.09 23.55 25.80
CA MET C 398 -24.71 23.88 25.49
C MET C 398 -24.63 24.92 24.39
N ALA C 399 -23.64 25.80 24.49
CA ALA C 399 -23.40 26.82 23.46
C ALA C 399 -23.16 26.14 22.12
N LEU C 400 -22.58 24.95 22.18
CA LEU C 400 -22.18 24.19 21.02
C LEU C 400 -22.09 22.76 21.49
N PRO C 401 -22.70 21.82 20.74
CA PRO C 401 -22.55 20.42 21.13
C PRO C 401 -21.11 19.94 20.89
N PRO C 402 -20.64 18.97 21.69
CA PRO C 402 -19.24 18.57 21.59
C PRO C 402 -18.85 18.01 20.21
N CYS C 403 -17.68 18.43 19.76
CA CYS C 403 -17.12 17.93 18.50
CA CYS C 403 -17.08 17.96 18.52
C CYS C 403 -16.33 16.65 18.78
N HIS C 404 -15.30 16.74 19.63
CA HIS C 404 -14.60 15.58 20.13
C HIS C 404 -15.40 15.15 21.34
N LEU C 405 -16.14 14.06 21.21
CA LEU C 405 -17.26 13.79 22.11
C LEU C 405 -17.09 12.55 22.98
N LEU C 406 -16.12 11.71 22.64
CA LEU C 406 -15.92 10.45 23.33
C LEU C 406 -14.46 10.02 23.22
N ALA C 407 -13.95 9.44 24.31
CA ALA C 407 -12.60 8.92 24.33
C ALA C 407 -12.56 7.63 25.10
N GLN C 408 -11.71 6.69 24.67
CA GLN C 408 -11.56 5.42 25.36
C GLN C 408 -10.08 5.14 25.65
N PHE C 409 -9.81 4.52 26.80
CA PHE C 409 -8.44 4.20 27.19
C PHE C 409 -8.13 2.72 27.14
N TYR C 410 -6.87 2.41 26.93
CA TYR C 410 -6.40 1.04 26.74
C TYR C 410 -4.98 0.96 27.29
N VAL C 411 -4.67 -0.15 27.93
CA VAL C 411 -3.35 -0.35 28.54
C VAL C 411 -2.68 -1.57 27.95
N SER C 412 -1.41 -1.41 27.58
CA SER C 412 -0.59 -2.53 27.13
C SER C 412 0.87 -2.30 27.51
N ASN C 413 1.49 -3.31 28.12
CA ASN C 413 2.89 -3.23 28.58
C ASN C 413 3.18 -1.96 29.40
N GLY C 414 2.28 -1.63 30.32
CA GLY C 414 2.40 -0.44 31.14
C GLY C 414 2.27 0.87 30.36
N GLU C 415 1.77 0.79 29.13
CA GLU C 415 1.59 1.98 28.29
C GLU C 415 0.10 2.30 28.11
N LEU C 416 -0.25 3.56 28.31
CA LEU C 416 -1.62 4.04 28.15
C LEU C 416 -1.87 4.58 26.75
N SER C 417 -2.88 4.05 26.09
CA SER C 417 -3.33 4.56 24.80
C SER C 417 -4.72 5.15 24.93
N CYS C 418 -5.07 6.02 23.98
CA CYS C 418 -6.35 6.69 23.98
C CYS C 418 -6.95 6.74 22.58
N MET C 419 -8.25 6.52 22.50
CA MET C 419 -8.98 6.68 21.25
C MET C 419 -9.92 7.85 21.37
N LEU C 420 -9.72 8.83 20.49
CA LEU C 420 -10.60 9.96 20.37
C LEU C 420 -11.63 9.67 19.28
N TYR C 421 -12.91 9.92 19.57
CA TYR C 421 -13.93 9.95 18.54
C TYR C 421 -14.43 11.35 18.31
N GLN C 422 -14.32 11.83 17.08
CA GLN C 422 -14.69 13.18 16.73
C GLN C 422 -15.64 13.16 15.55
N ARG C 423 -16.83 13.75 15.75
CA ARG C 423 -17.93 13.67 14.77
C ARG C 423 -17.75 14.57 13.56
N SER C 424 -17.07 15.70 13.76
CA SER C 424 -16.97 16.73 12.73
C SER C 424 -15.59 17.35 12.84
N CYS C 425 -14.83 17.26 11.76
CA CYS C 425 -13.41 17.52 11.86
C CYS C 425 -12.98 18.54 10.81
N ASP C 426 -12.73 19.77 11.27
CA ASP C 426 -12.11 20.77 10.41
C ASP C 426 -10.62 20.46 10.34
N MET C 427 -10.16 20.03 9.17
CA MET C 427 -8.79 19.55 8.96
C MET C 427 -7.72 20.65 9.09
N GLY C 428 -8.06 21.86 8.68
CA GLY C 428 -7.12 22.98 8.69
C GLY C 428 -6.72 23.44 10.09
N LEU C 429 -7.71 23.67 10.95
CA LEU C 429 -7.46 24.23 12.27
C LEU C 429 -7.85 23.30 13.42
N GLY C 430 -9.07 22.77 13.37
CA GLY C 430 -9.59 21.94 14.45
C GLY C 430 -8.81 20.67 14.74
N VAL C 431 -8.52 19.90 13.69
CA VAL C 431 -7.92 18.57 13.85
C VAL C 431 -6.53 18.58 14.48
N PRO C 432 -5.60 19.41 13.95
CA PRO C 432 -4.26 19.49 14.55
C PRO C 432 -4.31 19.92 16.02
N PHE C 433 -5.25 20.81 16.34
CA PHE C 433 -5.50 21.30 17.69
C PHE C 433 -5.92 20.15 18.61
N ASN C 434 -6.86 19.33 18.14
CA ASN C 434 -7.38 18.23 18.95
C ASN C 434 -6.44 17.03 19.08
N ILE C 435 -5.61 16.81 18.07
CA ILE C 435 -4.55 15.82 18.15
C ILE C 435 -3.66 16.19 19.34
N ALA C 436 -3.18 17.43 19.35
CA ALA C 436 -2.34 17.93 20.43
C ALA C 436 -3.09 17.86 21.77
N SER C 437 -4.37 18.20 21.73
CA SER C 437 -5.20 18.22 22.92
C SER C 437 -5.33 16.87 23.62
N TYR C 438 -5.63 15.83 22.84
CA TYR C 438 -5.78 14.49 23.41
C TYR C 438 -4.45 13.78 23.62
N ALA C 439 -3.40 14.28 22.96
CA ALA C 439 -2.04 13.86 23.27
C ALA C 439 -1.75 14.27 24.71
N LEU C 440 -1.99 15.56 25.00
CA LEU C 440 -1.82 16.10 26.35
C LEU C 440 -2.63 15.32 27.40
N LEU C 441 -3.92 15.11 27.14
CA LEU C 441 -4.79 14.39 28.06
C LEU C 441 -4.23 13.02 28.40
N THR C 442 -3.78 12.29 27.37
CA THR C 442 -3.23 10.95 27.57
C THR C 442 -1.95 11.01 28.42
N ILE C 443 -1.09 11.97 28.12
CA ILE C 443 0.11 12.19 28.90
C ILE C 443 -0.25 12.46 30.37
N LEU C 444 -1.18 13.39 30.61
CA LEU C 444 -1.61 13.69 31.98
C LEU C 444 -2.24 12.51 32.72
N ILE C 445 -3.07 11.74 32.03
CA ILE C 445 -3.74 10.60 32.66
C ILE C 445 -2.74 9.48 32.99
N ALA C 446 -1.74 9.32 32.13
CA ALA C 446 -0.66 8.36 32.36
C ALA C 446 0.11 8.72 33.62
N LYS C 447 0.37 10.02 33.81
CA LYS C 447 1.03 10.53 35.01
C LYS C 447 0.20 10.26 36.26
N ALA C 448 -1.12 10.36 36.15
CA ALA C 448 -2.01 10.18 37.29
C ALA C 448 -2.18 8.71 37.64
N THR C 449 -1.73 7.82 36.77
CA THR C 449 -2.03 6.39 36.93
C THR C 449 -0.81 5.47 37.02
N GLY C 450 0.39 6.06 37.04
CA GLY C 450 1.62 5.28 37.08
C GLY C 450 1.93 4.55 35.79
N LEU C 451 1.45 5.10 34.67
CA LEU C 451 1.65 4.50 33.36
C LEU C 451 2.57 5.36 32.49
N ARG C 452 3.07 4.77 31.41
CA ARG C 452 3.80 5.53 30.41
C ARG C 452 2.87 5.82 29.25
N PRO C 453 3.03 7.00 28.62
CA PRO C 453 2.24 7.33 27.42
C PRO C 453 2.53 6.36 26.26
N GLY C 454 1.47 5.90 25.60
CA GLY C 454 1.57 4.97 24.47
C GLY C 454 1.19 5.61 23.15
N GLU C 455 -0.04 5.36 22.71
CA GLU C 455 -0.51 5.84 21.40
C GLU C 455 -1.79 6.67 21.52
N LEU C 456 -1.93 7.67 20.67
CA LEU C 456 -3.22 8.32 20.47
C LEU C 456 -3.82 7.82 19.16
N VAL C 457 -5.07 7.37 19.21
CA VAL C 457 -5.80 6.98 18.01
C VAL C 457 -6.94 7.98 17.81
N HIS C 458 -7.05 8.49 16.59
CA HIS C 458 -8.02 9.53 16.28
C HIS C 458 -9.00 9.04 15.22
N THR C 459 -10.26 8.90 15.62
CA THR C 459 -11.34 8.50 14.72
C THR C 459 -12.16 9.72 14.30
N LEU C 460 -12.25 9.92 12.99
CA LEU C 460 -12.92 11.08 12.42
C LEU C 460 -14.24 10.65 11.77
N GLY C 461 -15.29 11.43 12.03
CA GLY C 461 -16.57 11.22 11.35
C GLY C 461 -16.60 12.00 10.05
N ASP C 462 -17.32 13.11 10.06
CA ASP C 462 -17.34 14.03 8.91
C ASP C 462 -16.04 14.83 8.90
N ALA C 463 -15.10 14.43 8.05
CA ALA C 463 -13.81 15.13 7.95
C ALA C 463 -13.82 16.03 6.73
N HIS C 464 -13.59 17.32 6.95
CA HIS C 464 -13.79 18.30 5.90
C HIS C 464 -12.75 19.43 5.87
N VAL C 465 -12.68 20.08 4.71
CA VAL C 465 -11.86 21.25 4.48
C VAL C 465 -12.80 22.32 3.93
N TYR C 466 -12.63 23.57 4.36
CA TYR C 466 -13.42 24.68 3.84
C TYR C 466 -13.04 24.99 2.40
N SER C 467 -14.04 25.28 1.57
CA SER C 467 -13.87 25.35 0.12
C SER C 467 -12.91 26.44 -0.37
N ASN C 468 -12.77 27.51 0.38
CA ASN C 468 -11.80 28.55 0.05
C ASN C 468 -10.39 28.20 0.50
N HIS C 469 -10.30 27.43 1.60
CA HIS C 469 -9.04 26.96 2.18
C HIS C 469 -8.26 26.00 1.28
N VAL C 470 -8.85 25.62 0.13
CA VAL C 470 -8.26 24.63 -0.78
C VAL C 470 -6.85 25.03 -1.25
N GLU C 471 -6.70 26.25 -1.74
CA GLU C 471 -5.38 26.71 -2.19
C GLU C 471 -4.36 26.84 -1.05
N PRO C 472 -4.75 27.44 0.10
CA PRO C 472 -3.91 27.37 1.30
C PRO C 472 -3.49 25.94 1.66
N CYS C 473 -4.43 24.99 1.64
CA CYS C 473 -4.12 23.59 1.96
C CYS C 473 -3.24 22.92 0.91
N ASN C 474 -3.46 23.23 -0.37
CA ASN C 474 -2.62 22.70 -1.45
C ASN C 474 -1.17 23.17 -1.33
N GLU C 475 -1.01 24.43 -0.91
CA GLU C 475 0.29 24.98 -0.56
C GLU C 475 0.96 24.16 0.54
N GLN C 476 0.22 23.93 1.62
CA GLN C 476 0.74 23.18 2.77
C GLN C 476 1.14 21.75 2.38
N LEU C 477 0.47 21.18 1.39
CA LEU C 477 0.73 19.82 0.93
C LEU C 477 2.08 19.69 0.20
N LYS C 478 2.63 20.82 -0.23
CA LYS C 478 3.98 20.87 -0.82
C LYS C 478 5.04 20.47 0.20
N ARG C 479 4.75 20.72 1.49
CA ARG C 479 5.74 20.58 2.54
C ARG C 479 6.00 19.16 2.99
N VAL C 480 7.28 18.82 3.16
CA VAL C 480 7.67 17.55 3.75
C VAL C 480 7.65 17.73 5.26
N PRO C 481 6.81 16.95 5.96
CA PRO C 481 6.72 17.05 7.42
C PRO C 481 8.05 16.79 8.12
N ARG C 482 8.36 17.63 9.11
CA ARG C 482 9.55 17.47 9.93
C ARG C 482 9.25 16.57 11.12
N ALA C 483 10.28 16.25 11.90
CA ALA C 483 10.13 15.44 13.10
C ALA C 483 9.33 16.19 14.17
N PHE C 484 8.54 15.44 14.94
CA PHE C 484 7.69 16.00 15.99
C PHE C 484 8.52 16.55 17.17
N PRO C 485 7.94 17.48 17.95
CA PRO C 485 8.59 17.95 19.16
C PRO C 485 8.38 17.01 20.35
N TYR C 486 8.74 17.49 21.54
CA TYR C 486 8.60 16.71 22.77
C TYR C 486 8.00 17.55 23.87
N LEU C 487 7.36 16.91 24.82
CA LEU C 487 6.81 17.59 25.98
C LEU C 487 7.52 17.14 27.24
N VAL C 488 8.05 18.12 27.99
CA VAL C 488 8.68 17.86 29.28
C VAL C 488 7.97 18.63 30.37
N PHE C 489 7.96 18.07 31.58
CA PHE C 489 7.40 18.75 32.73
C PHE C 489 8.48 19.37 33.59
N ARG C 490 8.45 20.70 33.70
CA ARG C 490 9.35 21.46 34.56
C ARG C 490 9.03 21.26 36.03
N ARG C 491 7.78 20.92 36.32
CA ARG C 491 7.25 20.94 37.66
C ARG C 491 6.10 19.96 37.71
N GLU C 492 5.79 19.50 38.92
CA GLU C 492 4.75 18.52 39.14
C GLU C 492 3.72 19.10 40.13
N ARG C 493 2.58 18.45 40.28
CA ARG C 493 1.52 18.93 41.20
C ARG C 493 0.95 17.80 42.04
N GLU C 494 0.32 18.16 43.16
CA GLU C 494 -0.29 17.19 44.06
C GLU C 494 -1.61 16.65 43.47
N PHE C 495 -2.33 17.52 42.76
CA PHE C 495 -3.61 17.16 42.14
C PHE C 495 -3.63 17.47 40.64
N LEU C 496 -4.31 16.61 39.88
CA LEU C 496 -4.41 16.76 38.43
C LEU C 496 -4.95 18.12 38.01
N GLU C 497 -5.93 18.61 38.78
CA GLU C 497 -6.62 19.87 38.48
C GLU C 497 -5.75 21.09 38.75
N ASP C 498 -4.61 20.89 39.41
CA ASP C 498 -3.73 21.99 39.77
C ASP C 498 -2.64 22.30 38.74
N TYR C 499 -2.57 21.52 37.67
CA TYR C 499 -1.55 21.73 36.63
C TYR C 499 -1.77 23.03 35.86
N GLU C 500 -0.67 23.74 35.60
CA GLU C 500 -0.72 24.99 34.87
C GLU C 500 0.08 24.88 33.57
N GLU C 501 -0.20 25.77 32.63
CA GLU C 501 0.47 25.74 31.33
C GLU C 501 1.98 25.95 31.51
N GLY C 502 2.35 26.80 32.46
CA GLY C 502 3.75 27.03 32.82
C GLY C 502 4.48 25.86 33.44
N ASP C 503 3.75 24.79 33.80
CA ASP C 503 4.38 23.60 34.38
C ASP C 503 5.05 22.72 33.33
N MET C 504 4.77 22.99 32.06
CA MET C 504 5.27 22.17 30.97
C MET C 504 5.81 22.99 29.80
N GLU C 505 6.68 22.38 29.02
CA GLU C 505 7.31 23.08 27.91
C GLU C 505 7.43 22.17 26.70
N VAL C 506 7.02 22.70 25.55
CA VAL C 506 7.23 22.04 24.29
C VAL C 506 8.65 22.36 23.83
N ILE C 507 9.44 21.31 23.62
CA ILE C 507 10.82 21.50 23.18
C ILE C 507 11.04 20.91 21.79
N ASP C 508 12.03 21.48 21.08
CA ASP C 508 12.43 21.00 19.74
C ASP C 508 11.30 21.05 18.71
N TYR C 509 10.47 22.08 18.82
CA TYR C 509 9.38 22.29 17.89
C TYR C 509 9.84 23.23 16.79
N ALA C 510 9.97 22.71 15.58
CA ALA C 510 10.48 23.51 14.46
C ALA C 510 9.53 23.49 13.27
N PRO C 511 8.35 24.13 13.41
CA PRO C 511 7.38 24.10 12.34
C PRO C 511 7.77 25.03 11.20
N TYR C 512 7.16 24.82 10.04
CA TYR C 512 7.35 25.68 8.87
C TYR C 512 6.72 27.06 9.10
N PRO C 513 7.16 28.08 8.34
CA PRO C 513 6.55 29.41 8.43
C PRO C 513 5.12 29.39 7.88
N PRO C 514 4.31 30.41 8.22
CA PRO C 514 2.91 30.46 7.74
C PRO C 514 2.76 30.47 6.21
N SER D 2 12.50 -5.30 -51.35
CA SER D 2 11.49 -5.54 -50.28
C SER D 2 11.56 -6.95 -49.67
N LEU D 3 12.47 -7.78 -50.19
CA LEU D 3 12.67 -9.14 -49.68
C LEU D 3 13.04 -9.14 -48.21
N PHE D 4 13.71 -8.08 -47.78
CA PHE D 4 14.22 -7.98 -46.41
C PHE D 4 13.25 -7.26 -45.48
N LYS D 5 12.21 -6.69 -46.06
CA LYS D 5 11.14 -6.06 -45.29
C LYS D 5 10.24 -7.09 -44.61
N ILE D 6 9.34 -6.62 -43.76
CA ILE D 6 8.41 -7.48 -43.04
C ILE D 6 7.00 -7.22 -43.56
N ARG D 7 6.41 -8.23 -44.21
CA ARG D 7 5.07 -8.08 -44.78
C ARG D 7 3.99 -8.09 -43.71
N MET D 8 3.09 -7.12 -43.79
CA MET D 8 1.94 -7.03 -42.90
C MET D 8 0.91 -8.07 -43.33
N PRO D 9 0.27 -8.73 -42.35
CA PRO D 9 -0.74 -9.74 -42.66
C PRO D 9 -2.04 -9.10 -43.15
N GLU D 10 -3.01 -9.93 -43.57
CA GLU D 10 -4.32 -9.45 -43.98
C GLU D 10 -5.08 -8.78 -42.82
N THR D 11 -4.82 -9.22 -41.60
CA THR D 11 -5.50 -8.70 -40.40
C THR D 11 -4.85 -7.42 -39.84
N VAL D 12 -4.06 -6.73 -40.67
CA VAL D 12 -3.30 -5.54 -40.29
C VAL D 12 -4.10 -4.44 -39.56
N ALA D 13 -5.32 -4.19 -40.04
CA ALA D 13 -6.17 -3.12 -39.50
C ALA D 13 -7.13 -3.59 -38.40
N GLU D 14 -7.40 -4.88 -38.36
CA GLU D 14 -8.47 -5.46 -37.54
C GLU D 14 -8.30 -5.24 -36.03
N GLY D 15 -7.09 -5.46 -35.53
CA GLY D 15 -6.85 -5.40 -34.08
C GLY D 15 -6.51 -4.04 -33.50
N THR D 16 -6.53 -3.01 -34.34
CA THR D 16 -6.31 -1.64 -33.86
C THR D 16 -7.35 -0.64 -34.38
N ARG D 17 -8.39 -1.14 -35.03
CA ARG D 17 -9.50 -0.28 -35.45
C ARG D 17 -10.24 0.22 -34.20
N LEU D 18 -10.47 1.53 -34.15
CA LEU D 18 -11.16 2.15 -33.03
C LEU D 18 -12.63 1.72 -32.98
N ALA D 19 -12.99 1.01 -31.93
CA ALA D 19 -14.37 0.53 -31.77
C ALA D 19 -15.28 1.66 -31.34
N LEU D 20 -14.89 2.39 -30.29
CA LEU D 20 -15.65 3.52 -29.77
C LEU D 20 -14.74 4.73 -29.58
N ARG D 21 -15.21 5.89 -30.02
CA ARG D 21 -14.50 7.15 -29.82
C ARG D 21 -14.71 7.65 -28.38
N ALA D 22 -13.63 8.14 -27.77
CA ALA D 22 -13.68 8.69 -26.41
C ALA D 22 -14.47 10.00 -26.38
N PHE D 23 -14.95 10.37 -25.20
CA PHE D 23 -15.82 11.52 -25.05
C PHE D 23 -15.75 12.10 -23.65
N SER D 24 -16.22 13.34 -23.53
CA SER D 24 -16.37 14.00 -22.25
C SER D 24 -17.86 14.19 -21.99
N LEU D 25 -18.20 14.51 -20.74
CA LEU D 25 -19.59 14.70 -20.37
C LEU D 25 -19.79 16.09 -19.75
N VAL D 26 -20.87 16.77 -20.16
CA VAL D 26 -21.25 18.07 -19.57
C VAL D 26 -22.67 17.98 -19.04
N VAL D 27 -22.88 18.49 -17.83
CA VAL D 27 -24.15 18.35 -17.12
C VAL D 27 -24.34 19.47 -16.10
N ALA D 28 -25.58 19.87 -15.91
CA ALA D 28 -25.96 20.75 -14.81
C ALA D 28 -26.87 19.97 -13.87
N VAL D 29 -26.55 19.99 -12.59
CA VAL D 29 -27.34 19.30 -11.57
C VAL D 29 -27.71 20.25 -10.43
N ASP D 30 -28.80 19.94 -9.73
CA ASP D 30 -29.07 20.58 -8.45
C ASP D 30 -28.39 19.75 -7.35
N GLU D 31 -28.60 20.14 -6.09
CA GLU D 31 -27.89 19.51 -4.96
C GLU D 31 -28.43 18.13 -4.58
N ARG D 32 -29.53 17.73 -5.20
CA ARG D 32 -30.06 16.38 -5.05
C ARG D 32 -29.73 15.53 -6.27
N GLY D 33 -28.85 16.05 -7.14
CA GLY D 33 -28.50 15.37 -8.39
C GLY D 33 -29.54 15.44 -9.49
N GLY D 34 -30.59 16.24 -9.31
CA GLY D 34 -31.63 16.41 -10.33
C GLY D 34 -31.14 17.17 -11.55
N ILE D 35 -31.61 16.78 -12.73
CA ILE D 35 -31.20 17.45 -13.97
C ILE D 35 -32.35 18.07 -14.77
N GLY D 36 -33.57 17.60 -14.51
CA GLY D 36 -34.75 18.06 -15.22
C GLY D 36 -36.03 17.35 -14.78
N ASP D 37 -37.17 17.84 -15.27
CA ASP D 37 -38.47 17.30 -14.89
C ASP D 37 -39.00 16.26 -15.88
N GLY D 38 -38.18 15.92 -16.86
CA GLY D 38 -38.57 14.99 -17.91
C GLY D 38 -38.76 15.68 -19.24
N ARG D 39 -39.06 16.97 -19.17
CA ARG D 39 -39.32 17.78 -20.38
C ARG D 39 -38.30 18.92 -20.53
N SER D 40 -37.94 19.54 -19.41
CA SER D 40 -37.02 20.67 -19.42
C SER D 40 -36.19 20.75 -18.14
N ILE D 41 -35.24 21.69 -18.13
CA ILE D 41 -34.44 22.02 -16.96
C ILE D 41 -35.16 23.10 -16.15
N PRO D 42 -35.52 22.80 -14.88
CA PRO D 42 -36.40 23.69 -14.12
C PRO D 42 -35.67 24.80 -13.36
N TRP D 43 -34.64 25.38 -13.99
CA TRP D 43 -33.95 26.56 -13.45
C TRP D 43 -33.39 27.41 -14.58
N ASN D 44 -33.00 28.63 -14.25
CA ASN D 44 -32.62 29.63 -15.24
C ASN D 44 -31.30 30.29 -14.85
N VAL D 45 -30.19 29.70 -15.30
CA VAL D 45 -28.86 30.20 -14.95
C VAL D 45 -28.04 30.48 -16.22
N PRO D 46 -28.00 31.75 -16.67
CA PRO D 46 -27.35 32.11 -17.94
C PRO D 46 -25.86 31.77 -17.97
N GLU D 47 -25.20 31.84 -16.81
CA GLU D 47 -23.77 31.60 -16.71
C GLU D 47 -23.41 30.13 -16.97
N ASP D 48 -24.35 29.23 -16.67
CA ASP D 48 -24.21 27.82 -17.05
C ASP D 48 -24.41 27.63 -18.56
N MET D 49 -25.40 28.31 -19.12
CA MET D 49 -25.64 28.28 -20.58
C MET D 49 -24.40 28.75 -21.34
N LYS D 50 -23.78 29.82 -20.86
CA LYS D 50 -22.55 30.34 -21.45
C LYS D 50 -21.42 29.31 -21.34
N PHE D 51 -21.18 28.81 -20.13
CA PHE D 51 -20.14 27.80 -19.92
C PHE D 51 -20.36 26.57 -20.79
N PHE D 52 -21.61 26.11 -20.85
CA PHE D 52 -21.98 24.95 -21.67
C PHE D 52 -21.62 25.20 -23.14
N ARG D 53 -22.01 26.37 -23.65
CA ARG D 53 -21.69 26.77 -25.00
C ARG D 53 -20.18 26.80 -25.23
N ASP D 54 -19.46 27.49 -24.35
CA ASP D 54 -18.01 27.64 -24.50
C ASP D 54 -17.25 26.32 -24.47
N VAL D 55 -17.54 25.47 -23.48
CA VAL D 55 -16.78 24.23 -23.34
C VAL D 55 -17.06 23.23 -24.48
N THR D 56 -18.28 23.28 -25.03
CA THR D 56 -18.63 22.38 -26.12
C THR D 56 -18.23 22.92 -27.51
N THR D 57 -18.08 24.23 -27.64
CA THR D 57 -17.74 24.85 -28.93
C THR D 57 -16.23 24.98 -29.15
N LYS D 58 -15.53 25.47 -28.12
CA LYS D 58 -14.12 25.83 -28.24
C LYS D 58 -13.18 24.65 -28.49
N LEU D 59 -12.19 24.90 -29.33
CA LEU D 59 -11.15 23.92 -29.66
C LEU D 59 -9.91 24.20 -28.84
N ARG D 60 -9.04 23.21 -28.76
CA ARG D 60 -7.94 23.21 -27.81
C ARG D 60 -6.92 24.33 -28.01
N GLY D 61 -6.67 24.69 -29.27
CA GLY D 61 -5.67 25.72 -29.58
C GLY D 61 -6.05 27.13 -29.14
N LYS D 62 -5.25 28.11 -29.54
CA LYS D 62 -5.58 29.52 -29.29
C LYS D 62 -6.30 30.10 -30.50
N ASN D 63 -7.48 30.67 -30.25
CA ASN D 63 -8.30 31.32 -31.27
C ASN D 63 -8.56 30.53 -32.56
N VAL D 64 -8.67 29.21 -32.43
CA VAL D 64 -9.03 28.35 -33.56
C VAL D 64 -10.55 28.34 -33.73
N LYS D 65 -11.02 28.78 -34.90
CA LYS D 65 -12.46 28.83 -35.18
C LYS D 65 -12.98 27.46 -35.64
N PRO D 66 -14.07 26.97 -35.02
CA PRO D 66 -14.71 25.72 -35.43
C PRO D 66 -15.05 25.70 -36.93
N SER D 67 -14.65 24.64 -37.61
CA SER D 67 -14.90 24.47 -39.04
C SER D 67 -15.24 23.00 -39.33
N PRO D 68 -15.79 22.70 -40.53
CA PRO D 68 -16.09 21.31 -40.90
C PRO D 68 -14.87 20.36 -40.85
N ALA D 69 -13.67 20.92 -41.01
CA ALA D 69 -12.45 20.13 -40.96
C ALA D 69 -11.97 19.88 -39.52
N LYS D 70 -12.37 20.76 -38.60
CA LYS D 70 -11.96 20.67 -37.19
C LYS D 70 -13.00 21.32 -36.28
N ARG D 71 -13.76 20.48 -35.58
CA ARG D 71 -14.79 20.96 -34.67
C ARG D 71 -15.08 19.92 -33.60
N ASN D 72 -15.88 20.32 -32.60
CA ASN D 72 -16.37 19.38 -31.60
C ASN D 72 -17.74 18.83 -32.00
N ALA D 73 -18.10 17.69 -31.41
CA ALA D 73 -19.43 17.13 -31.56
C ALA D 73 -20.16 17.12 -30.23
N VAL D 74 -21.48 17.36 -30.27
CA VAL D 74 -22.33 17.21 -29.10
C VAL D 74 -23.34 16.09 -29.36
N VAL D 75 -23.43 15.15 -28.42
CA VAL D 75 -24.32 13.99 -28.56
C VAL D 75 -25.47 14.09 -27.58
N MET D 76 -26.69 14.05 -28.10
CA MET D 76 -27.87 14.25 -27.28
C MET D 76 -28.99 13.25 -27.58
N GLY D 77 -29.82 12.96 -26.57
CA GLY D 77 -31.03 12.19 -26.75
C GLY D 77 -32.08 13.05 -27.44
N ARG D 78 -33.05 12.39 -28.08
CA ARG D 78 -34.07 13.09 -28.85
C ARG D 78 -34.85 14.09 -27.99
N LYS D 79 -35.16 13.69 -26.76
CA LYS D 79 -35.94 14.53 -25.84
C LYS D 79 -35.21 15.83 -25.53
N THR D 80 -33.88 15.78 -25.47
CA THR D 80 -33.05 16.96 -25.27
C THR D 80 -33.05 17.86 -26.50
N TRP D 81 -33.03 17.24 -27.69
CA TRP D 81 -33.13 17.96 -28.95
C TRP D 81 -34.47 18.70 -29.04
N ASP D 82 -35.55 18.04 -28.62
CA ASP D 82 -36.87 18.64 -28.56
C ASP D 82 -36.96 19.82 -27.58
N SER D 83 -36.24 19.73 -26.47
CA SER D 83 -36.26 20.75 -25.42
C SER D 83 -35.57 22.05 -25.85
N ILE D 84 -34.78 21.97 -26.92
CA ILE D 84 -34.12 23.14 -27.48
C ILE D 84 -35.08 23.83 -28.44
N PRO D 85 -35.35 25.14 -28.22
CA PRO D 85 -36.16 25.92 -29.14
C PRO D 85 -35.65 25.80 -30.58
N PRO D 86 -36.56 25.53 -31.54
CA PRO D 86 -36.24 25.31 -32.95
C PRO D 86 -35.34 26.41 -33.55
N LYS D 87 -35.53 27.64 -33.06
CA LYS D 87 -34.73 28.79 -33.49
C LYS D 87 -33.24 28.59 -33.18
N PHE D 88 -32.96 27.95 -32.05
CA PHE D 88 -31.58 27.79 -31.57
C PHE D 88 -30.89 26.50 -32.02
N ARG D 89 -31.64 25.61 -32.67
CA ARG D 89 -31.06 24.36 -33.18
C ARG D 89 -30.86 24.35 -34.70
N PRO D 90 -29.79 23.70 -35.19
CA PRO D 90 -28.76 22.99 -34.43
C PRO D 90 -27.88 23.95 -33.66
N LEU D 91 -27.21 23.44 -32.62
CA LEU D 91 -26.29 24.26 -31.82
C LEU D 91 -25.10 24.63 -32.70
N PRO D 92 -24.95 25.93 -33.02
CA PRO D 92 -23.94 26.37 -33.98
C PRO D 92 -22.52 26.02 -33.59
N GLY D 93 -21.66 25.83 -34.60
CA GLY D 93 -20.24 25.58 -34.39
C GLY D 93 -19.87 24.18 -33.94
N ARG D 94 -20.87 23.31 -33.82
CA ARG D 94 -20.65 21.94 -33.36
C ARG D 94 -21.46 20.95 -34.18
N LEU D 95 -20.95 19.74 -34.33
CA LEU D 95 -21.72 18.66 -34.95
C LEU D 95 -22.80 18.20 -33.98
N ASN D 96 -24.05 18.28 -34.41
CA ASN D 96 -25.17 17.86 -33.58
C ASN D 96 -25.53 16.40 -33.86
N VAL D 97 -25.23 15.52 -32.92
CA VAL D 97 -25.57 14.12 -33.01
C VAL D 97 -26.80 13.85 -32.15
N VAL D 98 -27.89 13.41 -32.78
CA VAL D 98 -29.14 13.17 -32.08
C VAL D 98 -29.48 11.68 -32.06
N LEU D 99 -29.69 11.14 -30.87
CA LEU D 99 -30.08 9.75 -30.73
C LEU D 99 -31.60 9.60 -30.85
N SER D 100 -32.05 8.75 -31.76
CA SER D 100 -33.49 8.53 -31.98
C SER D 100 -33.79 7.26 -32.78
N SER D 101 -34.77 6.50 -32.32
CA SER D 101 -35.19 5.28 -33.01
C SER D 101 -36.11 5.56 -34.18
N THR D 102 -36.74 6.74 -34.18
CA THR D 102 -37.72 7.09 -35.20
C THR D 102 -37.28 8.24 -36.11
N LEU D 103 -36.61 9.24 -35.55
CA LEU D 103 -36.21 10.41 -36.32
C LEU D 103 -34.94 10.17 -37.14
N THR D 104 -35.04 10.42 -38.44
CA THR D 104 -33.93 10.28 -39.37
C THR D 104 -33.21 11.61 -39.56
N THR D 105 -31.99 11.55 -40.10
CA THR D 105 -31.18 12.75 -40.36
C THR D 105 -31.96 13.78 -41.20
N GLN D 106 -32.63 13.30 -42.25
CA GLN D 106 -33.40 14.17 -43.16
C GLN D 106 -34.64 14.77 -42.50
N HIS D 107 -35.30 13.98 -41.66
CA HIS D 107 -36.53 14.43 -40.97
C HIS D 107 -36.26 15.46 -39.88
N LEU D 108 -35.01 15.53 -39.41
CA LEU D 108 -34.61 16.50 -38.40
C LEU D 108 -34.47 17.90 -39.00
N LEU D 109 -33.95 17.97 -40.22
CA LEU D 109 -33.78 19.23 -40.96
C LEU D 109 -35.11 19.94 -41.30
N ASP D 110 -36.24 19.28 -41.04
CA ASP D 110 -37.56 19.83 -41.33
C ASP D 110 -38.25 20.37 -40.06
N GLY D 111 -37.47 20.53 -38.99
CA GLY D 111 -38.00 21.06 -37.73
C GLY D 111 -37.92 22.58 -37.66
N ALA D 122 -24.66 23.66 -43.59
CA ALA D 122 -23.77 22.59 -44.01
C ALA D 122 -24.21 21.27 -43.42
N ASP D 123 -23.29 20.35 -43.18
CA ASP D 123 -23.70 19.10 -42.55
C ASP D 123 -23.33 18.99 -41.08
N SER D 124 -24.23 19.47 -40.25
CA SER D 124 -23.99 19.64 -38.86
C SER D 124 -25.04 18.98 -38.05
N ILE D 125 -25.79 18.11 -38.67
CA ILE D 125 -26.72 17.27 -37.95
C ILE D 125 -26.64 15.84 -38.44
N VAL D 126 -26.60 14.89 -37.51
CA VAL D 126 -26.71 13.46 -37.83
C VAL D 126 -27.61 12.78 -36.80
N ALA D 127 -28.55 11.98 -37.30
CA ALA D 127 -29.36 11.12 -36.43
C ALA D 127 -28.73 9.73 -36.36
N VAL D 128 -28.66 9.19 -35.14
CA VAL D 128 -28.19 7.83 -34.92
C VAL D 128 -29.34 6.99 -34.39
N ASN D 129 -29.60 5.87 -35.07
CA ASN D 129 -30.58 4.89 -34.64
C ASN D 129 -29.96 3.97 -33.58
N GLY D 130 -30.00 4.43 -32.33
CA GLY D 130 -29.38 3.71 -31.23
C GLY D 130 -28.93 4.66 -30.14
N GLY D 131 -28.23 4.12 -29.15
CA GLY D 131 -27.78 4.90 -28.00
C GLY D 131 -26.40 5.48 -28.17
N LEU D 132 -25.84 5.96 -27.06
CA LEU D 132 -24.52 6.59 -27.04
C LEU D 132 -23.42 5.68 -27.62
N GLU D 133 -23.52 4.38 -27.34
CA GLU D 133 -22.54 3.43 -27.86
C GLU D 133 -22.54 3.46 -29.39
N GLN D 134 -23.73 3.44 -29.97
CA GLN D 134 -23.88 3.55 -31.43
C GLN D 134 -23.31 4.87 -31.95
N ALA D 135 -23.58 5.96 -31.25
CA ALA D 135 -23.03 7.26 -31.62
C ALA D 135 -21.50 7.31 -31.57
N LEU D 136 -20.93 6.70 -30.53
CA LEU D 136 -19.47 6.70 -30.35
C LEU D 136 -18.81 5.79 -31.39
N GLN D 137 -19.52 4.75 -31.78
CA GLN D 137 -19.12 3.85 -32.86
C GLN D 137 -19.02 4.62 -34.18
N LEU D 138 -20.07 5.39 -34.49
CA LEU D 138 -20.10 6.20 -35.70
C LEU D 138 -18.99 7.26 -35.69
N LEU D 139 -18.79 7.88 -34.53
CA LEU D 139 -17.79 8.94 -34.40
C LEU D 139 -16.36 8.42 -34.46
N ALA D 140 -16.20 7.10 -34.27
CA ALA D 140 -14.91 6.43 -34.36
C ALA D 140 -14.45 6.19 -35.80
N SER D 141 -15.38 6.28 -36.75
CA SER D 141 -15.06 6.09 -38.17
C SER D 141 -14.19 7.22 -38.75
N PRO D 142 -13.43 6.95 -39.83
CA PRO D 142 -12.52 7.94 -40.45
C PRO D 142 -13.20 9.26 -40.86
N ASN D 143 -14.50 9.23 -41.10
CA ASN D 143 -15.24 10.44 -41.45
C ASN D 143 -15.31 11.47 -40.30
N TYR D 144 -15.27 10.98 -39.06
CA TYR D 144 -15.40 11.83 -37.87
C TYR D 144 -14.17 11.80 -36.97
N THR D 145 -13.27 10.84 -37.20
CA THR D 145 -11.99 10.78 -36.50
C THR D 145 -10.88 10.88 -37.55
N PRO D 146 -10.02 11.92 -37.44
CA PRO D 146 -9.88 12.83 -36.30
C PRO D 146 -10.51 14.22 -36.43
N SER D 147 -11.31 14.46 -37.48
CA SER D 147 -11.87 15.80 -37.72
C SER D 147 -12.71 16.34 -36.55
N ILE D 148 -13.25 15.45 -35.73
CA ILE D 148 -13.92 15.83 -34.50
C ILE D 148 -12.90 15.80 -33.37
N GLU D 149 -12.62 16.95 -32.78
CA GLU D 149 -11.60 17.06 -31.74
C GLU D 149 -12.05 16.48 -30.39
N THR D 150 -13.19 16.94 -29.88
CA THR D 150 -13.77 16.38 -28.66
C THR D 150 -15.26 16.08 -28.82
N VAL D 151 -15.66 14.89 -28.42
CA VAL D 151 -17.07 14.52 -28.34
C VAL D 151 -17.60 14.87 -26.94
N TYR D 152 -18.71 15.59 -26.89
CA TYR D 152 -19.39 15.89 -25.64
C TYR D 152 -20.76 15.23 -25.57
N CYS D 153 -20.95 14.41 -24.54
CA CYS D 153 -22.27 13.91 -24.17
C CYS D 153 -22.94 15.02 -23.38
N ILE D 154 -24.12 15.42 -23.84
CA ILE D 154 -24.83 16.54 -23.25
C ILE D 154 -26.29 16.16 -23.05
N GLY D 155 -26.64 14.98 -23.57
CA GLY D 155 -28.04 14.55 -23.79
C GLY D 155 -28.72 14.37 -22.46
N GLY D 156 -29.90 13.76 -22.47
CA GLY D 156 -30.67 13.63 -21.23
C GLY D 156 -30.22 12.52 -20.30
N GLY D 157 -31.08 12.24 -19.32
CA GLY D 157 -30.82 11.21 -18.32
C GLY D 157 -30.46 9.84 -18.86
N SER D 158 -31.20 9.40 -19.89
CA SER D 158 -30.94 8.09 -20.50
C SER D 158 -29.56 8.04 -21.16
N VAL D 159 -29.12 9.16 -21.73
CA VAL D 159 -27.82 9.24 -22.38
C VAL D 159 -26.70 9.27 -21.34
N TYR D 160 -26.89 10.06 -20.29
CA TYR D 160 -25.95 10.09 -19.16
C TYR D 160 -25.79 8.71 -18.51
N ALA D 161 -26.91 8.00 -18.35
CA ALA D 161 -26.90 6.68 -17.72
C ALA D 161 -26.09 5.70 -18.56
N GLU D 162 -26.21 5.82 -19.87
CA GLU D 162 -25.44 4.99 -20.78
C GLU D 162 -23.97 5.38 -20.79
N ALA D 163 -23.68 6.66 -20.53
CA ALA D 163 -22.31 7.14 -20.40
C ALA D 163 -21.60 6.57 -19.19
N LEU D 164 -22.36 6.25 -18.14
CA LEU D 164 -21.79 5.78 -16.89
C LEU D 164 -21.69 4.28 -16.77
N ARG D 165 -22.12 3.56 -17.79
CA ARG D 165 -21.97 2.13 -17.76
C ARG D 165 -21.10 1.62 -18.90
N PRO D 166 -20.34 0.53 -18.67
CA PRO D 166 -19.55 -0.08 -19.74
C PRO D 166 -20.45 -0.44 -20.93
N PRO D 167 -19.93 -0.35 -22.16
CA PRO D 167 -18.54 -0.04 -22.52
C PRO D 167 -18.18 1.45 -22.58
N CYS D 168 -19.19 2.34 -22.62
CA CYS D 168 -18.95 3.78 -22.78
C CYS D 168 -18.11 4.40 -21.66
N VAL D 169 -18.36 3.99 -20.42
CA VAL D 169 -17.75 4.63 -19.25
C VAL D 169 -16.22 4.63 -19.25
N HIS D 170 -15.61 3.58 -19.82
CA HIS D 170 -14.16 3.45 -19.86
C HIS D 170 -13.52 4.43 -20.86
N LEU D 171 -14.36 5.06 -21.67
CA LEU D 171 -13.93 6.04 -22.67
C LEU D 171 -14.25 7.47 -22.23
N LEU D 172 -14.83 7.60 -21.04
CA LEU D 172 -15.21 8.90 -20.53
C LEU D 172 -14.00 9.64 -19.96
N GLN D 173 -13.57 10.67 -20.67
CA GLN D 173 -12.32 11.36 -20.39
C GLN D 173 -12.43 12.41 -19.27
N ALA D 174 -13.60 13.03 -19.16
CA ALA D 174 -13.81 14.15 -18.23
C ALA D 174 -15.30 14.43 -18.01
N ILE D 175 -15.63 14.88 -16.80
CA ILE D 175 -16.98 15.32 -16.47
C ILE D 175 -16.93 16.78 -16.05
N TYR D 176 -17.61 17.63 -16.82
CA TYR D 176 -17.78 19.03 -16.45
C TYR D 176 -19.16 19.14 -15.84
N ARG D 177 -19.20 19.30 -14.53
CA ARG D 177 -20.46 19.35 -13.80
C ARG D 177 -20.72 20.72 -13.20
N THR D 178 -21.86 21.31 -13.55
CA THR D 178 -22.34 22.51 -12.90
C THR D 178 -23.34 22.14 -11.82
N THR D 179 -23.11 22.66 -10.61
CA THR D 179 -24.05 22.48 -9.52
C THR D 179 -24.80 23.77 -9.27
N ILE D 180 -26.12 23.70 -9.41
CA ILE D 180 -27.01 24.82 -9.13
C ILE D 180 -27.56 24.62 -7.72
N ARG D 181 -27.39 25.61 -6.87
CA ARG D 181 -27.82 25.50 -5.48
C ARG D 181 -29.30 25.81 -5.29
N ALA D 182 -30.11 24.83 -5.69
CA ALA D 182 -31.54 24.81 -5.42
C ALA D 182 -31.94 23.35 -5.18
N SER D 183 -33.13 23.17 -4.60
CA SER D 183 -33.70 21.84 -4.45
C SER D 183 -35.09 21.80 -5.08
N GLU D 184 -35.16 21.11 -6.22
CA GLU D 184 -36.36 21.07 -7.06
C GLU D 184 -37.16 19.78 -6.86
N SER D 185 -38.28 19.88 -6.16
CA SER D 185 -39.24 18.77 -6.08
C SER D 185 -39.57 18.28 -7.51
N SER D 186 -39.67 19.24 -8.42
CA SER D 186 -40.00 19.02 -9.84
C SER D 186 -39.09 18.02 -10.58
N CYS D 187 -37.83 17.92 -10.17
CA CYS D 187 -36.88 17.02 -10.82
C CYS D 187 -37.24 15.54 -10.67
N SER D 188 -37.32 14.86 -11.80
CA SER D 188 -37.65 13.43 -11.85
C SER D 188 -36.56 12.62 -12.56
N VAL D 189 -35.59 13.31 -13.17
CA VAL D 189 -34.44 12.67 -13.80
C VAL D 189 -33.17 13.09 -13.07
N PHE D 190 -32.27 12.13 -12.84
CA PHE D 190 -31.11 12.36 -11.98
C PHE D 190 -29.79 11.95 -12.62
N PHE D 191 -28.71 12.59 -12.16
CA PHE D 191 -27.35 12.23 -12.56
C PHE D 191 -26.41 12.28 -11.36
N ARG D 192 -25.75 11.16 -11.11
CA ARG D 192 -24.82 11.05 -9.98
C ARG D 192 -23.51 10.39 -10.38
N VAL D 193 -22.41 11.06 -10.04
CA VAL D 193 -21.06 10.52 -10.26
C VAL D 193 -20.73 9.52 -9.15
N PRO D 194 -20.46 8.25 -9.52
CA PRO D 194 -20.13 7.20 -8.55
C PRO D 194 -18.80 7.44 -7.84
N GLU D 195 -18.76 7.17 -6.54
CA GLU D 195 -17.56 7.34 -5.72
C GLU D 195 -16.63 6.13 -5.81
N SER D 196 -15.34 6.35 -5.49
CA SER D 196 -14.30 5.31 -5.52
C SER D 196 -14.72 4.01 -4.84
N GLY D 197 -14.40 2.90 -5.49
CA GLY D 197 -14.56 1.58 -4.90
C GLY D 197 -15.97 1.03 -4.95
N THR D 198 -16.94 1.87 -5.34
CA THR D 198 -18.33 1.43 -5.43
C THR D 198 -18.53 0.62 -6.71
N GLU D 199 -19.51 -0.28 -6.69
CA GLU D 199 -19.82 -1.10 -7.86
C GLU D 199 -20.22 -0.26 -9.08
N ALA D 200 -21.04 0.77 -8.85
CA ALA D 200 -21.48 1.68 -9.90
C ALA D 200 -20.33 2.38 -10.64
N ALA D 201 -19.16 2.45 -10.01
CA ALA D 201 -18.02 3.19 -10.56
C ALA D 201 -17.23 2.40 -11.59
N ALA D 202 -17.49 1.09 -11.66
CA ALA D 202 -16.88 0.19 -12.64
C ALA D 202 -15.33 0.25 -12.64
N GLY D 203 -14.75 0.33 -11.44
CA GLY D 203 -13.30 0.37 -11.28
C GLY D 203 -12.68 1.73 -11.51
N ILE D 204 -13.49 2.72 -11.86
CA ILE D 204 -12.99 4.05 -12.15
C ILE D 204 -13.00 4.89 -10.87
N GLU D 205 -11.97 5.71 -10.72
CA GLU D 205 -11.81 6.54 -9.53
C GLU D 205 -11.87 8.03 -9.88
N TRP D 206 -13.08 8.58 -9.86
CA TRP D 206 -13.30 9.98 -10.22
C TRP D 206 -12.65 10.94 -9.22
N GLN D 207 -11.97 11.95 -9.78
CA GLN D 207 -11.25 12.93 -8.99
C GLN D 207 -11.54 14.32 -9.49
N ARG D 208 -11.54 15.26 -8.56
CA ARG D 208 -11.70 16.67 -8.85
C ARG D 208 -10.37 17.23 -9.35
N GLU D 209 -10.36 17.73 -10.59
CA GLU D 209 -9.21 18.49 -11.09
C GLU D 209 -9.36 19.94 -10.67
N THR D 210 -10.54 20.52 -10.91
CA THR D 210 -10.83 21.90 -10.56
C THR D 210 -12.22 22.06 -9.93
N ILE D 211 -12.31 23.00 -9.00
CA ILE D 211 -13.59 23.46 -8.50
C ILE D 211 -13.55 24.99 -8.43
N SER D 212 -14.60 25.63 -8.95
CA SER D 212 -14.68 27.08 -8.91
C SER D 212 -15.08 27.55 -7.51
N GLU D 213 -14.86 28.83 -7.25
CA GLU D 213 -15.45 29.49 -6.09
C GLU D 213 -16.96 29.48 -6.31
N GLU D 214 -17.72 29.56 -5.22
CA GLU D 214 -19.17 29.64 -5.31
C GLU D 214 -19.58 31.01 -5.83
N LEU D 215 -20.35 31.03 -6.92
CA LEU D 215 -20.74 32.28 -7.57
C LEU D 215 -22.25 32.48 -7.50
N THR D 216 -22.69 33.71 -7.73
CA THR D 216 -24.11 34.03 -7.74
C THR D 216 -24.57 34.40 -9.15
N SER D 217 -25.66 33.77 -9.58
CA SER D 217 -26.23 33.99 -10.90
C SER D 217 -26.97 35.32 -11.00
N ALA D 218 -26.76 36.02 -12.10
CA ALA D 218 -27.54 37.22 -12.40
C ALA D 218 -28.85 36.81 -13.09
N ASN D 219 -29.71 36.15 -12.34
CA ASN D 219 -30.97 35.66 -12.88
C ASN D 219 -32.19 36.20 -12.15
N GLY D 220 -31.97 37.20 -11.28
CA GLY D 220 -33.04 37.81 -10.49
C GLY D 220 -33.37 37.05 -9.21
N ASN D 221 -32.83 35.84 -9.07
CA ASN D 221 -33.14 34.98 -7.92
C ASN D 221 -31.94 34.72 -7.01
N GLU D 222 -30.82 35.38 -7.31
CA GLU D 222 -29.57 35.22 -6.57
C GLU D 222 -29.16 33.75 -6.39
N THR D 223 -29.39 32.94 -7.41
CA THR D 223 -29.09 31.51 -7.35
C THR D 223 -27.58 31.28 -7.32
N LYS D 224 -27.14 30.57 -6.28
CA LYS D 224 -25.75 30.19 -6.17
C LYS D 224 -25.45 28.96 -7.00
N TYR D 225 -24.26 28.93 -7.58
CA TYR D 225 -23.84 27.82 -8.43
C TYR D 225 -22.33 27.71 -8.38
N TYR D 226 -21.79 26.60 -8.87
CA TYR D 226 -20.35 26.42 -9.04
C TYR D 226 -20.04 25.39 -10.11
N PHE D 227 -18.80 25.36 -10.57
CA PHE D 227 -18.36 24.45 -11.61
C PHE D 227 -17.33 23.48 -11.06
N GLU D 228 -17.40 22.22 -11.50
CA GLU D 228 -16.35 21.24 -11.24
C GLU D 228 -15.95 20.54 -12.53
N LYS D 229 -14.67 20.25 -12.65
CA LYS D 229 -14.19 19.34 -13.67
C LYS D 229 -13.59 18.13 -12.98
N LEU D 230 -14.15 16.97 -13.29
CA LEU D 230 -13.73 15.73 -12.70
C LEU D 230 -13.04 14.89 -13.75
N ILE D 231 -12.03 14.13 -13.33
CA ILE D 231 -11.24 13.31 -14.24
C ILE D 231 -11.06 11.91 -13.66
N PRO D 232 -11.00 10.88 -14.52
CA PRO D 232 -10.80 9.53 -14.00
C PRO D 232 -9.34 9.34 -13.63
N ARG D 233 -9.07 8.95 -12.39
CA ARG D 233 -7.71 8.77 -11.91
C ARG D 233 -6.85 7.96 -12.89
N ASN D 234 -5.74 8.56 -13.29
CA ASN D 234 -4.76 7.88 -14.12
C ASN D 234 -3.63 7.32 -13.24
N ARG D 235 -3.88 6.13 -12.68
CA ARG D 235 -2.91 5.42 -11.84
C ARG D 235 -1.58 5.20 -12.53
N GLU D 236 -1.61 4.95 -13.83
CA GLU D 236 -0.41 4.65 -14.61
C GLU D 236 0.56 5.82 -14.64
N GLU D 237 0.05 7.02 -14.92
CA GLU D 237 0.89 8.22 -14.90
C GLU D 237 1.32 8.57 -13.47
N GLU D 238 0.52 8.18 -12.49
CA GLU D 238 0.87 8.40 -11.10
C GLU D 238 2.03 7.53 -10.64
N GLN D 239 2.24 6.37 -11.28
CA GLN D 239 3.44 5.55 -11.04
C GLN D 239 4.66 6.39 -11.32
N TYR D 240 4.64 7.04 -12.48
CA TYR D 240 5.71 7.89 -12.97
C TYR D 240 5.98 9.05 -12.02
N LEU D 241 4.91 9.74 -11.60
CA LEU D 241 5.05 10.90 -10.70
C LEU D 241 5.57 10.51 -9.31
N SER D 242 5.08 9.38 -8.78
CA SER D 242 5.57 8.87 -7.50
C SER D 242 7.06 8.58 -7.56
N LEU D 243 7.50 8.07 -8.70
CA LEU D 243 8.89 7.73 -8.90
C LEU D 243 9.79 8.97 -8.91
N VAL D 244 9.36 10.00 -9.64
CA VAL D 244 10.06 11.28 -9.68
C VAL D 244 10.16 11.86 -8.27
N ASP D 245 9.04 11.85 -7.55
CA ASP D 245 8.97 12.35 -6.18
C ASP D 245 9.90 11.56 -5.25
N ARG D 246 9.98 10.25 -5.42
CA ARG D 246 10.88 9.42 -4.63
C ARG D 246 12.36 9.77 -4.89
N ILE D 247 12.68 10.00 -6.16
CA ILE D 247 14.03 10.38 -6.58
C ILE D 247 14.45 11.72 -5.94
N ILE D 248 13.58 12.73 -6.05
CA ILE D 248 13.81 14.01 -5.42
C ILE D 248 13.96 13.88 -3.89
N ARG D 249 13.06 13.12 -3.26
CA ARG D 249 13.09 12.95 -1.81
C ARG D 249 14.27 12.14 -1.27
N GLU D 250 14.62 11.05 -1.94
CA GLU D 250 15.62 10.15 -1.36
C GLU D 250 16.64 9.55 -2.33
N GLY D 251 16.70 10.11 -3.53
CA GLY D 251 17.68 9.71 -4.53
C GLY D 251 19.08 10.16 -4.18
N ASN D 252 20.07 9.40 -4.64
CA ASN D 252 21.46 9.69 -4.41
C ASN D 252 21.96 10.75 -5.39
N VAL D 253 22.81 11.65 -4.89
CA VAL D 253 23.46 12.65 -5.75
C VAL D 253 24.54 11.97 -6.59
N LYS D 254 24.46 12.17 -7.90
CA LYS D 254 25.44 11.63 -8.82
C LYS D 254 25.82 12.68 -9.85
N HIS D 255 26.93 12.44 -10.54
CA HIS D 255 27.32 13.28 -11.66
C HIS D 255 27.59 12.44 -12.89
N ASP D 256 27.06 12.87 -14.02
CA ASP D 256 27.24 12.15 -15.28
C ASP D 256 28.60 12.48 -15.89
N ARG D 257 28.83 12.01 -17.10
CA ARG D 257 30.13 12.17 -17.77
C ARG D 257 30.53 13.63 -17.96
N THR D 258 29.55 14.49 -18.26
CA THR D 258 29.80 15.93 -18.43
C THR D 258 30.02 16.65 -17.09
N GLY D 259 29.62 16.02 -15.99
CA GLY D 259 29.76 16.60 -14.65
C GLY D 259 28.52 17.33 -14.15
N VAL D 260 27.40 17.11 -14.84
CA VAL D 260 26.11 17.67 -14.43
C VAL D 260 25.53 16.86 -13.26
N GLY D 261 24.98 17.59 -12.28
CA GLY D 261 24.40 16.98 -11.09
C GLY D 261 23.11 16.25 -11.34
N THR D 262 22.92 15.16 -10.62
CA THR D 262 21.79 14.27 -10.80
C THR D 262 21.31 13.70 -9.46
N LEU D 263 20.01 13.45 -9.36
CA LEU D 263 19.44 12.72 -8.25
C LEU D 263 18.98 11.37 -8.79
N SER D 264 19.35 10.29 -8.11
CA SER D 264 19.27 8.94 -8.70
C SER D 264 18.77 7.85 -7.75
N ILE D 265 17.88 7.00 -8.26
CA ILE D 265 17.59 5.71 -7.63
C ILE D 265 17.88 4.59 -8.62
N PHE D 266 18.04 3.37 -8.11
CA PHE D 266 18.35 2.20 -8.93
C PHE D 266 17.26 1.13 -8.86
N GLY D 267 16.75 0.75 -10.02
CA GLY D 267 15.83 -0.38 -10.14
C GLY D 267 14.38 -0.06 -9.86
N ALA D 268 13.60 0.18 -10.91
CA ALA D 268 12.18 0.45 -10.79
C ALA D 268 11.43 -0.22 -11.93
N GLN D 269 10.10 -0.24 -11.86
CA GLN D 269 9.26 -0.87 -12.88
C GLN D 269 7.88 -0.23 -12.98
N MET D 270 7.43 0.05 -14.20
CA MET D 270 6.10 0.63 -14.44
C MET D 270 5.32 -0.17 -15.48
N ARG D 271 3.98 -0.12 -15.41
CA ARG D 271 3.12 -0.81 -16.38
C ARG D 271 2.15 0.16 -17.04
N PHE D 272 1.94 -0.02 -18.34
CA PHE D 272 1.00 0.81 -19.10
C PHE D 272 0.15 -0.06 -20.02
N SER D 273 -1.16 0.13 -19.94
CA SER D 273 -2.09 -0.63 -20.76
C SER D 273 -2.15 -0.05 -22.16
N LEU D 274 -2.11 -0.91 -23.16
CA LEU D 274 -2.20 -0.48 -24.55
C LEU D 274 -3.49 -1.00 -25.19
N ARG D 275 -4.37 -1.54 -24.36
CA ARG D 275 -5.62 -2.13 -24.83
C ARG D 275 -6.54 -1.10 -25.44
N ASN D 276 -7.24 -1.53 -26.49
CA ASN D 276 -8.30 -0.75 -27.13
C ASN D 276 -7.86 0.66 -27.51
N ASN D 277 -6.73 0.73 -28.21
CA ASN D 277 -6.18 1.97 -28.76
C ASN D 277 -5.56 2.96 -27.77
N ARG D 278 -5.48 2.59 -26.49
CA ARG D 278 -4.93 3.50 -25.48
C ARG D 278 -3.44 3.79 -25.72
N LEU D 279 -3.06 5.06 -25.60
CA LEU D 279 -1.68 5.48 -25.81
C LEU D 279 -1.15 6.26 -24.60
N PRO D 280 -0.17 5.67 -23.89
CA PRO D 280 0.34 6.30 -22.65
C PRO D 280 1.28 7.48 -22.91
N LEU D 281 0.74 8.52 -23.54
CA LEU D 281 1.41 9.81 -23.67
C LEU D 281 1.10 10.62 -22.42
N LEU D 282 2.13 10.93 -21.63
CA LEU D 282 1.94 11.60 -20.35
C LEU D 282 1.22 12.93 -20.52
N THR D 283 0.39 13.26 -19.53
CA THR D 283 -0.48 14.44 -19.60
C THR D 283 0.04 15.62 -18.78
N THR D 284 0.83 15.33 -17.74
CA THR D 284 1.31 16.39 -16.85
C THR D 284 2.39 17.25 -17.51
N LYS D 285 2.96 16.74 -18.60
CA LYS D 285 3.84 17.51 -19.47
C LYS D 285 3.73 16.96 -20.89
N ARG D 286 3.50 17.84 -21.85
CA ARG D 286 3.34 17.45 -23.25
C ARG D 286 4.56 16.70 -23.80
N VAL D 287 4.30 15.52 -24.38
CA VAL D 287 5.34 14.74 -25.05
C VAL D 287 5.36 15.06 -26.55
N PHE D 288 6.56 15.11 -27.11
CA PHE D 288 6.77 15.36 -28.53
C PHE D 288 6.43 14.09 -29.34
N TRP D 289 5.13 13.86 -29.56
CA TRP D 289 4.69 12.65 -30.26
C TRP D 289 5.31 12.52 -31.65
N ARG D 290 5.29 13.60 -32.43
CA ARG D 290 5.78 13.55 -33.79
C ARG D 290 7.23 13.08 -33.84
N GLY D 291 8.02 13.53 -32.88
CA GLY D 291 9.41 13.08 -32.75
C GLY D 291 9.48 11.62 -32.35
N VAL D 292 8.67 11.23 -31.37
CA VAL D 292 8.62 9.85 -30.93
C VAL D 292 8.38 8.94 -32.12
N CYS D 293 7.36 9.30 -32.90
CA CYS D 293 6.89 8.49 -34.02
C CYS D 293 7.92 8.40 -35.14
N GLU D 294 8.49 9.54 -35.52
CA GLU D 294 9.50 9.55 -36.58
C GLU D 294 10.73 8.74 -36.19
N GLU D 295 11.14 8.83 -34.92
CA GLU D 295 12.33 8.12 -34.45
C GLU D 295 12.12 6.61 -34.37
N LEU D 296 10.94 6.18 -33.91
CA LEU D 296 10.69 4.74 -33.82
C LEU D 296 10.67 4.10 -35.20
N LEU D 297 9.97 4.74 -36.14
CA LEU D 297 9.94 4.24 -37.52
C LEU D 297 11.36 4.17 -38.08
N TRP D 298 12.14 5.21 -37.79
CA TRP D 298 13.57 5.30 -38.12
C TRP D 298 14.35 4.14 -37.49
N PHE D 299 14.11 3.85 -36.21
CA PHE D 299 14.65 2.64 -35.56
C PHE D 299 14.25 1.37 -36.32
N LEU D 300 12.96 1.21 -36.57
CA LEU D 300 12.42 0.01 -37.23
C LEU D 300 13.02 -0.25 -38.60
N ARG D 301 13.36 0.83 -39.31
CA ARG D 301 13.97 0.72 -40.63
C ARG D 301 15.46 0.36 -40.59
N GLY D 302 16.02 0.25 -39.39
CA GLY D 302 17.45 -0.04 -39.22
C GLY D 302 18.33 1.14 -39.61
N GLU D 303 17.77 2.33 -39.49
CA GLU D 303 18.37 3.56 -39.99
C GLU D 303 19.49 4.05 -39.05
N THR D 304 20.50 4.72 -39.59
CA THR D 304 21.61 5.26 -38.76
C THR D 304 21.97 6.70 -39.10
N TYR D 305 21.41 7.22 -40.20
CA TYR D 305 21.67 8.59 -40.62
C TYR D 305 20.64 9.52 -39.96
N ALA D 306 21.12 10.34 -39.03
CA ALA D 306 20.25 11.20 -38.25
C ALA D 306 19.68 12.38 -39.06
N LYS D 307 20.30 12.66 -40.21
CA LYS D 307 19.82 13.71 -41.11
C LYS D 307 18.41 13.40 -41.64
N LYS D 308 18.07 12.11 -41.69
CA LYS D 308 16.74 11.67 -42.08
C LYS D 308 15.68 12.16 -41.11
N LEU D 309 16.06 12.28 -39.83
CA LEU D 309 15.19 12.88 -38.83
C LEU D 309 15.23 14.41 -38.93
N SER D 310 16.42 14.98 -39.11
CA SER D 310 16.62 16.43 -39.27
C SER D 310 15.75 17.03 -40.38
N ASP D 311 15.77 16.37 -41.54
CA ASP D 311 14.99 16.81 -42.70
C ASP D 311 13.48 16.87 -42.44
N LYS D 312 13.04 16.27 -41.34
CA LYS D 312 11.63 16.23 -40.98
C LYS D 312 11.31 17.11 -39.77
N GLY D 313 12.26 17.99 -39.41
CA GLY D 313 12.10 18.86 -38.25
C GLY D 313 12.23 18.16 -36.91
N VAL D 314 12.78 16.95 -36.92
CA VAL D 314 13.04 16.20 -35.68
C VAL D 314 14.52 16.29 -35.36
N HIS D 315 14.86 17.15 -34.40
CA HIS D 315 16.25 17.55 -34.15
C HIS D 315 16.89 16.90 -32.91
N ILE D 316 16.28 15.83 -32.42
CA ILE D 316 16.70 15.21 -31.17
C ILE D 316 18.10 14.58 -31.21
N TRP D 317 18.59 14.27 -32.41
CA TRP D 317 19.90 13.64 -32.57
C TRP D 317 20.98 14.61 -33.09
N ASP D 318 20.60 15.86 -33.33
CA ASP D 318 21.49 16.87 -33.90
C ASP D 318 22.79 17.05 -33.12
N ASP D 319 22.66 17.23 -31.81
CA ASP D 319 23.81 17.46 -30.95
C ASP D 319 24.70 16.22 -30.79
N ASN D 320 24.13 15.04 -30.97
CA ASN D 320 24.91 13.80 -30.92
C ASN D 320 25.41 13.33 -32.28
N GLY D 321 25.13 14.08 -33.33
CA GLY D 321 25.59 13.76 -34.68
C GLY D 321 26.46 14.83 -35.34
N SER D 322 26.72 15.91 -34.61
CA SER D 322 27.56 17.00 -35.13
C SER D 322 29.01 16.55 -35.26
N ARG D 323 29.74 17.20 -36.18
CA ARG D 323 31.15 16.93 -36.41
C ARG D 323 31.93 16.92 -35.09
N ALA D 324 31.69 17.93 -34.25
CA ALA D 324 32.36 18.06 -32.96
C ALA D 324 32.10 16.89 -32.00
N PHE D 325 30.85 16.44 -31.93
CA PHE D 325 30.52 15.35 -31.01
C PHE D 325 31.08 14.00 -31.46
N LEU D 326 30.99 13.73 -32.76
CA LEU D 326 31.53 12.48 -33.32
C LEU D 326 33.03 12.40 -33.13
N ASP D 327 33.71 13.51 -33.39
CA ASP D 327 35.14 13.62 -33.10
C ASP D 327 35.43 13.38 -31.62
N SER D 328 34.54 13.85 -30.76
CA SER D 328 34.72 13.72 -29.31
C SER D 328 34.55 12.27 -28.85
N ARG D 329 33.99 11.41 -29.70
CA ARG D 329 33.88 9.98 -29.40
C ARG D 329 34.87 9.17 -30.25
N GLY D 330 35.73 9.86 -30.99
CA GLY D 330 36.76 9.22 -31.79
C GLY D 330 36.27 8.71 -33.13
N LEU D 331 35.06 9.13 -33.49
CA LEU D 331 34.43 8.70 -34.73
C LEU D 331 34.68 9.72 -35.83
N THR D 332 35.96 9.90 -36.15
CA THR D 332 36.42 10.95 -37.05
C THR D 332 36.17 10.67 -38.54
N GLU D 333 35.97 9.40 -38.88
CA GLU D 333 35.73 8.98 -40.26
C GLU D 333 34.24 9.02 -40.65
N TYR D 334 33.36 9.18 -39.67
CA TYR D 334 31.93 9.32 -39.96
C TYR D 334 31.59 10.68 -40.54
N GLU D 335 30.80 10.67 -41.61
CA GLU D 335 30.17 11.86 -42.15
C GLU D 335 29.25 12.44 -41.06
N GLU D 336 29.08 13.75 -41.05
CA GLU D 336 28.20 14.40 -40.06
C GLU D 336 26.80 13.76 -40.08
N MET D 337 26.24 13.55 -38.88
CA MET D 337 24.93 12.91 -38.68
C MET D 337 24.91 11.39 -38.81
N ASP D 338 26.04 10.80 -39.22
CA ASP D 338 26.22 9.34 -39.24
C ASP D 338 26.52 8.89 -37.82
N LEU D 339 25.60 8.14 -37.23
CA LEU D 339 25.67 7.84 -35.80
C LEU D 339 26.39 6.54 -35.49
N GLY D 340 26.75 5.80 -36.55
CA GLY D 340 27.32 4.49 -36.38
C GLY D 340 26.22 3.46 -36.20
N PRO D 341 26.60 2.21 -35.89
CA PRO D 341 25.66 1.11 -35.80
C PRO D 341 24.75 1.19 -34.55
N VAL D 342 24.02 2.29 -34.42
CA VAL D 342 23.16 2.52 -33.25
C VAL D 342 21.81 1.83 -33.33
N TYR D 343 21.20 1.59 -32.17
CA TYR D 343 19.81 1.16 -32.02
C TYR D 343 19.26 0.27 -33.14
N GLY D 344 18.59 0.90 -34.10
CA GLY D 344 17.88 0.19 -35.16
C GLY D 344 18.78 -0.73 -35.97
N PHE D 345 20.00 -0.27 -36.23
CA PHE D 345 20.96 -1.08 -36.97
C PHE D 345 21.15 -2.42 -36.27
N GLN D 346 21.22 -2.42 -34.94
CA GLN D 346 21.35 -3.66 -34.17
C GLN D 346 20.07 -4.48 -34.17
N TRP D 347 18.92 -3.82 -34.21
CA TRP D 347 17.64 -4.52 -34.23
C TRP D 347 17.53 -5.35 -35.51
N ARG D 348 17.94 -4.77 -36.64
CA ARG D 348 17.76 -5.36 -37.95
C ARG D 348 19.01 -6.07 -38.48
N HIS D 349 20.17 -5.67 -37.96
CA HIS D 349 21.46 -6.15 -38.48
C HIS D 349 22.45 -6.44 -37.35
N PHE D 350 22.01 -7.14 -36.30
CA PHE D 350 22.90 -7.39 -35.16
C PHE D 350 24.19 -8.10 -35.55
N GLY D 351 25.31 -7.47 -35.23
CA GLY D 351 26.62 -8.09 -35.40
C GLY D 351 27.27 -7.81 -36.74
N ALA D 352 26.54 -7.15 -37.63
CA ALA D 352 27.07 -6.78 -38.94
C ALA D 352 28.16 -5.72 -38.82
N ALA D 353 29.17 -5.82 -39.68
CA ALA D 353 30.25 -4.85 -39.71
C ALA D 353 29.74 -3.52 -40.28
N TYR D 354 30.03 -2.43 -39.58
CA TYR D 354 29.59 -1.11 -39.99
C TYR D 354 30.72 -0.34 -40.66
N THR D 355 30.44 0.25 -41.82
CA THR D 355 31.37 1.15 -42.48
C THR D 355 30.84 2.59 -42.43
N HIS D 356 29.83 2.86 -43.25
CA HIS D 356 29.15 4.16 -43.26
C HIS D 356 27.64 3.96 -43.44
N HIS D 357 26.85 5.00 -43.15
CA HIS D 357 25.38 4.90 -43.18
C HIS D 357 24.80 4.50 -44.53
N ASP D 358 25.41 4.96 -45.63
CA ASP D 358 24.83 4.79 -46.97
C ASP D 358 25.21 3.47 -47.68
N ALA D 359 25.89 2.58 -46.97
CA ALA D 359 26.24 1.27 -47.53
C ALA D 359 25.03 0.33 -47.52
N ASN D 360 25.15 -0.80 -48.21
CA ASN D 360 24.08 -1.77 -48.27
C ASN D 360 24.24 -2.86 -47.22
N TYR D 361 23.30 -2.90 -46.29
CA TYR D 361 23.34 -3.85 -45.17
C TYR D 361 22.28 -4.95 -45.27
N ASP D 362 21.57 -5.01 -46.39
CA ASP D 362 20.58 -6.05 -46.65
C ASP D 362 21.15 -7.44 -46.38
N GLY D 363 20.49 -8.17 -45.49
CA GLY D 363 20.86 -9.55 -45.19
C GLY D 363 22.05 -9.73 -44.27
N GLN D 364 22.65 -8.63 -43.83
CA GLN D 364 23.82 -8.68 -42.96
C GLN D 364 23.43 -8.64 -41.49
N GLY D 365 24.08 -9.48 -40.70
CA GLY D 365 23.77 -9.60 -39.28
C GLY D 365 22.43 -10.28 -39.02
N VAL D 366 21.96 -10.20 -37.78
CA VAL D 366 20.74 -10.89 -37.38
C VAL D 366 19.55 -9.93 -37.36
N ASP D 367 18.53 -10.26 -38.13
CA ASP D 367 17.30 -9.48 -38.13
C ASP D 367 16.43 -9.94 -36.98
N GLN D 368 16.55 -9.24 -35.85
CA GLN D 368 15.89 -9.65 -34.62
C GLN D 368 14.40 -9.42 -34.66
N ILE D 369 13.99 -8.29 -35.25
CA ILE D 369 12.57 -7.95 -35.37
C ILE D 369 11.83 -8.96 -36.25
N LYS D 370 12.40 -9.30 -37.40
CA LYS D 370 11.78 -10.25 -38.31
C LYS D 370 11.63 -11.63 -37.65
N ALA D 371 12.67 -12.06 -36.92
CA ALA D 371 12.64 -13.35 -36.22
C ALA D 371 11.52 -13.38 -35.16
N ILE D 372 11.37 -12.27 -34.44
CA ILE D 372 10.32 -12.13 -33.44
C ILE D 372 8.94 -12.19 -34.07
N VAL D 373 8.74 -11.43 -35.16
CA VAL D 373 7.48 -11.44 -35.89
C VAL D 373 7.11 -12.86 -36.35
N GLU D 374 8.08 -13.60 -36.86
CA GLU D 374 7.86 -14.97 -37.32
C GLU D 374 7.47 -15.90 -36.17
N THR D 375 8.15 -15.73 -35.04
CA THR D 375 7.89 -16.56 -33.86
C THR D 375 6.55 -16.24 -33.22
N LEU D 376 6.16 -14.97 -33.23
CA LEU D 376 4.86 -14.54 -32.69
C LEU D 376 3.67 -15.18 -33.39
N LYS D 377 3.83 -15.47 -34.68
CA LYS D 377 2.76 -16.02 -35.48
C LYS D 377 2.65 -17.53 -35.36
N THR D 378 3.77 -18.20 -35.09
CA THR D 378 3.80 -19.67 -35.04
C THR D 378 3.87 -20.27 -33.63
N ASN D 379 4.64 -19.64 -32.73
CA ASN D 379 4.70 -20.08 -31.34
C ASN D 379 4.67 -18.92 -30.34
N PRO D 380 3.46 -18.46 -29.98
CA PRO D 380 3.33 -17.30 -29.08
C PRO D 380 3.78 -17.59 -27.65
N ASP D 381 3.86 -18.87 -27.29
CA ASP D 381 4.33 -19.31 -25.98
C ASP D 381 5.84 -19.16 -25.77
N ASP D 382 6.57 -18.94 -26.87
CA ASP D 382 8.02 -18.81 -26.85
C ASP D 382 8.51 -17.81 -25.80
N ARG D 383 9.60 -18.16 -25.14
CA ARG D 383 10.17 -17.33 -24.09
C ARG D 383 11.47 -16.65 -24.52
N ARG D 384 11.83 -16.79 -25.79
CA ARG D 384 13.09 -16.26 -26.30
C ARG D 384 12.87 -15.06 -27.24
N MET D 385 11.70 -14.45 -27.18
CA MET D 385 11.34 -13.38 -28.11
C MET D 385 11.87 -12.02 -27.64
N LEU D 386 13.19 -11.86 -27.77
CA LEU D 386 13.85 -10.65 -27.33
C LEU D 386 14.66 -10.06 -28.45
N PHE D 387 14.82 -8.74 -28.42
CA PHE D 387 15.86 -8.11 -29.22
C PHE D 387 16.70 -7.19 -28.34
N THR D 388 17.93 -6.94 -28.77
CA THR D 388 18.86 -6.13 -28.01
C THR D 388 19.66 -5.20 -28.92
N ALA D 389 20.06 -4.06 -28.39
CA ALA D 389 21.02 -3.18 -29.05
C ALA D 389 22.34 -3.16 -28.29
N TRP D 390 22.40 -3.92 -27.18
CA TRP D 390 23.62 -3.98 -26.38
C TRP D 390 24.61 -4.99 -26.95
N ASN D 391 25.44 -4.50 -27.86
CA ASN D 391 26.48 -5.28 -28.50
C ASN D 391 27.83 -4.72 -28.08
N PRO D 392 28.44 -5.32 -27.03
CA PRO D 392 29.71 -4.85 -26.51
C PRO D 392 30.78 -4.59 -27.57
N SER D 393 30.81 -5.39 -28.63
CA SER D 393 31.85 -5.20 -29.67
C SER D 393 31.58 -4.00 -30.58
N ALA D 394 30.32 -3.58 -30.67
CA ALA D 394 29.94 -2.44 -31.49
C ALA D 394 29.77 -1.13 -30.71
N LEU D 395 29.68 -1.22 -29.38
CA LEU D 395 29.49 -0.02 -28.54
C LEU D 395 30.47 1.12 -28.88
N PRO D 396 31.78 0.82 -29.02
CA PRO D 396 32.73 1.89 -29.35
C PRO D 396 32.51 2.54 -30.72
N ARG D 397 31.76 1.88 -31.60
CA ARG D 397 31.51 2.40 -32.95
C ARG D 397 30.27 3.29 -32.99
N MET D 398 29.53 3.34 -31.90
CA MET D 398 28.28 4.08 -31.82
C MET D 398 28.52 5.48 -31.27
N ALA D 399 27.76 6.45 -31.77
CA ALA D 399 27.82 7.81 -31.24
C ALA D 399 27.51 7.78 -29.75
N LEU D 400 26.46 7.03 -29.39
CA LEU D 400 26.10 6.76 -28.02
C LEU D 400 25.74 5.29 -27.89
N PRO D 401 26.10 4.67 -26.76
CA PRO D 401 25.54 3.36 -26.47
C PRO D 401 24.05 3.49 -26.10
N PRO D 402 23.24 2.47 -26.44
CA PRO D 402 21.80 2.57 -26.24
C PRO D 402 21.43 2.58 -24.76
N CYS D 403 20.46 3.42 -24.38
CA CYS D 403 19.95 3.36 -23.01
C CYS D 403 18.73 2.45 -22.92
N HIS D 404 17.79 2.61 -23.85
CA HIS D 404 16.78 1.56 -24.07
C HIS D 404 17.42 0.48 -24.96
N LEU D 405 17.80 -0.63 -24.34
CA LEU D 405 18.78 -1.54 -24.93
C LEU D 405 18.28 -2.97 -25.18
N LEU D 406 17.12 -3.30 -24.62
CA LEU D 406 16.59 -4.65 -24.73
C LEU D 406 15.07 -4.64 -24.58
N ALA D 407 14.40 -5.53 -25.30
CA ALA D 407 12.96 -5.67 -25.19
C ALA D 407 12.53 -7.13 -25.34
N GLN D 408 11.56 -7.54 -24.53
CA GLN D 408 11.02 -8.89 -24.58
C GLN D 408 9.52 -8.85 -24.86
N PHE D 409 9.08 -9.70 -25.77
CA PHE D 409 7.66 -9.80 -26.07
C PHE D 409 7.05 -11.01 -25.38
N TYR D 410 5.75 -10.93 -25.13
CA TYR D 410 5.00 -11.93 -24.41
C TYR D 410 3.57 -11.91 -24.93
N VAL D 411 2.95 -13.08 -25.00
CA VAL D 411 1.60 -13.20 -25.55
C VAL D 411 0.70 -13.96 -24.57
N SER D 412 -0.47 -13.39 -24.29
CA SER D 412 -1.54 -14.09 -23.58
C SER D 412 -2.90 -13.59 -24.07
N ASN D 413 -3.83 -14.54 -24.25
CA ASN D 413 -5.20 -14.24 -24.72
C ASN D 413 -5.24 -13.39 -25.98
N GLY D 414 -4.36 -13.70 -26.92
CA GLY D 414 -4.26 -12.95 -28.17
C GLY D 414 -3.74 -11.54 -28.01
N GLU D 415 -3.22 -11.21 -26.83
CA GLU D 415 -2.69 -9.87 -26.57
C GLU D 415 -1.18 -9.88 -26.49
N LEU D 416 -0.57 -8.92 -27.17
CA LEU D 416 0.88 -8.77 -27.17
C LEU D 416 1.32 -7.79 -26.10
N SER D 417 2.24 -8.21 -25.25
CA SER D 417 2.86 -7.34 -24.28
C SER D 417 4.36 -7.19 -24.55
N CYS D 418 4.93 -6.09 -24.08
CA CYS D 418 6.34 -5.82 -24.27
C CYS D 418 6.98 -5.36 -22.97
N MET D 419 8.18 -5.87 -22.69
CA MET D 419 8.99 -5.38 -21.59
C MET D 419 10.25 -4.70 -22.12
N LEU D 420 10.40 -3.44 -21.74
CA LEU D 420 11.58 -2.64 -22.07
C LEU D 420 12.54 -2.60 -20.88
N TYR D 421 13.82 -2.84 -21.15
CA TYR D 421 14.86 -2.60 -20.16
C TYR D 421 15.68 -1.35 -20.52
N GLN D 422 15.69 -0.38 -19.61
CA GLN D 422 16.42 0.87 -19.83
C GLN D 422 17.45 1.08 -18.74
N ARG D 423 18.72 1.16 -19.13
CA ARG D 423 19.83 1.24 -18.17
C ARG D 423 19.92 2.60 -17.48
N SER D 424 19.58 3.65 -18.23
CA SER D 424 19.78 5.02 -17.80
C SER D 424 18.56 5.82 -18.23
N CYS D 425 17.88 6.39 -17.25
CA CYS D 425 16.57 6.98 -17.47
C CYS D 425 16.52 8.39 -16.94
N ASP D 426 16.50 9.36 -17.86
CA ASP D 426 16.22 10.75 -17.49
C ASP D 426 14.71 10.89 -17.34
N MET D 427 14.26 11.07 -16.10
CA MET D 427 12.82 11.07 -15.79
C MET D 427 12.04 12.19 -16.47
N GLY D 428 12.64 13.38 -16.52
CA GLY D 428 12.01 14.55 -17.13
C GLY D 428 11.69 14.45 -18.62
N LEU D 429 12.66 13.99 -19.42
CA LEU D 429 12.48 14.00 -20.87
C LEU D 429 12.51 12.62 -21.51
N GLY D 430 13.56 11.85 -21.25
CA GLY D 430 13.77 10.56 -21.90
C GLY D 430 12.72 9.52 -21.60
N VAL D 431 12.35 9.38 -20.33
CA VAL D 431 11.40 8.34 -19.93
C VAL D 431 10.00 8.46 -20.60
N PRO D 432 9.35 9.65 -20.51
CA PRO D 432 8.05 9.80 -21.18
C PRO D 432 8.13 9.55 -22.68
N PHE D 433 9.24 9.96 -23.28
CA PHE D 433 9.53 9.73 -24.69
C PHE D 433 9.61 8.23 -24.99
N ASN D 434 10.35 7.51 -24.16
CA ASN D 434 10.57 6.09 -24.37
C ASN D 434 9.35 5.19 -24.09
N ILE D 435 8.50 5.63 -23.17
CA ILE D 435 7.22 4.96 -22.93
C ILE D 435 6.39 5.03 -24.20
N ALA D 436 6.31 6.22 -24.78
CA ALA D 436 5.58 6.44 -26.03
C ALA D 436 6.18 5.63 -27.18
N SER D 437 7.51 5.62 -27.29
CA SER D 437 8.23 4.84 -28.32
C SER D 437 7.87 3.37 -28.30
N TYR D 438 7.96 2.74 -27.13
CA TYR D 438 7.77 1.30 -27.04
C TYR D 438 6.30 0.89 -26.99
N ALA D 439 5.45 1.84 -26.63
CA ALA D 439 4.02 1.71 -26.84
C ALA D 439 3.73 1.55 -28.33
N LEU D 440 4.32 2.45 -29.13
CA LEU D 440 4.18 2.42 -30.59
C LEU D 440 4.73 1.13 -31.20
N LEU D 441 5.90 0.70 -30.72
CA LEU D 441 6.55 -0.50 -31.23
C LEU D 441 5.66 -1.72 -31.02
N THR D 442 5.13 -1.85 -29.81
CA THR D 442 4.24 -2.96 -29.44
C THR D 442 2.98 -2.93 -30.29
N ILE D 443 2.42 -1.75 -30.48
CA ILE D 443 1.26 -1.57 -31.35
C ILE D 443 1.56 -2.06 -32.77
N LEU D 444 2.70 -1.62 -33.33
CA LEU D 444 3.06 -2.00 -34.70
C LEU D 444 3.37 -3.50 -34.84
N ILE D 445 4.06 -4.06 -33.85
CA ILE D 445 4.39 -5.49 -33.89
C ILE D 445 3.12 -6.34 -33.81
N ALA D 446 2.18 -5.92 -32.95
CA ALA D 446 0.87 -6.58 -32.84
C ALA D 446 0.14 -6.59 -34.18
N LYS D 447 0.21 -5.48 -34.90
CA LYS D 447 -0.42 -5.34 -36.22
C LYS D 447 0.26 -6.24 -37.24
N ALA D 448 1.55 -6.51 -37.01
CA ALA D 448 2.33 -7.32 -37.93
C ALA D 448 2.17 -8.82 -37.66
N THR D 449 1.49 -9.17 -36.57
CA THR D 449 1.46 -10.55 -36.11
C THR D 449 0.05 -11.07 -35.82
N GLY D 450 -0.96 -10.28 -36.17
CA GLY D 450 -2.36 -10.68 -35.94
C GLY D 450 -2.76 -10.74 -34.47
N LEU D 451 -2.12 -9.92 -33.65
CA LEU D 451 -2.42 -9.87 -32.22
C LEU D 451 -2.99 -8.51 -31.84
N ARG D 452 -3.55 -8.41 -30.63
CA ARG D 452 -4.03 -7.12 -30.12
C ARG D 452 -3.03 -6.57 -29.12
N PRO D 453 -2.88 -5.23 -29.07
CA PRO D 453 -1.99 -4.62 -28.09
C PRO D 453 -2.42 -4.93 -26.65
N GLY D 454 -1.46 -5.32 -25.81
CA GLY D 454 -1.73 -5.64 -24.40
C GLY D 454 -1.15 -4.60 -23.45
N GLU D 455 -0.02 -4.95 -22.83
CA GLU D 455 0.63 -4.08 -21.84
C GLU D 455 2.07 -3.75 -22.21
N LEU D 456 2.49 -2.54 -21.85
CA LEU D 456 3.89 -2.16 -21.85
C LEU D 456 4.42 -2.25 -20.42
N VAL D 457 5.52 -2.97 -20.22
CA VAL D 457 6.23 -2.96 -18.94
C VAL D 457 7.59 -2.30 -19.12
N HIS D 458 7.91 -1.37 -18.23
CA HIS D 458 9.11 -0.56 -18.34
C HIS D 458 10.01 -0.79 -17.13
N THR D 459 11.17 -1.38 -17.37
CA THR D 459 12.16 -1.59 -16.31
C THR D 459 13.26 -0.54 -16.40
N LEU D 460 13.55 0.09 -15.26
CA LEU D 460 14.51 1.19 -15.18
C LEU D 460 15.71 0.79 -14.32
N GLY D 461 16.91 1.06 -14.82
CA GLY D 461 18.14 0.88 -14.05
C GLY D 461 18.38 2.15 -13.27
N ASP D 462 19.32 2.96 -13.74
CA ASP D 462 19.62 4.25 -13.13
C ASP D 462 18.54 5.24 -13.53
N ALA D 463 17.56 5.44 -12.64
CA ALA D 463 16.48 6.38 -12.91
C ALA D 463 16.79 7.69 -12.18
N HIS D 464 16.85 8.77 -12.94
CA HIS D 464 17.39 10.02 -12.41
C HIS D 464 16.68 11.28 -12.85
N VAL D 465 16.89 12.35 -12.08
CA VAL D 465 16.39 13.69 -12.34
C VAL D 465 17.56 14.64 -12.17
N TYR D 466 17.69 15.59 -13.10
CA TYR D 466 18.74 16.61 -13.00
C TYR D 466 18.53 17.54 -11.82
N SER D 467 19.63 17.86 -11.12
CA SER D 467 19.59 18.73 -9.93
C SER D 467 18.98 20.11 -10.20
N ASN D 468 19.21 20.64 -11.40
CA ASN D 468 18.62 21.92 -11.78
C ASN D 468 17.12 21.79 -12.04
N HIS D 469 16.73 20.69 -12.68
CA HIS D 469 15.33 20.35 -13.00
C HIS D 469 14.43 20.04 -11.80
N VAL D 470 14.97 20.16 -10.59
CA VAL D 470 14.24 19.78 -9.38
C VAL D 470 12.96 20.62 -9.16
N GLU D 471 13.11 21.94 -9.15
CA GLU D 471 11.98 22.85 -8.94
C GLU D 471 10.87 22.74 -10.00
N PRO D 472 11.24 22.69 -11.29
CA PRO D 472 10.25 22.40 -12.35
C PRO D 472 9.47 21.12 -12.09
N CYS D 473 10.18 20.02 -11.80
CA CYS D 473 9.54 18.74 -11.51
C CYS D 473 8.57 18.84 -10.34
N ASN D 474 8.97 19.54 -9.27
CA ASN D 474 8.11 19.77 -8.11
C ASN D 474 6.77 20.45 -8.44
N GLU D 475 6.79 21.40 -9.38
CA GLU D 475 5.54 22.04 -9.81
C GLU D 475 4.69 21.08 -10.65
N GLN D 476 5.34 20.28 -11.49
CA GLN D 476 4.66 19.25 -12.26
C GLN D 476 4.01 18.19 -11.36
N LEU D 477 4.65 17.90 -10.23
CA LEU D 477 4.22 16.85 -9.32
C LEU D 477 2.86 17.11 -8.67
N LYS D 478 2.50 18.38 -8.56
CA LYS D 478 1.20 18.73 -7.98
C LYS D 478 0.07 18.79 -9.01
N ARG D 479 0.36 18.40 -10.25
CA ARG D 479 -0.68 18.25 -11.25
C ARG D 479 -1.34 16.88 -11.12
N VAL D 480 -2.64 16.84 -11.28
CA VAL D 480 -3.36 15.57 -11.26
C VAL D 480 -3.40 15.06 -12.68
N PRO D 481 -2.77 13.90 -12.94
CA PRO D 481 -2.76 13.36 -14.31
C PRO D 481 -4.16 13.22 -14.89
N ARG D 482 -4.31 13.59 -16.16
CA ARG D 482 -5.56 13.42 -16.89
C ARG D 482 -5.57 12.08 -17.62
N ALA D 483 -6.71 11.72 -18.21
CA ALA D 483 -6.82 10.48 -18.97
C ALA D 483 -5.90 10.46 -20.18
N PHE D 484 -5.33 9.30 -20.48
CA PHE D 484 -4.48 9.11 -21.66
C PHE D 484 -5.26 9.28 -22.96
N PRO D 485 -4.55 9.63 -24.06
CA PRO D 485 -5.12 9.70 -25.40
C PRO D 485 -5.17 8.33 -26.09
N TYR D 486 -5.48 8.33 -27.37
CA TYR D 486 -5.62 7.11 -28.16
C TYR D 486 -4.89 7.22 -29.48
N LEU D 487 -4.50 6.09 -30.05
CA LEU D 487 -3.82 6.05 -31.34
C LEU D 487 -4.68 5.31 -32.35
N VAL D 488 -4.94 5.97 -33.48
CA VAL D 488 -5.66 5.34 -34.58
C VAL D 488 -4.83 5.40 -35.85
N PHE D 489 -5.06 4.45 -36.75
CA PHE D 489 -4.43 4.46 -38.05
C PHE D 489 -5.38 4.94 -39.15
N ARG D 490 -5.01 6.05 -39.77
CA ARG D 490 -5.71 6.58 -40.93
C ARG D 490 -5.61 5.61 -42.13
N ARG D 491 -4.48 4.92 -42.23
CA ARG D 491 -4.25 3.93 -43.30
C ARG D 491 -3.19 2.91 -42.91
N GLU D 492 -3.12 1.82 -43.67
CA GLU D 492 -2.15 0.74 -43.45
C GLU D 492 -1.12 0.67 -44.60
N ARG D 493 -0.18 -0.27 -44.47
CA ARG D 493 0.86 -0.46 -45.49
C ARG D 493 1.08 -1.95 -45.72
N GLU D 494 1.67 -2.28 -46.87
CA GLU D 494 2.02 -3.66 -47.19
C GLU D 494 3.16 -4.14 -46.28
N PHE D 495 4.08 -3.24 -45.96
CA PHE D 495 5.27 -3.59 -45.18
C PHE D 495 5.45 -2.68 -43.97
N LEU D 496 5.80 -3.28 -42.84
CA LEU D 496 6.07 -2.57 -41.60
C LEU D 496 7.00 -1.36 -41.79
N GLU D 497 8.04 -1.54 -42.59
CA GLU D 497 9.05 -0.50 -42.85
C GLU D 497 8.51 0.70 -43.63
N ASP D 498 7.29 0.57 -44.17
CA ASP D 498 6.72 1.60 -45.02
C ASP D 498 5.78 2.57 -44.29
N TYR D 499 5.50 2.29 -43.01
CA TYR D 499 4.66 3.17 -42.22
C TYR D 499 5.25 4.56 -42.07
N GLU D 500 4.40 5.57 -42.18
CA GLU D 500 4.79 6.96 -42.05
C GLU D 500 4.07 7.58 -40.87
N GLU D 501 4.61 8.69 -40.37
CA GLU D 501 4.02 9.39 -39.23
C GLU D 501 2.60 9.87 -39.56
N GLY D 502 2.40 10.31 -40.80
CA GLY D 502 1.08 10.76 -41.26
C GLY D 502 0.06 9.65 -41.44
N ASP D 503 0.47 8.41 -41.23
CA ASP D 503 -0.43 7.24 -41.32
C ASP D 503 -1.23 7.06 -40.04
N MET D 504 -0.71 7.58 -38.94
CA MET D 504 -1.37 7.44 -37.65
C MET D 504 -1.69 8.78 -37.00
N GLU D 505 -2.67 8.78 -36.11
CA GLU D 505 -3.14 10.01 -35.48
C GLU D 505 -3.39 9.81 -33.98
N VAL D 506 -2.76 10.66 -33.18
CA VAL D 506 -3.03 10.70 -31.75
C VAL D 506 -4.27 11.56 -31.54
N ILE D 507 -5.28 10.98 -30.91
CA ILE D 507 -6.54 11.67 -30.69
C ILE D 507 -6.87 11.78 -29.21
N ASP D 508 -7.58 12.85 -28.85
CA ASP D 508 -8.04 13.09 -27.49
C ASP D 508 -6.87 13.26 -26.51
N TYR D 509 -5.84 13.97 -26.97
CA TYR D 509 -4.67 14.28 -26.16
C TYR D 509 -4.82 15.67 -25.58
N ALA D 510 -5.00 15.75 -24.26
CA ALA D 510 -5.22 17.04 -23.60
C ALA D 510 -4.23 17.29 -22.47
N PRO D 511 -2.94 17.45 -22.81
CA PRO D 511 -1.93 17.65 -21.78
C PRO D 511 -2.05 19.05 -21.16
N TYR D 512 -1.48 19.20 -19.96
CA TYR D 512 -1.42 20.48 -19.27
C TYR D 512 -0.52 21.48 -20.00
N PRO D 513 -0.68 22.79 -19.71
CA PRO D 513 0.21 23.80 -20.31
C PRO D 513 1.62 23.63 -19.78
N PRO D 514 2.61 24.28 -20.42
CA PRO D 514 3.97 24.19 -19.86
C PRO D 514 4.20 25.05 -18.61
N ILE D 515 5.09 24.57 -17.74
CA ILE D 515 5.72 25.33 -16.63
C ILE D 515 6.20 24.40 -15.50
#